data_5NS8
#
_entry.id   5NS8
#
_cell.length_a   137.750
_cell.length_b   137.750
_cell.length_c   97.800
_cell.angle_alpha   90.000
_cell.angle_beta   90.000
_cell.angle_gamma   90.000
#
_symmetry.space_group_name_H-M   'P 43'
#
loop_
_entity.id
_entity.type
_entity.pdbx_description
1 polymer 'beta-glucosidase M - G1'
2 non-polymer 'SULFATE ION'
3 non-polymer GLYCEROL
4 non-polymer 1-DEOXYNOJIRIMYCIN
5 water water
#
_entity_poly.entity_id   1
_entity_poly.type   'polypeptide(L)'
_entity_poly.pdbx_seq_one_letter_code
;MHHHHHHENLYFQGHMKKWGDMFTWGVSTSSYQIEGAANQGGRGPSIWDTFSKIPGAVANGDNGDVACDHYHRYNEDLDL
MKWLGVGAYRFSIAWPRVIPSGYGALNKEGMDFYDRLIDGALERGITPWPTLYHWDLPQSLQDKGGWNNRDCAYWFAEYS
QKMAEAFSDRLKNWITINEPFCSAWLGHLYGVMAPGIKDLKTGINASHHLLLGHGLATKAIREVSSELKVGITLNFTPAI
TLGESSEDKLAVELADGFDNRWFGDPVFKAKYPEDIVKAFGKEVPIHPGDMEIISTPLDYLGLNYYFRQTVEYDATAKPL
PYKQVTAPNVERTGMGWEVHAQSFTELLERVSKEYKPKEIFITENGSAWDDEVVDGKVDDPNRVSYLERHLDAMFAAKNK
GVPISGYFAWSLIDNFEWAYGYAKRFGIIYVDYQTQKRIPKSSAYYYQKRIKES
;
_entity_poly.pdbx_strand_id   A,B,C
#
# COMPACT_ATOMS: atom_id res chain seq x y z
N HIS A 15 -2.77 -3.53 21.60
CA HIS A 15 -1.91 -4.27 20.64
C HIS A 15 -2.38 -4.04 19.20
N MET A 16 -3.27 -3.07 19.03
CA MET A 16 -3.70 -2.68 17.70
C MET A 16 -2.56 -2.00 16.96
N LYS A 17 -2.72 -1.91 15.64
CA LYS A 17 -1.79 -1.15 14.81
C LYS A 17 -1.59 0.24 15.38
N LYS A 18 -0.34 0.68 15.40
CA LYS A 18 -0.03 2.08 15.67
C LYS A 18 0.79 2.60 14.51
N TRP A 19 0.86 3.93 14.42
CA TRP A 19 1.59 4.55 13.34
C TRP A 19 3.05 4.12 13.38
N GLY A 20 3.60 3.82 12.21
CA GLY A 20 4.98 3.42 12.10
C GLY A 20 5.21 1.93 12.10
N ASP A 21 4.25 1.14 12.58
CA ASP A 21 4.38 -0.32 12.54
C ASP A 21 4.49 -0.80 11.10
N MET A 22 5.31 -1.84 10.88
CA MET A 22 5.51 -2.36 9.55
C MET A 22 5.23 -3.85 9.50
N PHE A 23 4.99 -4.34 8.29
CA PHE A 23 4.78 -5.76 8.07
C PHE A 23 5.30 -6.11 6.69
N THR A 24 6.04 -7.21 6.62
CA THR A 24 6.72 -7.65 5.40
C THR A 24 6.00 -8.85 4.81
N TRP A 25 5.66 -8.76 3.52
CA TRP A 25 5.06 -9.86 2.77
C TRP A 25 6.10 -10.45 1.82
N GLY A 26 6.24 -11.78 1.84
CA GLY A 26 7.25 -12.43 1.04
C GLY A 26 6.78 -13.74 0.43
N VAL A 27 7.66 -14.32 -0.38
CA VAL A 27 7.56 -15.70 -0.86
C VAL A 27 8.90 -16.36 -0.62
N SER A 28 8.88 -17.69 -0.53
CA SER A 28 10.07 -18.47 -0.19
C SER A 28 10.30 -19.58 -1.21
N THR A 29 11.59 -19.84 -1.44
CA THR A 29 12.06 -20.97 -2.25
C THR A 29 13.34 -21.50 -1.60
N SER A 30 13.93 -22.54 -2.21
CA SER A 30 15.28 -22.94 -1.87
C SER A 30 16.02 -23.36 -3.13
N SER A 31 17.36 -23.36 -3.02
CA SER A 31 18.22 -23.50 -4.19
C SER A 31 18.03 -24.84 -4.89
N TYR A 32 18.20 -25.95 -4.16
CA TYR A 32 18.11 -27.23 -4.84
C TYR A 32 16.71 -27.49 -5.38
N GLN A 33 15.69 -26.91 -4.74
CA GLN A 33 14.32 -27.20 -5.15
C GLN A 33 13.91 -26.50 -6.44
N ILE A 34 14.57 -25.39 -6.82
CA ILE A 34 14.13 -24.64 -8.00
C ILE A 34 15.20 -24.44 -9.07
N GLU A 35 16.49 -24.43 -8.69
CA GLU A 35 17.50 -23.85 -9.58
C GLU A 35 17.73 -24.70 -10.84
N GLY A 36 17.84 -26.01 -10.69
CA GLY A 36 18.35 -26.78 -11.81
C GLY A 36 19.79 -26.43 -12.06
N ALA A 37 20.22 -26.56 -13.32
CA ALA A 37 21.61 -26.33 -13.68
C ALA A 37 22.54 -27.03 -12.68
N ALA A 38 22.19 -28.28 -12.34
CA ALA A 38 22.86 -28.96 -11.25
C ALA A 38 24.31 -29.26 -11.58
N ASN A 39 24.61 -29.49 -12.86
CA ASN A 39 25.97 -29.77 -13.33
CA ASN A 39 25.97 -29.77 -13.33
C ASN A 39 26.41 -28.73 -14.34
N GLN A 40 26.00 -27.48 -14.13
CA GLN A 40 26.37 -26.36 -14.99
C GLN A 40 26.92 -25.25 -14.12
N GLY A 41 27.62 -24.32 -14.76
CA GLY A 41 28.10 -23.14 -14.07
C GLY A 41 29.10 -23.41 -12.97
N GLY A 42 29.82 -24.52 -13.04
CA GLY A 42 30.84 -24.86 -12.07
C GLY A 42 30.33 -25.49 -10.79
N ARG A 43 29.03 -25.72 -10.67
CA ARG A 43 28.46 -26.26 -9.44
C ARG A 43 28.99 -27.66 -9.17
N GLY A 44 29.31 -27.93 -7.90
CA GLY A 44 29.66 -29.26 -7.44
C GLY A 44 28.44 -29.96 -6.89
N PRO A 45 28.48 -31.28 -6.78
CA PRO A 45 27.30 -32.01 -6.31
C PRO A 45 27.03 -31.77 -4.82
N SER A 46 25.75 -31.80 -4.49
CA SER A 46 25.29 -31.78 -3.10
C SER A 46 24.87 -33.18 -2.68
N ILE A 47 24.63 -33.34 -1.38
CA ILE A 47 24.18 -34.64 -0.88
C ILE A 47 22.84 -35.02 -1.46
N TRP A 48 22.06 -34.05 -1.95
CA TRP A 48 20.78 -34.37 -2.58
C TRP A 48 20.95 -34.83 -4.02
N ASP A 49 22.00 -34.37 -4.72
CA ASP A 49 22.31 -34.97 -6.00
C ASP A 49 22.60 -36.46 -5.83
N THR A 50 23.36 -36.80 -4.79
CA THR A 50 23.71 -38.19 -4.52
C THR A 50 22.49 -38.98 -4.07
N PHE A 51 21.76 -38.44 -3.09
CA PHE A 51 20.61 -39.11 -2.52
C PHE A 51 19.54 -39.37 -3.57
N SER A 52 19.33 -38.42 -4.48
CA SER A 52 18.32 -38.55 -5.51
C SER A 52 18.64 -39.65 -6.51
N LYS A 53 19.89 -40.10 -6.55
CA LYS A 53 20.31 -41.19 -7.44
C LYS A 53 20.07 -42.57 -6.84
N ILE A 54 19.67 -42.66 -5.58
CA ILE A 54 19.51 -43.95 -4.93
C ILE A 54 18.12 -44.48 -5.26
N PRO A 55 18.01 -45.66 -5.89
CA PRO A 55 16.69 -46.21 -6.17
C PRO A 55 15.84 -46.28 -4.91
N GLY A 56 14.61 -45.75 -4.99
CA GLY A 56 13.70 -45.78 -3.89
C GLY A 56 13.77 -44.60 -2.96
N ALA A 57 14.79 -43.74 -3.08
CA ALA A 57 14.94 -42.61 -2.18
C ALA A 57 13.95 -41.49 -2.47
N VAL A 58 13.61 -41.28 -3.75
CA VAL A 58 12.74 -40.19 -4.15
C VAL A 58 11.63 -40.74 -5.03
N ALA A 59 10.42 -40.29 -4.78
CA ALA A 59 9.28 -40.73 -5.57
C ALA A 59 9.53 -40.50 -7.06
N ASN A 60 9.20 -41.50 -7.87
CA ASN A 60 9.27 -41.43 -9.32
C ASN A 60 10.70 -41.29 -9.83
N GLY A 61 11.70 -41.49 -8.97
CA GLY A 61 13.08 -41.27 -9.37
C GLY A 61 13.40 -39.82 -9.70
N ASP A 62 12.65 -38.88 -9.15
CA ASP A 62 12.88 -37.47 -9.46
C ASP A 62 14.19 -36.99 -8.82
N ASN A 63 14.75 -35.94 -9.41
CA ASN A 63 15.93 -35.28 -8.87
C ASN A 63 15.88 -33.80 -9.25
N GLY A 64 16.85 -33.04 -8.74
CA GLY A 64 16.91 -31.62 -8.98
C GLY A 64 17.83 -31.18 -10.12
N ASP A 65 18.10 -32.08 -11.06
CA ASP A 65 18.99 -31.74 -12.17
C ASP A 65 18.49 -30.51 -12.92
N VAL A 66 17.17 -30.44 -13.15
CA VAL A 66 16.56 -29.34 -13.88
C VAL A 66 15.59 -28.54 -13.03
N ALA A 67 14.76 -29.21 -12.24
CA ALA A 67 13.81 -28.56 -11.32
C ALA A 67 13.01 -27.52 -12.11
N CYS A 68 12.95 -26.27 -11.65
CA CYS A 68 12.22 -25.21 -12.33
C CYS A 68 13.12 -24.39 -13.24
N ASP A 69 14.35 -24.85 -13.46
CA ASP A 69 15.31 -24.16 -14.31
C ASP A 69 15.41 -22.69 -13.92
N HIS A 70 15.28 -22.41 -12.62
CA HIS A 70 15.34 -21.03 -12.13
C HIS A 70 16.72 -20.43 -12.34
N TYR A 71 17.76 -21.27 -12.42
CA TYR A 71 19.09 -20.75 -12.71
C TYR A 71 19.08 -19.93 -14.00
N HIS A 72 18.29 -20.36 -14.99
CA HIS A 72 18.17 -19.63 -16.24
C HIS A 72 16.95 -18.72 -16.31
N ARG A 73 15.89 -19.01 -15.53
CA ARG A 73 14.62 -18.29 -15.67
C ARG A 73 14.36 -17.33 -14.52
N TYR A 74 15.40 -16.98 -13.75
CA TYR A 74 15.20 -16.19 -12.54
C TYR A 74 14.58 -14.83 -12.83
N ASN A 75 14.85 -14.23 -14.01
CA ASN A 75 14.26 -12.93 -14.30
C ASN A 75 12.73 -13.03 -14.40
N GLU A 76 12.24 -14.11 -15.02
CA GLU A 76 10.79 -14.34 -15.08
C GLU A 76 10.20 -14.50 -13.68
N ASP A 77 10.87 -15.27 -12.82
CA ASP A 77 10.35 -15.49 -11.47
C ASP A 77 10.39 -14.21 -10.65
N LEU A 78 11.46 -13.42 -10.81
CA LEU A 78 11.53 -12.11 -10.16
C LEU A 78 10.41 -11.20 -10.65
N ASP A 79 10.12 -11.24 -11.95
CA ASP A 79 9.00 -10.46 -12.47
C ASP A 79 7.68 -10.90 -11.84
N LEU A 80 7.50 -12.20 -11.63
CA LEU A 80 6.28 -12.68 -11.00
C LEU A 80 6.17 -12.20 -9.56
N MET A 81 7.30 -12.12 -8.85
CA MET A 81 7.30 -11.60 -7.49
C MET A 81 6.89 -10.13 -7.47
N LYS A 82 7.45 -9.32 -8.37
CA LYS A 82 7.04 -7.92 -8.45
C LYS A 82 5.55 -7.80 -8.76
N TRP A 83 5.05 -8.66 -9.65
CA TRP A 83 3.64 -8.66 -10.00
C TRP A 83 2.77 -9.00 -8.79
N LEU A 84 3.18 -10.00 -8.01
CA LEU A 84 2.47 -10.32 -6.78
C LEU A 84 2.47 -9.15 -5.82
N GLY A 85 3.53 -8.34 -5.84
CA GLY A 85 3.69 -7.23 -4.93
C GLY A 85 4.42 -7.53 -3.65
N VAL A 86 5.12 -8.68 -3.56
CA VAL A 86 5.86 -8.98 -2.34
C VAL A 86 6.95 -7.94 -2.15
N GLY A 87 7.22 -7.62 -0.89
CA GLY A 87 8.37 -6.80 -0.56
C GLY A 87 9.65 -7.55 -0.32
N ALA A 88 9.57 -8.88 -0.16
CA ALA A 88 10.73 -9.68 0.19
C ALA A 88 10.69 -11.03 -0.49
N TYR A 89 11.88 -11.59 -0.70
CA TYR A 89 12.05 -12.88 -1.35
C TYR A 89 13.04 -13.69 -0.52
N ARG A 90 12.54 -14.74 0.13
CA ARG A 90 13.39 -15.66 0.87
C ARG A 90 13.88 -16.75 -0.08
N PHE A 91 15.21 -16.84 -0.21
CA PHE A 91 15.84 -17.79 -1.11
C PHE A 91 17.03 -18.37 -0.36
N SER A 92 17.59 -19.46 -0.88
CA SER A 92 18.80 -20.00 -0.28
C SER A 92 19.94 -19.98 -1.29
N ILE A 93 21.14 -19.83 -0.75
CA ILE A 93 22.38 -19.93 -1.52
C ILE A 93 22.81 -21.39 -1.51
N ALA A 94 23.10 -21.93 -2.70
CA ALA A 94 23.61 -23.30 -2.80
C ALA A 94 25.10 -23.29 -2.49
N TRP A 95 25.45 -23.69 -1.28
CA TRP A 95 26.85 -23.85 -0.88
C TRP A 95 27.68 -24.56 -1.95
N PRO A 96 27.26 -25.69 -2.52
CA PRO A 96 28.11 -26.36 -3.51
C PRO A 96 28.15 -25.65 -4.85
N ARG A 97 27.26 -24.69 -5.12
CA ARG A 97 27.41 -23.87 -6.32
C ARG A 97 28.48 -22.80 -6.13
N VAL A 98 28.60 -22.23 -4.93
CA VAL A 98 29.55 -21.14 -4.73
C VAL A 98 30.90 -21.63 -4.22
N ILE A 99 30.94 -22.73 -3.48
CA ILE A 99 32.20 -23.35 -3.06
C ILE A 99 32.07 -24.85 -3.32
N PRO A 100 32.33 -25.32 -4.54
CA PRO A 100 32.07 -26.74 -4.85
C PRO A 100 32.81 -27.72 -3.95
N SER A 101 33.99 -27.35 -3.46
CA SER A 101 34.75 -28.23 -2.59
C SER A 101 34.39 -28.06 -1.12
N GLY A 102 33.37 -27.26 -0.83
CA GLY A 102 32.91 -27.08 0.54
C GLY A 102 33.70 -26.07 1.32
N TYR A 103 35.02 -26.25 1.38
CA TYR A 103 35.91 -25.21 1.87
C TYR A 103 37.01 -25.04 0.83
N GLY A 104 37.43 -23.79 0.62
CA GLY A 104 38.41 -23.46 -0.39
C GLY A 104 37.86 -22.42 -1.38
N ALA A 105 38.20 -22.60 -2.64
CA ALA A 105 38.05 -21.53 -3.63
C ALA A 105 36.59 -21.27 -3.97
N LEU A 106 36.24 -19.99 -4.09
CA LEU A 106 34.94 -19.60 -4.59
C LEU A 106 34.81 -19.92 -6.07
N ASN A 107 33.61 -20.30 -6.47
CA ASN A 107 33.27 -20.47 -7.88
C ASN A 107 32.69 -19.15 -8.38
N LYS A 108 33.50 -18.40 -9.14
CA LYS A 108 33.08 -17.04 -9.52
C LYS A 108 31.80 -17.05 -10.32
N GLU A 109 31.61 -18.05 -11.18
CA GLU A 109 30.38 -18.15 -11.95
C GLU A 109 29.17 -18.32 -11.04
N GLY A 110 29.32 -19.12 -9.98
CA GLY A 110 28.23 -19.29 -9.04
C GLY A 110 27.91 -18.03 -8.28
N MET A 111 28.94 -17.32 -7.80
CA MET A 111 28.74 -16.05 -7.13
C MET A 111 28.08 -15.04 -8.06
N ASP A 112 28.46 -15.06 -9.34
CA ASP A 112 27.89 -14.12 -10.30
CA ASP A 112 27.89 -14.11 -10.29
C ASP A 112 26.39 -14.34 -10.47
N PHE A 113 25.96 -15.60 -10.43
CA PHE A 113 24.53 -15.87 -10.51
C PHE A 113 23.79 -15.19 -9.37
N TYR A 114 24.29 -15.36 -8.13
CA TYR A 114 23.59 -14.75 -7.01
C TYR A 114 23.67 -13.23 -7.07
N ASP A 115 24.78 -12.67 -7.58
CA ASP A 115 24.83 -11.22 -7.81
C ASP A 115 23.72 -10.78 -8.75
N ARG A 116 23.53 -11.50 -9.86
CA ARG A 116 22.48 -11.13 -10.81
C ARG A 116 21.09 -11.30 -10.21
N LEU A 117 20.89 -12.36 -9.42
CA LEU A 117 19.62 -12.56 -8.74
C LEU A 117 19.33 -11.43 -7.77
N ILE A 118 20.30 -11.12 -6.90
CA ILE A 118 20.14 -10.08 -5.89
C ILE A 118 19.90 -8.72 -6.54
N ASP A 119 20.74 -8.37 -7.51
CA ASP A 119 20.61 -7.06 -8.14
C ASP A 119 19.29 -6.94 -8.90
N GLY A 120 18.83 -8.04 -9.50
CA GLY A 120 17.55 -8.01 -10.18
C GLY A 120 16.39 -7.81 -9.22
N ALA A 121 16.46 -8.45 -8.06
CA ALA A 121 15.43 -8.27 -7.04
C ALA A 121 15.40 -6.82 -6.56
N LEU A 122 16.58 -6.26 -6.24
CA LEU A 122 16.63 -4.89 -5.74
C LEU A 122 16.14 -3.90 -6.79
N GLU A 123 16.46 -4.14 -8.07
CA GLU A 123 15.96 -3.26 -9.12
C GLU A 123 14.44 -3.24 -9.14
N ARG A 124 13.81 -4.35 -8.77
CA ARG A 124 12.36 -4.48 -8.75
C ARG A 124 11.76 -4.08 -7.40
N GLY A 125 12.57 -3.61 -6.45
CA GLY A 125 12.07 -3.20 -5.16
C GLY A 125 11.86 -4.31 -4.16
N ILE A 126 12.46 -5.47 -4.40
CA ILE A 126 12.29 -6.65 -3.56
C ILE A 126 13.54 -6.83 -2.71
N THR A 127 13.34 -7.04 -1.41
CA THR A 127 14.45 -7.29 -0.49
C THR A 127 14.75 -8.79 -0.46
N PRO A 128 15.90 -9.24 -0.92
CA PRO A 128 16.24 -10.67 -0.80
C PRO A 128 16.65 -11.01 0.62
N TRP A 129 16.11 -12.12 1.12
CA TRP A 129 16.43 -12.67 2.44
C TRP A 129 17.19 -13.97 2.26
N PRO A 130 18.53 -13.98 2.34
CA PRO A 130 19.28 -15.20 2.05
C PRO A 130 19.25 -16.18 3.23
N THR A 131 18.98 -17.45 2.91
CA THR A 131 19.21 -18.58 3.80
C THR A 131 20.51 -19.25 3.37
N LEU A 132 21.43 -19.41 4.29
CA LEU A 132 22.74 -19.94 3.93
C LEU A 132 22.73 -21.46 3.78
N TYR A 133 21.95 -22.18 4.58
CA TYR A 133 21.92 -23.64 4.48
C TYR A 133 20.48 -24.12 4.43
N HIS A 134 20.07 -24.59 3.24
CA HIS A 134 18.76 -25.21 3.06
C HIS A 134 18.97 -26.62 2.49
N TRP A 135 19.84 -27.39 3.15
CA TRP A 135 19.93 -28.86 3.11
C TRP A 135 20.88 -29.38 2.03
N ASP A 136 21.39 -28.53 1.15
CA ASP A 136 22.21 -29.01 0.03
C ASP A 136 23.70 -28.95 0.38
N LEU A 137 24.07 -29.72 1.40
CA LEU A 137 25.46 -29.82 1.79
C LEU A 137 26.32 -30.29 0.62
N PRO A 138 27.47 -29.69 0.37
CA PRO A 138 28.35 -30.21 -0.67
C PRO A 138 28.75 -31.66 -0.39
N GLN A 139 28.63 -32.51 -1.43
CA GLN A 139 29.04 -33.89 -1.27
C GLN A 139 30.51 -34.00 -0.87
N SER A 140 31.33 -33.04 -1.31
CA SER A 140 32.74 -33.01 -0.91
C SER A 140 32.90 -32.99 0.59
N LEU A 141 31.98 -32.35 1.31
CA LEU A 141 32.04 -32.33 2.76
C LEU A 141 31.36 -33.53 3.40
N GLN A 142 30.30 -34.05 2.77
CA GLN A 142 29.74 -35.32 3.23
C GLN A 142 30.79 -36.42 3.17
N ASP A 143 31.67 -36.38 2.16
CA ASP A 143 32.74 -37.35 2.05
C ASP A 143 33.70 -37.30 3.24
N LYS A 144 33.69 -36.21 3.99
CA LYS A 144 34.49 -36.10 5.20
C LYS A 144 33.67 -36.29 6.47
N GLY A 145 32.42 -36.75 6.33
CA GLY A 145 31.55 -36.99 7.47
C GLY A 145 30.37 -36.07 7.56
N GLY A 146 30.34 -34.99 6.76
CA GLY A 146 29.24 -34.05 6.81
C GLY A 146 29.01 -33.53 8.20
N TRP A 147 27.74 -33.38 8.58
CA TRP A 147 27.39 -32.80 9.86
C TRP A 147 27.76 -33.69 11.05
N ASN A 148 28.12 -34.95 10.81
CA ASN A 148 28.65 -35.76 11.90
C ASN A 148 30.03 -35.26 12.33
N ASN A 149 30.74 -34.59 11.43
CA ASN A 149 32.08 -34.10 11.68
C ASN A 149 31.99 -32.69 12.27
N ARG A 150 32.53 -32.51 13.48
CA ARG A 150 32.48 -31.20 14.13
C ARG A 150 33.04 -30.10 13.23
N ASP A 151 34.05 -30.42 12.43
CA ASP A 151 34.62 -29.42 11.53
C ASP A 151 33.58 -28.82 10.60
N CYS A 152 32.50 -29.54 10.31
CA CYS A 152 31.50 -29.02 9.39
C CYS A 152 30.85 -27.74 9.90
N ALA A 153 30.73 -27.58 11.22
CA ALA A 153 30.23 -26.34 11.78
C ALA A 153 31.13 -25.17 11.40
N TYR A 154 32.46 -25.40 11.42
CA TYR A 154 33.41 -24.35 11.09
C TYR A 154 33.50 -24.11 9.59
N TRP A 155 33.44 -25.19 8.79
CA TRP A 155 33.36 -25.01 7.35
C TRP A 155 32.16 -24.16 6.98
N PHE A 156 31.02 -24.42 7.63
CA PHE A 156 29.81 -23.64 7.37
C PHE A 156 29.99 -22.19 7.75
N ALA A 157 30.65 -21.92 8.88
CA ALA A 157 30.84 -20.53 9.32
C ALA A 157 31.74 -19.78 8.37
N GLU A 158 32.78 -20.44 7.83
CA GLU A 158 33.66 -19.79 6.87
C GLU A 158 32.92 -19.50 5.56
N TYR A 159 32.13 -20.45 5.10
CA TYR A 159 31.28 -20.22 3.94
C TYR A 159 30.33 -19.04 4.19
N SER A 160 29.71 -19.01 5.36
CA SER A 160 28.80 -17.92 5.69
C SER A 160 29.51 -16.58 5.69
N GLN A 161 30.71 -16.52 6.26
CA GLN A 161 31.47 -15.28 6.27
C GLN A 161 31.74 -14.80 4.85
N LYS A 162 32.14 -15.71 3.96
CA LYS A 162 32.43 -15.31 2.59
C LYS A 162 31.18 -14.78 1.90
N MET A 163 30.02 -15.38 2.17
CA MET A 163 28.80 -14.89 1.55
C MET A 163 28.45 -13.50 2.07
N ALA A 164 28.60 -13.27 3.37
CA ALA A 164 28.33 -11.94 3.92
C ALA A 164 29.32 -10.91 3.37
N GLU A 165 30.58 -11.28 3.24
CA GLU A 165 31.57 -10.36 2.66
C GLU A 165 31.20 -9.99 1.23
N ALA A 166 30.64 -10.94 0.47
CA ALA A 166 30.29 -10.70 -0.93
C ALA A 166 29.00 -9.92 -1.08
N PHE A 167 28.00 -10.20 -0.24
CA PHE A 167 26.65 -9.77 -0.50
C PHE A 167 26.04 -8.84 0.54
N SER A 168 26.66 -8.65 1.71
CA SER A 168 26.00 -7.89 2.76
C SER A 168 26.04 -6.39 2.53
N ASP A 169 26.75 -5.90 1.51
CA ASP A 169 26.59 -4.50 1.13
C ASP A 169 25.14 -4.23 0.72
N ARG A 170 24.47 -5.25 0.17
CA ARG A 170 23.08 -5.17 -0.23
C ARG A 170 22.13 -5.91 0.69
N LEU A 171 22.53 -7.09 1.18
CA LEU A 171 21.66 -7.96 1.96
C LEU A 171 21.92 -7.77 3.45
N LYS A 172 20.91 -7.27 4.17
CA LYS A 172 21.06 -6.93 5.57
C LYS A 172 20.42 -7.92 6.52
N ASN A 173 19.52 -8.79 6.04
CA ASN A 173 18.79 -9.74 6.88
C ASN A 173 19.15 -11.16 6.48
N TRP A 174 19.87 -11.86 7.35
CA TRP A 174 20.38 -13.18 7.05
C TRP A 174 19.68 -14.24 7.89
N ILE A 175 19.57 -15.44 7.31
CA ILE A 175 19.19 -16.64 8.03
C ILE A 175 20.30 -17.65 7.84
N THR A 176 20.73 -18.28 8.93
CA THR A 176 21.83 -19.24 8.86
C THR A 176 21.35 -20.57 8.27
N ILE A 177 20.62 -21.36 9.07
CA ILE A 177 20.18 -22.69 8.65
C ILE A 177 18.67 -22.77 8.68
N ASN A 178 18.14 -23.73 7.91
CA ASN A 178 16.72 -23.99 7.77
C ASN A 178 16.40 -25.38 8.30
N GLU A 179 15.51 -25.45 9.29
CA GLU A 179 14.93 -26.70 9.77
C GLU A 179 15.98 -27.75 10.11
N PRO A 180 16.81 -27.52 11.12
CA PRO A 180 17.75 -28.56 11.55
C PRO A 180 17.06 -29.87 11.94
N PHE A 181 15.79 -29.83 12.34
CA PHE A 181 15.04 -31.08 12.57
C PHE A 181 15.17 -32.01 11.38
N CYS A 182 14.98 -31.46 10.18
CA CYS A 182 15.00 -32.30 8.99
C CYS A 182 16.43 -32.75 8.69
N SER A 183 17.39 -31.83 8.70
CA SER A 183 18.77 -32.20 8.38
C SER A 183 19.30 -33.22 9.37
N ALA A 184 19.02 -33.04 10.66
CA ALA A 184 19.55 -33.96 11.67
C ALA A 184 18.75 -35.26 11.72
N TRP A 185 17.48 -35.18 12.12
CA TRP A 185 16.72 -36.40 12.37
C TRP A 185 16.31 -37.11 11.08
N LEU A 186 15.73 -36.37 10.12
CA LEU A 186 15.29 -37.04 8.91
C LEU A 186 16.47 -37.47 8.05
N GLY A 187 17.58 -36.75 8.12
CA GLY A 187 18.74 -37.05 7.31
C GLY A 187 19.70 -38.06 7.90
N HIS A 188 19.73 -38.19 9.23
CA HIS A 188 20.71 -39.05 9.89
C HIS A 188 20.13 -40.08 10.84
N LEU A 189 18.87 -39.96 11.27
CA LEU A 189 18.25 -40.97 12.11
C LEU A 189 17.25 -41.82 11.34
N TYR A 190 16.33 -41.20 10.61
CA TYR A 190 15.34 -41.94 9.83
C TYR A 190 15.80 -42.22 8.40
N GLY A 191 16.80 -41.49 7.91
CA GLY A 191 17.36 -41.80 6.60
C GLY A 191 16.43 -41.55 5.44
N VAL A 192 15.36 -40.76 5.64
CA VAL A 192 14.42 -40.47 4.57
C VAL A 192 14.78 -39.17 3.83
N MET A 193 15.80 -38.46 4.29
CA MET A 193 16.35 -37.32 3.60
C MET A 193 17.85 -37.49 3.50
N ALA A 194 18.46 -36.75 2.58
CA ALA A 194 19.90 -36.82 2.42
C ALA A 194 20.58 -36.46 3.73
N PRO A 195 21.68 -37.14 4.11
CA PRO A 195 22.38 -38.16 3.32
C PRO A 195 21.86 -39.59 3.49
N GLY A 196 20.75 -39.77 4.19
CA GLY A 196 20.13 -41.09 4.27
C GLY A 196 20.69 -42.00 5.33
N ILE A 197 21.27 -41.46 6.39
CA ILE A 197 21.87 -42.26 7.45
C ILE A 197 20.81 -42.57 8.49
N LYS A 198 20.98 -43.71 9.19
CA LYS A 198 19.99 -44.20 10.16
C LYS A 198 20.73 -44.61 11.45
N ASP A 199 21.05 -43.61 12.27
CA ASP A 199 21.81 -43.86 13.50
C ASP A 199 21.56 -42.72 14.48
N LEU A 200 21.12 -43.06 15.69
CA LEU A 200 20.76 -42.02 16.66
C LEU A 200 21.95 -41.15 17.03
N LYS A 201 23.08 -41.77 17.36
CA LYS A 201 24.25 -40.98 17.75
C LYS A 201 24.64 -40.02 16.63
N THR A 202 24.60 -40.47 15.38
CA THR A 202 24.91 -39.60 14.27
C THR A 202 23.92 -38.44 14.19
N GLY A 203 22.64 -38.72 14.40
CA GLY A 203 21.64 -37.65 14.42
C GLY A 203 21.90 -36.65 15.53
N ILE A 204 22.29 -37.13 16.72
CA ILE A 204 22.63 -36.23 17.82
C ILE A 204 23.83 -35.36 17.45
N ASN A 205 24.90 -35.99 16.94
CA ASN A 205 26.08 -35.23 16.53
C ASN A 205 25.70 -34.19 15.49
N ALA A 206 24.96 -34.60 14.46
CA ALA A 206 24.57 -33.68 13.40
C ALA A 206 23.76 -32.52 13.94
N SER A 207 22.83 -32.79 14.86
CA SER A 207 22.03 -31.71 15.42
C SER A 207 22.91 -30.70 16.16
N HIS A 208 23.91 -31.18 16.90
CA HIS A 208 24.77 -30.25 17.62
C HIS A 208 25.63 -29.44 16.67
N HIS A 209 26.13 -30.07 15.60
CA HIS A 209 27.02 -29.36 14.68
C HIS A 209 26.25 -28.42 13.75
N LEU A 210 24.99 -28.74 13.43
CA LEU A 210 24.14 -27.77 12.75
C LEU A 210 23.93 -26.53 13.61
N LEU A 211 23.61 -26.72 14.89
CA LEU A 211 23.36 -25.60 15.78
C LEU A 211 24.65 -24.83 16.08
N LEU A 212 25.76 -25.54 16.28
CA LEU A 212 27.04 -24.87 16.45
C LEU A 212 27.39 -24.09 15.19
N GLY A 213 27.15 -24.67 14.01
CA GLY A 213 27.36 -23.93 12.78
C GLY A 213 26.53 -22.68 12.71
N HIS A 214 25.25 -22.78 13.08
CA HIS A 214 24.41 -21.60 13.17
C HIS A 214 25.06 -20.51 14.02
N GLY A 215 25.52 -20.87 15.22
CA GLY A 215 26.07 -19.87 16.12
C GLY A 215 27.37 -19.28 15.62
N LEU A 216 28.27 -20.14 15.10
CA LEU A 216 29.52 -19.65 14.55
C LEU A 216 29.28 -18.74 13.36
N ALA A 217 28.31 -19.10 12.51
CA ALA A 217 27.99 -18.29 11.35
C ALA A 217 27.42 -16.95 11.76
N THR A 218 26.55 -16.95 12.79
CA THR A 218 25.99 -15.70 13.28
C THR A 218 27.11 -14.75 13.70
N LYS A 219 28.04 -15.24 14.53
CA LYS A 219 29.15 -14.40 14.96
C LYS A 219 29.99 -13.94 13.78
N ALA A 220 30.22 -14.83 12.81
CA ALA A 220 31.02 -14.47 11.65
C ALA A 220 30.35 -13.38 10.82
N ILE A 221 29.03 -13.48 10.65
CA ILE A 221 28.30 -12.47 9.89
C ILE A 221 28.38 -11.12 10.59
N ARG A 222 28.17 -11.11 11.90
CA ARG A 222 28.21 -9.84 12.64
CA ARG A 222 28.21 -9.85 12.63
C ARG A 222 29.59 -9.21 12.60
N GLU A 223 30.65 -10.02 12.49
CA GLU A 223 31.98 -9.44 12.40
C GLU A 223 32.17 -8.70 11.09
N VAL A 224 31.43 -9.08 10.05
CA VAL A 224 31.52 -8.37 8.78
C VAL A 224 30.94 -6.97 8.92
N SER A 225 29.79 -6.85 9.56
CA SER A 225 29.20 -5.54 9.79
C SER A 225 28.18 -5.62 10.92
N SER A 226 28.23 -4.61 11.80
CA SER A 226 27.36 -4.58 12.96
C SER A 226 25.92 -4.24 12.61
N GLU A 227 25.65 -3.71 11.41
CA GLU A 227 24.27 -3.41 11.03
CA GLU A 227 24.27 -3.41 11.03
C GLU A 227 23.52 -4.64 10.54
N LEU A 228 24.20 -5.75 10.29
CA LEU A 228 23.53 -6.92 9.74
C LEU A 228 22.68 -7.62 10.79
N LYS A 229 21.54 -8.15 10.36
CA LYS A 229 20.66 -8.91 11.23
C LYS A 229 20.75 -10.38 10.87
N VAL A 230 20.60 -11.24 11.88
CA VAL A 230 20.77 -12.68 11.71
C VAL A 230 19.71 -13.40 12.52
N GLY A 231 19.16 -14.46 11.93
CA GLY A 231 18.29 -15.37 12.65
C GLY A 231 18.51 -16.79 12.17
N ILE A 232 17.72 -17.70 12.74
CA ILE A 232 17.68 -19.10 12.36
C ILE A 232 16.24 -19.41 12.00
N THR A 233 16.03 -20.38 11.11
CA THR A 233 14.69 -20.85 10.80
C THR A 233 14.50 -22.21 11.43
N LEU A 234 13.52 -22.30 12.34
CA LEU A 234 13.10 -23.55 12.93
C LEU A 234 11.67 -23.85 12.53
N ASN A 235 11.40 -25.10 12.17
CA ASN A 235 10.03 -25.57 12.06
C ASN A 235 9.59 -26.16 13.40
N PHE A 236 8.36 -25.85 13.79
CA PHE A 236 7.77 -26.40 14.99
CA PHE A 236 7.76 -26.41 14.99
C PHE A 236 6.52 -27.19 14.61
N THR A 237 6.37 -28.37 15.20
CA THR A 237 5.23 -29.24 14.96
C THR A 237 4.56 -29.48 16.31
N PRO A 238 3.53 -28.70 16.64
CA PRO A 238 2.85 -28.93 17.92
C PRO A 238 2.30 -30.34 18.00
N ALA A 239 2.36 -30.91 19.19
CA ALA A 239 1.92 -32.28 19.42
C ALA A 239 0.68 -32.30 20.28
N ILE A 240 -0.28 -33.14 19.91
CA ILE A 240 -1.45 -33.44 20.72
C ILE A 240 -1.62 -34.95 20.80
N THR A 241 -2.47 -35.38 21.72
CA THR A 241 -2.91 -36.76 21.79
C THR A 241 -4.41 -36.79 21.94
N LEU A 242 -5.02 -37.86 21.43
CA LEU A 242 -6.44 -38.10 21.61
C LEU A 242 -6.76 -38.82 22.92
N GLY A 243 -5.76 -39.40 23.58
CA GLY A 243 -5.97 -40.13 24.81
C GLY A 243 -5.89 -39.25 26.04
N GLU A 244 -6.33 -39.81 27.17
CA GLU A 244 -6.26 -39.12 28.45
C GLU A 244 -5.27 -39.74 29.43
N SER A 245 -4.69 -40.89 29.11
CA SER A 245 -3.77 -41.54 30.03
C SER A 245 -2.54 -40.68 30.25
N SER A 246 -1.90 -40.86 31.40
CA SER A 246 -0.67 -40.14 31.68
C SER A 246 0.42 -40.50 30.68
N GLU A 247 0.43 -41.74 30.19
CA GLU A 247 1.45 -42.14 29.22
C GLU A 247 1.23 -41.46 27.88
N ASP A 248 -0.02 -41.23 27.48
CA ASP A 248 -0.26 -40.48 26.24
C ASP A 248 0.11 -39.02 26.41
N LYS A 249 -0.04 -38.47 27.62
CA LYS A 249 0.46 -37.13 27.88
C LYS A 249 1.98 -37.09 27.82
N LEU A 250 2.63 -38.14 28.32
CA LEU A 250 4.07 -38.25 28.19
C LEU A 250 4.48 -38.31 26.72
N ALA A 251 3.71 -39.03 25.91
CA ALA A 251 3.99 -39.11 24.47
C ALA A 251 4.00 -37.73 23.84
N VAL A 252 3.06 -36.87 24.23
CA VAL A 252 3.05 -35.50 23.71
C VAL A 252 4.33 -34.76 24.14
N GLU A 253 4.73 -34.93 25.40
CA GLU A 253 5.92 -34.27 25.89
C GLU A 253 7.17 -34.74 25.13
N LEU A 254 7.25 -36.05 24.86
CA LEU A 254 8.41 -36.58 24.15
C LEU A 254 8.46 -36.08 22.71
N ALA A 255 7.32 -36.10 22.02
CA ALA A 255 7.29 -35.61 20.64
C ALA A 255 7.62 -34.14 20.58
N ASP A 256 7.09 -33.35 21.52
CA ASP A 256 7.42 -31.92 21.57
C ASP A 256 8.91 -31.72 21.81
N GLY A 257 9.51 -32.53 22.68
CA GLY A 257 10.93 -32.40 22.92
C GLY A 257 11.77 -32.79 21.72
N PHE A 258 11.39 -33.89 21.06
CA PHE A 258 12.13 -34.39 19.91
C PHE A 258 12.08 -33.41 18.74
N ASP A 259 10.88 -32.89 18.43
CA ASP A 259 10.70 -32.06 17.26
C ASP A 259 11.11 -30.62 17.51
N ASN A 260 10.80 -30.09 18.68
CA ASN A 260 10.79 -28.64 18.91
C ASN A 260 11.84 -28.21 19.93
N ARG A 261 11.76 -28.69 21.17
CA ARG A 261 12.65 -28.21 22.22
C ARG A 261 14.09 -28.64 21.99
N TRP A 262 14.31 -29.76 21.28
CA TRP A 262 15.67 -30.19 21.01
C TRP A 262 16.46 -29.10 20.28
N PHE A 263 15.79 -28.30 19.45
CA PHE A 263 16.44 -27.27 18.67
C PHE A 263 16.19 -25.88 19.23
N GLY A 264 14.99 -25.63 19.77
CA GLY A 264 14.71 -24.33 20.36
C GLY A 264 15.45 -24.09 21.66
N ASP A 265 15.56 -25.11 22.52
CA ASP A 265 16.21 -24.90 23.81
C ASP A 265 17.68 -24.52 23.67
N PRO A 266 18.48 -25.15 22.81
CA PRO A 266 19.86 -24.69 22.67
C PRO A 266 19.96 -23.24 22.22
N VAL A 267 19.11 -22.83 21.28
CA VAL A 267 19.22 -21.48 20.71
C VAL A 267 18.82 -20.42 21.72
N PHE A 268 17.73 -20.65 22.47
CA PHE A 268 17.17 -19.62 23.34
C PHE A 268 17.42 -19.86 24.82
N LYS A 269 17.83 -21.07 25.21
CA LYS A 269 18.07 -21.38 26.61
C LYS A 269 19.45 -21.96 26.87
N ALA A 270 20.26 -22.16 25.84
CA ALA A 270 21.65 -22.58 25.98
C ALA A 270 21.79 -23.98 26.61
N LYS A 271 20.77 -24.81 26.43
CA LYS A 271 20.84 -26.20 26.90
C LYS A 271 19.94 -27.07 26.04
N TYR A 272 20.24 -28.37 26.04
CA TYR A 272 19.36 -29.35 25.43
C TYR A 272 18.31 -29.79 26.45
N PRO A 273 17.10 -30.15 25.98
CA PRO A 273 16.04 -30.55 26.91
C PRO A 273 16.45 -31.82 27.66
N GLU A 274 16.53 -31.71 28.98
CA GLU A 274 17.12 -32.79 29.76
C GLU A 274 16.29 -34.07 29.68
N ASP A 275 14.96 -33.96 29.56
CA ASP A 275 14.14 -35.16 29.49
C ASP A 275 14.45 -35.96 28.22
N ILE A 276 14.77 -35.29 27.12
CA ILE A 276 15.11 -36.00 25.90
C ILE A 276 16.52 -36.54 25.94
N VAL A 277 17.46 -35.74 26.46
CA VAL A 277 18.83 -36.24 26.65
C VAL A 277 18.80 -37.54 27.45
N LYS A 278 18.05 -37.55 28.55
CA LYS A 278 17.99 -38.73 29.40
C LYS A 278 17.36 -39.90 28.67
N ALA A 279 16.30 -39.65 27.90
CA ALA A 279 15.61 -40.72 27.18
C ALA A 279 16.51 -41.30 26.09
N PHE A 280 17.30 -40.45 25.43
CA PHE A 280 18.24 -40.96 24.43
C PHE A 280 19.32 -41.84 25.06
N GLY A 281 19.79 -41.47 26.25
CA GLY A 281 20.87 -42.19 26.89
C GLY A 281 22.22 -41.99 26.23
N LYS A 282 22.36 -40.94 25.43
CA LYS A 282 23.61 -40.61 24.74
C LYS A 282 24.03 -39.20 25.11
N GLU A 283 25.32 -38.94 24.96
CA GLU A 283 25.87 -37.61 25.22
C GLU A 283 25.93 -36.78 23.94
N VAL A 284 25.54 -35.52 24.07
CA VAL A 284 25.71 -34.55 23.00
C VAL A 284 27.18 -34.13 23.03
N PRO A 285 27.86 -34.03 21.88
CA PRO A 285 29.31 -33.74 21.89
C PRO A 285 29.61 -32.26 22.11
N ILE A 286 29.28 -31.79 23.32
CA ILE A 286 29.40 -30.39 23.68
C ILE A 286 30.82 -30.11 24.17
N HIS A 287 31.48 -29.17 23.51
CA HIS A 287 32.79 -28.67 23.91
C HIS A 287 32.67 -27.32 24.61
N PRO A 288 33.69 -26.92 25.37
CA PRO A 288 33.67 -25.59 25.98
C PRO A 288 33.41 -24.49 24.96
N GLY A 289 32.50 -23.58 25.31
CA GLY A 289 32.12 -22.49 24.43
C GLY A 289 30.94 -22.77 23.52
N ASP A 290 30.60 -24.04 23.30
CA ASP A 290 29.59 -24.38 22.29
C ASP A 290 28.24 -23.77 22.64
N MET A 291 27.79 -23.92 23.89
CA MET A 291 26.43 -23.49 24.22
C MET A 291 26.32 -21.96 24.23
N GLU A 292 27.39 -21.26 24.60
CA GLU A 292 27.40 -19.81 24.47
C GLU A 292 27.26 -19.39 23.01
N ILE A 293 27.93 -20.12 22.11
CA ILE A 293 27.87 -19.81 20.69
C ILE A 293 26.49 -20.11 20.13
N ILE A 294 25.95 -21.28 20.46
CA ILE A 294 24.65 -21.69 19.91
C ILE A 294 23.56 -20.72 20.36
N SER A 295 23.66 -20.20 21.58
CA SER A 295 22.64 -19.36 22.15
C SER A 295 22.91 -17.87 21.91
N THR A 296 23.77 -17.54 20.96
CA THR A 296 24.10 -16.14 20.73
C THR A 296 22.82 -15.37 20.36
N PRO A 297 22.66 -14.13 20.83
CA PRO A 297 21.40 -13.42 20.61
C PRO A 297 21.10 -13.25 19.13
N LEU A 298 19.82 -13.39 18.77
CA LEU A 298 19.36 -13.29 17.39
C LEU A 298 18.44 -12.10 17.23
N ASP A 299 18.44 -11.54 16.03
CA ASP A 299 17.54 -10.45 15.73
C ASP A 299 16.12 -10.93 15.52
N TYR A 300 15.94 -12.18 15.09
CA TYR A 300 14.60 -12.72 14.89
C TYR A 300 14.68 -14.23 14.84
N LEU A 301 13.54 -14.85 15.09
CA LEU A 301 13.33 -16.25 14.79
C LEU A 301 12.56 -16.35 13.47
N GLY A 302 13.07 -17.17 12.56
CA GLY A 302 12.30 -17.58 11.40
C GLY A 302 11.49 -18.80 11.76
N LEU A 303 10.17 -18.71 11.72
CA LEU A 303 9.31 -19.81 12.14
C LEU A 303 8.67 -20.44 10.92
N ASN A 304 8.78 -21.76 10.81
CA ASN A 304 8.07 -22.54 9.81
C ASN A 304 6.98 -23.33 10.51
N TYR A 305 5.75 -23.25 9.99
CA TYR A 305 4.65 -24.02 10.51
C TYR A 305 3.79 -24.52 9.36
N TYR A 306 3.41 -25.78 9.44
CA TYR A 306 2.48 -26.38 8.49
C TYR A 306 1.36 -27.16 9.16
N PHE A 307 1.65 -27.91 10.22
CA PHE A 307 0.67 -28.84 10.77
C PHE A 307 1.05 -29.21 12.19
N ARG A 308 0.08 -29.78 12.90
CA ARG A 308 0.30 -30.42 14.18
C ARG A 308 0.35 -31.94 13.99
N GLN A 309 1.02 -32.61 14.92
CA GLN A 309 1.11 -34.06 14.94
C GLN A 309 0.26 -34.61 16.08
N THR A 310 -0.37 -35.76 15.84
CA THR A 310 -1.13 -36.47 16.86
C THR A 310 -0.38 -37.75 17.20
N VAL A 311 -0.17 -37.99 18.49
CA VAL A 311 0.69 -39.07 18.94
C VAL A 311 0.02 -39.86 20.06
N GLU A 312 0.59 -41.02 20.34
CA GLU A 312 0.19 -41.85 21.48
C GLU A 312 1.42 -42.61 21.96
N TYR A 313 1.36 -43.07 23.20
CA TYR A 313 2.50 -43.79 23.76
C TYR A 313 2.66 -45.14 23.05
N ASP A 314 3.92 -45.55 22.89
CA ASP A 314 4.21 -46.86 22.29
C ASP A 314 5.54 -47.33 22.89
N ALA A 315 5.46 -48.21 23.87
CA ALA A 315 6.65 -48.66 24.59
C ALA A 315 7.67 -49.32 23.66
N THR A 316 7.23 -49.81 22.50
CA THR A 316 8.13 -50.49 21.58
C THR A 316 8.82 -49.55 20.60
N ALA A 317 8.38 -48.30 20.50
CA ALA A 317 8.89 -47.40 19.49
C ALA A 317 10.27 -46.87 19.87
N LYS A 318 11.07 -46.55 18.86
CA LYS A 318 12.42 -46.06 19.03
C LYS A 318 12.64 -44.87 18.11
N PRO A 319 13.50 -43.91 18.51
CA PRO A 319 14.28 -43.89 19.75
C PRO A 319 13.48 -43.50 20.99
N LEU A 320 12.27 -42.99 20.80
CA LEU A 320 11.43 -42.57 21.92
C LEU A 320 10.10 -43.31 21.89
N PRO A 321 9.50 -43.58 23.05
CA PRO A 321 8.33 -44.48 23.11
C PRO A 321 7.01 -43.79 22.75
N TYR A 322 6.92 -43.28 21.53
CA TYR A 322 5.65 -42.78 21.03
C TYR A 322 5.57 -43.05 19.53
N LYS A 323 4.34 -43.01 19.01
CA LYS A 323 4.08 -43.23 17.60
C LYS A 323 3.10 -42.19 17.10
N GLN A 324 3.15 -41.92 15.80
CA GLN A 324 2.18 -41.06 15.15
C GLN A 324 0.82 -41.74 15.04
N VAL A 325 -0.23 -40.94 15.18
CA VAL A 325 -1.61 -41.39 14.99
C VAL A 325 -2.20 -40.59 13.84
N THR A 326 -2.99 -41.26 12.99
CA THR A 326 -3.74 -40.58 11.94
C THR A 326 -5.15 -40.36 12.46
N ALA A 327 -5.39 -39.17 13.01
CA ALA A 327 -6.68 -38.88 13.61
C ALA A 327 -7.80 -39.02 12.59
N PRO A 328 -8.96 -39.54 12.98
CA PRO A 328 -10.06 -39.68 12.03
C PRO A 328 -10.82 -38.37 11.83
N ASN A 329 -11.39 -38.24 10.63
CA ASN A 329 -12.36 -37.17 10.36
C ASN A 329 -11.75 -35.78 10.51
N VAL A 330 -10.51 -35.59 10.04
CA VAL A 330 -9.91 -34.27 10.02
C VAL A 330 -9.54 -33.90 8.60
N GLU A 331 -9.61 -32.60 8.32
CA GLU A 331 -9.19 -32.08 7.02
C GLU A 331 -7.69 -32.28 6.83
N ARG A 332 -7.31 -32.73 5.64
CA ARG A 332 -5.90 -32.98 5.34
C ARG A 332 -5.56 -32.44 3.96
N THR A 333 -4.31 -32.04 3.79
CA THR A 333 -3.82 -31.59 2.50
C THR A 333 -3.48 -32.78 1.62
N GLY A 334 -2.98 -32.50 0.42
CA GLY A 334 -2.48 -33.57 -0.44
C GLY A 334 -1.28 -34.30 0.13
N MET A 335 -0.62 -33.74 1.14
CA MET A 335 0.45 -34.43 1.85
C MET A 335 -0.08 -35.37 2.92
N GLY A 336 -1.37 -35.35 3.21
CA GLY A 336 -1.90 -36.05 4.37
C GLY A 336 -1.74 -35.28 5.66
N TRP A 337 -1.33 -34.02 5.60
CA TRP A 337 -1.07 -33.23 6.80
C TRP A 337 -2.37 -32.60 7.29
N GLU A 338 -2.63 -32.71 8.58
CA GLU A 338 -3.83 -32.10 9.14
C GLU A 338 -3.83 -30.61 8.94
N VAL A 339 -4.99 -30.06 8.58
CA VAL A 339 -5.21 -28.62 8.47
C VAL A 339 -5.85 -28.17 9.78
N HIS A 340 -5.15 -27.35 10.55
CA HIS A 340 -5.70 -26.87 11.82
C HIS A 340 -5.06 -25.52 12.13
N ALA A 341 -5.67 -24.45 11.60
CA ALA A 341 -5.05 -23.13 11.71
C ALA A 341 -5.00 -22.63 13.15
N GLN A 342 -5.94 -23.05 14.01
CA GLN A 342 -5.90 -22.58 15.39
C GLN A 342 -4.58 -22.95 16.06
N SER A 343 -3.99 -24.08 15.69
CA SER A 343 -2.69 -24.46 16.26
C SER A 343 -1.61 -23.46 15.92
N PHE A 344 -1.72 -22.78 14.78
CA PHE A 344 -0.74 -21.77 14.38
C PHE A 344 -0.76 -20.60 15.36
N THR A 345 -1.97 -20.11 15.67
CA THR A 345 -2.10 -19.05 16.66
C THR A 345 -1.48 -19.46 17.99
N GLU A 346 -1.86 -20.64 18.47
CA GLU A 346 -1.40 -21.08 19.79
C GLU A 346 0.11 -21.32 19.80
N LEU A 347 0.66 -21.83 18.70
CA LEU A 347 2.10 -22.02 18.61
C LEU A 347 2.84 -20.68 18.68
N LEU A 348 2.34 -19.67 17.95
CA LEU A 348 2.98 -18.36 17.96
C LEU A 348 2.99 -17.77 19.36
N GLU A 349 1.85 -17.85 20.06
CA GLU A 349 1.78 -17.38 21.44
C GLU A 349 2.75 -18.16 22.33
N ARG A 350 2.81 -19.47 22.15
CA ARG A 350 3.68 -20.30 22.99
C ARG A 350 5.15 -19.96 22.77
N VAL A 351 5.57 -19.83 21.51
CA VAL A 351 6.96 -19.52 21.21
C VAL A 351 7.34 -18.16 21.79
N SER A 352 6.46 -17.18 21.67
CA SER A 352 6.75 -15.85 22.19
C SER A 352 6.94 -15.87 23.71
N LYS A 353 6.12 -16.66 24.42
CA LYS A 353 6.24 -16.72 25.87
C LYS A 353 7.43 -17.57 26.30
N GLU A 354 7.68 -18.67 25.60
CA GLU A 354 8.66 -19.67 26.04
C GLU A 354 10.08 -19.26 25.67
N TYR A 355 10.27 -18.72 24.47
CA TYR A 355 11.59 -18.39 23.94
C TYR A 355 11.82 -16.89 23.76
N LYS A 356 10.76 -16.08 23.73
CA LYS A 356 10.86 -14.62 23.69
C LYS A 356 11.83 -14.10 22.62
N PRO A 357 11.73 -14.58 21.38
CA PRO A 357 12.52 -13.97 20.31
C PRO A 357 12.13 -12.51 20.12
N LYS A 358 13.12 -11.69 19.76
CA LYS A 358 12.88 -10.26 19.63
C LYS A 358 11.74 -9.98 18.67
N GLU A 359 11.74 -10.67 17.54
CA GLU A 359 10.61 -10.68 16.62
C GLU A 359 10.61 -11.99 15.88
N ILE A 360 9.50 -12.26 15.20
CA ILE A 360 9.28 -13.51 14.49
C ILE A 360 8.91 -13.17 13.06
N PHE A 361 9.54 -13.86 12.10
CA PHE A 361 9.08 -13.86 10.72
C PHE A 361 8.60 -15.27 10.40
N ILE A 362 7.42 -15.38 9.79
CA ILE A 362 6.98 -16.68 9.30
C ILE A 362 7.77 -16.92 8.02
N THR A 363 8.85 -17.71 8.12
CA THR A 363 9.66 -17.93 6.93
C THR A 363 9.07 -18.99 6.01
N GLU A 364 8.16 -19.83 6.50
CA GLU A 364 7.42 -20.76 5.65
C GLU A 364 6.06 -21.09 6.25
N ASN A 365 5.05 -21.11 5.39
CA ASN A 365 3.73 -21.66 5.67
C ASN A 365 3.08 -21.83 4.31
N GLY A 366 2.29 -22.89 4.14
CA GLY A 366 1.68 -23.16 2.85
C GLY A 366 1.11 -24.57 2.81
N SER A 367 0.67 -24.98 1.62
CA SER A 367 0.00 -26.27 1.51
C SER A 367 0.08 -26.81 0.08
N ALA A 368 0.01 -28.13 -0.01
CA ALA A 368 0.07 -28.85 -1.29
C ALA A 368 -1.22 -29.60 -1.53
N TRP A 369 -1.70 -29.53 -2.76
CA TRP A 369 -2.96 -30.15 -3.17
C TRP A 369 -2.79 -30.64 -4.60
N ASP A 370 -3.67 -31.55 -5.00
CA ASP A 370 -3.68 -31.97 -6.39
C ASP A 370 -4.17 -30.80 -7.24
N ASP A 371 -3.31 -30.29 -8.11
CA ASP A 371 -3.67 -29.20 -8.99
C ASP A 371 -3.96 -29.76 -10.39
N GLU A 372 -4.90 -29.14 -11.07
CA GLU A 372 -5.22 -29.48 -12.44
C GLU A 372 -5.22 -28.23 -13.28
N VAL A 373 -4.58 -28.29 -14.45
CA VAL A 373 -4.64 -27.21 -15.43
C VAL A 373 -5.89 -27.42 -16.27
N VAL A 374 -6.77 -26.42 -16.28
CA VAL A 374 -7.96 -26.44 -17.10
C VAL A 374 -7.98 -25.13 -17.88
N ASP A 375 -8.03 -25.23 -19.20
CA ASP A 375 -8.06 -24.06 -20.07
C ASP A 375 -6.90 -23.12 -19.78
N GLY A 376 -5.72 -23.71 -19.50
CA GLY A 376 -4.52 -22.92 -19.27
C GLY A 376 -4.48 -22.22 -17.93
N LYS A 377 -5.34 -22.59 -17.00
CA LYS A 377 -5.46 -21.94 -15.70
C LYS A 377 -5.49 -23.00 -14.63
N VAL A 378 -5.23 -22.58 -13.39
CA VAL A 378 -5.20 -23.47 -12.24
C VAL A 378 -6.03 -22.84 -11.13
N ASP A 379 -7.19 -23.43 -10.84
CA ASP A 379 -8.08 -22.97 -9.78
C ASP A 379 -7.88 -23.90 -8.58
N ASP A 380 -7.33 -23.37 -7.49
CA ASP A 380 -6.91 -24.18 -6.35
C ASP A 380 -7.57 -23.69 -5.05
N PRO A 381 -8.89 -23.83 -4.95
CA PRO A 381 -9.60 -23.29 -3.78
C PRO A 381 -9.15 -23.88 -2.45
N ASN A 382 -8.68 -25.13 -2.41
CA ASN A 382 -8.24 -25.70 -1.14
C ASN A 382 -6.97 -25.00 -0.64
N ARG A 383 -6.09 -24.61 -1.56
CA ARG A 383 -4.89 -23.88 -1.16
C ARG A 383 -5.24 -22.45 -0.75
N VAL A 384 -6.18 -21.82 -1.46
CA VAL A 384 -6.66 -20.50 -1.05
C VAL A 384 -7.20 -20.55 0.36
N SER A 385 -8.03 -21.57 0.65
CA SER A 385 -8.66 -21.67 1.96
C SER A 385 -7.63 -21.85 3.06
N TYR A 386 -6.65 -22.74 2.84
CA TYR A 386 -5.58 -22.90 3.81
C TYR A 386 -4.87 -21.58 4.06
N LEU A 387 -4.54 -20.86 2.98
CA LEU A 387 -3.79 -19.62 3.10
C LEU A 387 -4.60 -18.57 3.88
N GLU A 388 -5.86 -18.38 3.49
CA GLU A 388 -6.73 -17.44 4.21
C GLU A 388 -6.78 -17.74 5.69
N ARG A 389 -7.01 -19.00 6.04
CA ARG A 389 -7.20 -19.34 7.44
C ARG A 389 -5.91 -19.21 8.24
N HIS A 390 -4.76 -19.51 7.63
CA HIS A 390 -3.52 -19.41 8.39
C HIS A 390 -3.03 -17.97 8.49
N LEU A 391 -3.31 -17.13 7.49
CA LEU A 391 -3.06 -15.71 7.66
C LEU A 391 -3.93 -15.14 8.78
N ASP A 392 -5.22 -15.50 8.80
CA ASP A 392 -6.09 -15.08 9.89
C ASP A 392 -5.53 -15.53 11.24
N ALA A 393 -5.07 -16.78 11.34
CA ALA A 393 -4.56 -17.28 12.61
C ALA A 393 -3.30 -16.54 13.03
N MET A 394 -2.44 -16.24 12.07
CA MET A 394 -1.22 -15.49 12.36
CA MET A 394 -1.22 -15.47 12.36
C MET A 394 -1.56 -14.09 12.90
N PHE A 395 -2.50 -13.40 12.24
CA PHE A 395 -2.85 -12.06 12.69
C PHE A 395 -3.57 -12.09 14.03
N ALA A 396 -4.30 -13.17 14.32
CA ALA A 396 -4.89 -13.32 15.65
C ALA A 396 -3.80 -13.30 16.73
N ALA A 397 -2.67 -13.96 16.48
CA ALA A 397 -1.58 -13.91 17.45
C ALA A 397 -0.96 -12.52 17.51
N LYS A 398 -0.78 -11.88 16.35
CA LYS A 398 -0.18 -10.55 16.33
C LYS A 398 -1.05 -9.56 17.10
N ASN A 399 -2.37 -9.68 16.96
CA ASN A 399 -3.26 -8.80 17.70
C ASN A 399 -3.27 -9.09 19.20
N LYS A 400 -2.72 -10.22 19.64
CA LYS A 400 -2.51 -10.47 21.06
C LYS A 400 -1.13 -10.01 21.54
N GLY A 401 -0.33 -9.43 20.67
CA GLY A 401 0.97 -8.90 21.06
C GLY A 401 2.17 -9.69 20.61
N VAL A 402 1.98 -10.80 19.89
CA VAL A 402 3.14 -11.55 19.41
C VAL A 402 3.83 -10.75 18.32
N PRO A 403 5.16 -10.55 18.39
CA PRO A 403 5.84 -9.66 17.43
C PRO A 403 6.14 -10.33 16.10
N ILE A 404 5.09 -10.63 15.34
CA ILE A 404 5.22 -11.20 14.00
C ILE A 404 5.40 -10.04 13.03
N SER A 405 6.57 -9.96 12.41
CA SER A 405 6.93 -8.84 11.56
C SER A 405 6.78 -9.12 10.06
N GLY A 406 6.49 -10.36 9.68
CA GLY A 406 6.31 -10.65 8.26
C GLY A 406 5.90 -12.10 8.05
N TYR A 407 5.49 -12.37 6.81
CA TYR A 407 5.00 -13.68 6.40
C TYR A 407 5.53 -13.98 5.00
N PHE A 408 6.17 -15.14 4.86
CA PHE A 408 6.68 -15.61 3.58
C PHE A 408 5.92 -16.87 3.18
N ALA A 409 5.23 -16.83 2.04
CA ALA A 409 4.50 -17.98 1.56
C ALA A 409 5.45 -19.02 0.96
N TRP A 410 5.34 -20.27 1.44
CA TRP A 410 5.98 -21.40 0.75
C TRP A 410 4.93 -22.00 -0.18
N SER A 411 5.12 -21.91 -1.50
CA SER A 411 6.27 -21.36 -2.20
C SER A 411 5.79 -20.50 -3.37
N LEU A 412 6.68 -19.67 -3.89
CA LEU A 412 6.37 -18.91 -5.09
C LEU A 412 5.90 -19.82 -6.22
N ILE A 413 6.66 -20.90 -6.46
CA ILE A 413 6.43 -21.81 -7.58
C ILE A 413 6.46 -23.24 -7.06
N ASP A 414 5.71 -24.11 -7.75
CA ASP A 414 5.87 -25.54 -7.56
C ASP A 414 7.34 -25.91 -7.75
N ASN A 415 7.80 -26.93 -7.04
CA ASN A 415 9.23 -27.25 -7.06
C ASN A 415 9.45 -28.68 -6.60
N PHE A 416 10.73 -29.06 -6.46
CA PHE A 416 11.13 -30.40 -6.05
C PHE A 416 10.88 -30.57 -4.56
N GLU A 417 9.83 -31.32 -4.21
CA GLU A 417 9.47 -31.51 -2.80
C GLU A 417 10.20 -32.72 -2.21
N TRP A 418 11.53 -32.65 -2.28
CA TRP A 418 12.43 -33.58 -1.57
C TRP A 418 12.05 -35.01 -1.92
N ALA A 419 11.85 -35.89 -0.94
CA ALA A 419 11.61 -37.30 -1.26
C ALA A 419 10.28 -37.54 -1.95
N TYR A 420 9.38 -36.56 -1.96
CA TYR A 420 8.13 -36.65 -2.73
C TYR A 420 8.32 -36.29 -4.19
N GLY A 421 9.43 -35.67 -4.56
CA GLY A 421 9.63 -35.25 -5.93
C GLY A 421 8.67 -34.16 -6.34
N TYR A 422 8.44 -34.06 -7.65
CA TYR A 422 7.66 -32.97 -8.21
C TYR A 422 6.15 -33.19 -8.07
N ALA A 423 5.72 -34.38 -7.67
CA ALA A 423 4.29 -34.66 -7.59
C ALA A 423 3.58 -33.79 -6.56
N LYS A 424 4.29 -33.28 -5.57
CA LYS A 424 3.69 -32.48 -4.50
C LYS A 424 3.98 -31.01 -4.77
N ARG A 425 2.91 -30.26 -5.04
CA ARG A 425 2.99 -28.89 -5.53
C ARG A 425 2.57 -27.93 -4.43
N PHE A 426 3.51 -27.11 -3.98
CA PHE A 426 3.28 -26.10 -2.95
C PHE A 426 3.17 -24.68 -3.50
N GLY A 427 3.32 -24.49 -4.80
CA GLY A 427 3.36 -23.15 -5.34
C GLY A 427 2.02 -22.44 -5.28
N ILE A 428 2.08 -21.12 -5.15
CA ILE A 428 0.95 -20.29 -5.57
C ILE A 428 1.01 -20.02 -7.07
N ILE A 429 2.12 -20.38 -7.72
CA ILE A 429 2.25 -20.34 -9.17
C ILE A 429 2.60 -21.74 -9.65
N TYR A 430 1.83 -22.25 -10.60
CA TYR A 430 2.02 -23.59 -11.15
C TYR A 430 3.20 -23.62 -12.10
N VAL A 431 3.94 -24.72 -12.08
CA VAL A 431 5.01 -24.94 -13.05
C VAL A 431 4.68 -26.17 -13.88
N ASP A 432 4.55 -25.99 -15.19
CA ASP A 432 4.45 -27.09 -16.14
C ASP A 432 5.87 -27.53 -16.46
N TYR A 433 6.28 -28.70 -15.94
CA TYR A 433 7.67 -29.11 -16.07
C TYR A 433 8.03 -29.53 -17.49
N GLN A 434 7.03 -29.81 -18.34
CA GLN A 434 7.34 -30.13 -19.73
C GLN A 434 7.85 -28.91 -20.48
N THR A 435 7.30 -27.73 -20.17
CA THR A 435 7.62 -26.50 -20.87
C THR A 435 8.27 -25.45 -19.99
N GLN A 436 8.28 -25.65 -18.68
CA GLN A 436 8.68 -24.67 -17.67
C GLN A 436 7.76 -23.45 -17.62
N LYS A 437 6.58 -23.52 -18.23
CA LYS A 437 5.65 -22.41 -18.14
C LYS A 437 5.19 -22.20 -16.69
N ARG A 438 5.14 -20.93 -16.30
CA ARG A 438 4.57 -20.52 -15.02
C ARG A 438 3.13 -20.08 -15.22
N ILE A 439 2.22 -20.62 -14.41
CA ILE A 439 0.80 -20.27 -14.48
C ILE A 439 0.34 -19.85 -13.09
N PRO A 440 0.09 -18.57 -12.83
CA PRO A 440 -0.40 -18.19 -11.50
C PRO A 440 -1.71 -18.91 -11.17
N LYS A 441 -1.78 -19.46 -9.97
CA LYS A 441 -2.99 -20.13 -9.49
C LYS A 441 -3.92 -19.12 -8.83
N SER A 442 -5.15 -19.55 -8.56
CA SER A 442 -6.07 -18.70 -7.81
C SER A 442 -5.42 -18.20 -6.53
N SER A 443 -4.62 -19.03 -5.87
CA SER A 443 -3.98 -18.60 -4.63
C SER A 443 -3.01 -17.44 -4.86
N ALA A 444 -2.40 -17.34 -6.04
CA ALA A 444 -1.53 -16.20 -6.34
C ALA A 444 -2.33 -14.91 -6.37
N TYR A 445 -3.50 -14.92 -7.02
CA TYR A 445 -4.33 -13.71 -7.07
C TYR A 445 -4.85 -13.36 -5.68
N TYR A 446 -5.19 -14.36 -4.88
CA TYR A 446 -5.60 -14.09 -3.50
C TYR A 446 -4.46 -13.47 -2.70
N TYR A 447 -3.26 -14.03 -2.81
CA TYR A 447 -2.14 -13.50 -2.05
C TYR A 447 -1.82 -12.07 -2.49
N GLN A 448 -1.85 -11.84 -3.80
CA GLN A 448 -1.65 -10.50 -4.34
C GLN A 448 -2.63 -9.51 -3.73
N LYS A 449 -3.90 -9.89 -3.62
CA LYS A 449 -4.89 -9.01 -3.02
C LYS A 449 -4.58 -8.76 -1.55
N ARG A 450 -4.22 -9.82 -0.82
CA ARG A 450 -3.96 -9.66 0.60
C ARG A 450 -2.78 -8.71 0.83
N ILE A 451 -1.74 -8.81 -0.01
CA ILE A 451 -0.58 -7.93 0.14
C ILE A 451 -0.97 -6.47 -0.04
N LYS A 452 -1.83 -6.19 -1.02
CA LYS A 452 -2.19 -4.81 -1.32
C LYS A 452 -3.16 -4.24 -0.29
N GLU A 453 -4.14 -5.04 0.13
CA GLU A 453 -5.31 -4.50 0.80
C GLU A 453 -5.28 -4.65 2.31
N SER A 454 -4.20 -5.19 2.86
CA SER A 454 -4.01 -5.26 4.30
C SER A 454 -3.39 -3.95 4.82
N HIS B 15 -5.11 7.56 20.24
CA HIS B 15 -4.35 8.25 19.15
C HIS B 15 -3.78 7.26 18.15
N MET B 16 -4.19 5.99 18.25
CA MET B 16 -3.76 4.99 17.30
C MET B 16 -4.37 5.27 15.93
N LYS B 17 -3.86 4.56 14.92
CA LYS B 17 -4.45 4.61 13.60
C LYS B 17 -5.95 4.34 13.66
N LYS B 18 -6.72 5.14 12.94
CA LYS B 18 -8.11 4.83 12.72
C LYS B 18 -8.35 4.78 11.21
N TRP B 19 -9.45 4.13 10.84
CA TRP B 19 -9.77 3.98 9.43
C TRP B 19 -9.94 5.33 8.77
N GLY B 20 -9.38 5.47 7.58
CA GLY B 20 -9.48 6.68 6.81
C GLY B 20 -8.33 7.64 6.97
N ASP B 21 -7.56 7.51 8.06
CA ASP B 21 -6.38 8.35 8.23
C ASP B 21 -5.40 8.11 7.08
N MET B 22 -4.74 9.17 6.64
CA MET B 22 -3.81 9.09 5.53
C MET B 22 -2.44 9.59 5.96
N PHE B 23 -1.44 9.17 5.18
CA PHE B 23 -0.08 9.62 5.39
C PHE B 23 0.61 9.70 4.04
N THR B 24 1.30 10.81 3.81
CA THR B 24 1.96 11.09 2.54
C THR B 24 3.46 10.91 2.68
N TRP B 25 4.04 10.13 1.79
CA TRP B 25 5.49 9.94 1.70
C TRP B 25 6.02 10.70 0.50
N GLY B 26 7.09 11.47 0.71
CA GLY B 26 7.63 12.29 -0.35
C GLY B 26 9.15 12.36 -0.33
N VAL B 27 9.68 13.06 -1.34
CA VAL B 27 11.06 13.50 -1.38
C VAL B 27 11.04 14.98 -1.72
N SER B 28 12.12 15.67 -1.34
CA SER B 28 12.25 17.11 -1.52
C SER B 28 13.54 17.48 -2.23
N THR B 29 13.44 18.53 -3.06
CA THR B 29 14.57 19.16 -3.71
C THR B 29 14.29 20.66 -3.73
N SER B 30 15.21 21.43 -4.33
CA SER B 30 14.96 22.83 -4.65
C SER B 30 15.60 23.14 -6.00
N SER B 31 15.12 24.23 -6.60
CA SER B 31 15.45 24.52 -8.00
C SER B 31 16.94 24.78 -8.21
N TYR B 32 17.51 25.75 -7.49
CA TYR B 32 18.91 26.07 -7.75
C TYR B 32 19.81 24.89 -7.41
N GLN B 33 19.40 24.06 -6.46
CA GLN B 33 20.27 22.98 -6.02
C GLN B 33 20.35 21.83 -7.01
N ILE B 34 19.35 21.66 -7.90
CA ILE B 34 19.37 20.50 -8.81
C ILE B 34 19.27 20.86 -10.29
N GLU B 35 18.67 22.00 -10.65
CA GLU B 35 18.22 22.18 -12.03
C GLU B 35 19.38 22.31 -13.01
N GLY B 36 20.39 23.10 -12.67
CA GLY B 36 21.34 23.46 -13.70
C GLY B 36 20.68 24.32 -14.76
N ALA B 37 21.19 24.22 -15.99
CA ALA B 37 20.68 25.03 -17.09
C ALA B 37 20.53 26.48 -16.63
N ALA B 38 21.53 26.97 -15.90
CA ALA B 38 21.39 28.26 -15.23
C ALA B 38 21.33 29.42 -16.22
N ASN B 39 21.97 29.29 -17.37
CA ASN B 39 21.97 30.33 -18.41
CA ASN B 39 21.97 30.32 -18.40
C ASN B 39 21.37 29.78 -19.69
N GLN B 40 20.36 28.91 -19.54
CA GLN B 40 19.64 28.32 -20.66
C GLN B 40 18.16 28.53 -20.48
N GLY B 41 17.41 28.36 -21.58
CA GLY B 41 15.97 28.41 -21.50
C GLY B 41 15.42 29.75 -21.06
N GLY B 42 16.17 30.83 -21.26
CA GLY B 42 15.74 32.17 -20.91
C GLY B 42 15.91 32.53 -19.45
N ARG B 43 16.48 31.67 -18.63
CA ARG B 43 16.61 31.96 -17.22
C ARG B 43 17.51 33.17 -16.98
N GLY B 44 17.08 34.03 -16.06
CA GLY B 44 17.90 35.13 -15.59
C GLY B 44 18.65 34.73 -14.33
N PRO B 45 19.71 35.47 -13.99
CA PRO B 45 20.51 35.09 -12.82
C PRO B 45 19.77 35.31 -11.51
N SER B 46 20.09 34.45 -10.54
CA SER B 46 19.63 34.60 -9.17
C SER B 46 20.77 35.13 -8.30
N ILE B 47 20.43 35.50 -7.07
CA ILE B 47 21.45 35.97 -6.14
C ILE B 47 22.48 34.88 -5.84
N TRP B 48 22.13 33.61 -6.04
CA TRP B 48 23.10 32.54 -5.83
C TRP B 48 24.04 32.36 -7.01
N ASP B 49 23.60 32.71 -8.23
CA ASP B 49 24.54 32.78 -9.35
C ASP B 49 25.63 33.80 -9.04
N THR B 50 25.22 34.95 -8.51
CA THR B 50 26.15 36.02 -8.17
C THR B 50 27.03 35.62 -7.00
N PHE B 51 26.41 35.15 -5.92
CA PHE B 51 27.12 34.82 -4.69
C PHE B 51 28.16 33.74 -4.94
N SER B 52 27.81 32.74 -5.75
CA SER B 52 28.71 31.63 -6.03
C SER B 52 29.95 32.06 -6.82
N LYS B 53 29.93 33.24 -7.44
CA LYS B 53 31.07 33.77 -8.17
C LYS B 53 32.07 34.49 -7.28
N ILE B 54 31.75 34.69 -6.00
CA ILE B 54 32.62 35.43 -5.09
C ILE B 54 33.67 34.48 -4.54
N PRO B 55 34.96 34.74 -4.74
CA PRO B 55 35.97 33.86 -4.14
C PRO B 55 35.77 33.72 -2.64
N GLY B 56 35.76 32.47 -2.17
CA GLY B 56 35.60 32.19 -0.77
C GLY B 56 34.17 32.00 -0.30
N ALA B 57 33.17 32.31 -1.14
CA ALA B 57 31.79 32.22 -0.69
C ALA B 57 31.31 30.77 -0.64
N VAL B 58 31.77 29.94 -1.56
CA VAL B 58 31.32 28.55 -1.67
C VAL B 58 32.53 27.63 -1.71
N ALA B 59 32.46 26.54 -0.95
CA ALA B 59 33.54 25.56 -0.92
C ALA B 59 33.88 25.09 -2.32
N ASN B 60 35.19 25.02 -2.60
CA ASN B 60 35.72 24.50 -3.85
C ASN B 60 35.35 25.35 -5.06
N GLY B 61 34.81 26.56 -4.83
CA GLY B 61 34.34 27.39 -5.93
C GLY B 61 33.15 26.82 -6.66
N ASP B 62 32.37 25.96 -6.02
CA ASP B 62 31.24 25.34 -6.68
C ASP B 62 30.12 26.36 -6.94
N ASN B 63 29.30 26.04 -7.95
CA ASN B 63 28.13 26.84 -8.27
C ASN B 63 27.07 25.92 -8.84
N GLY B 64 25.88 26.48 -9.08
CA GLY B 64 24.77 25.73 -9.63
C GLY B 64 24.57 25.82 -11.13
N ASP B 65 25.63 26.16 -11.87
CA ASP B 65 25.50 26.26 -13.33
C ASP B 65 24.94 24.98 -13.93
N VAL B 66 25.43 23.83 -13.47
CA VAL B 66 25.02 22.53 -13.98
C VAL B 66 24.30 21.71 -12.93
N ALA B 67 24.81 21.70 -11.70
CA ALA B 67 24.18 20.99 -10.58
C ALA B 67 23.91 19.55 -11.01
N CYS B 68 22.68 19.05 -10.85
CA CYS B 68 22.31 17.71 -11.26
C CYS B 68 21.69 17.67 -12.66
N ASP B 69 21.74 18.78 -13.37
CA ASP B 69 21.18 18.87 -14.72
C ASP B 69 19.74 18.35 -14.77
N HIS B 70 19.00 18.59 -13.69
CA HIS B 70 17.60 18.12 -13.60
C HIS B 70 16.71 18.83 -14.63
N TYR B 71 17.09 20.04 -15.04
CA TYR B 71 16.35 20.71 -16.11
C TYR B 71 16.21 19.82 -17.34
N HIS B 72 17.25 19.03 -17.64
CA HIS B 72 17.19 18.09 -18.75
C HIS B 72 16.86 16.67 -18.33
N ARG B 73 17.15 16.28 -17.09
CA ARG B 73 17.08 14.88 -16.66
C ARG B 73 15.88 14.61 -15.76
N TYR B 74 14.90 15.52 -15.71
CA TYR B 74 13.80 15.38 -14.77
C TYR B 74 13.00 14.08 -14.98
N ASN B 75 12.94 13.58 -16.22
CA ASN B 75 12.20 12.33 -16.44
C ASN B 75 12.83 11.17 -15.67
N GLU B 76 14.16 11.10 -15.67
CA GLU B 76 14.84 10.07 -14.88
C GLU B 76 14.58 10.25 -13.39
N ASP B 77 14.65 11.48 -12.92
CA ASP B 77 14.44 11.72 -11.49
C ASP B 77 13.00 11.40 -11.10
N LEU B 78 12.03 11.75 -11.95
CA LEU B 78 10.64 11.37 -11.69
C LEU B 78 10.45 9.86 -11.69
N ASP B 79 11.14 9.17 -12.61
CA ASP B 79 11.08 7.71 -12.61
C ASP B 79 11.63 7.13 -11.33
N LEU B 80 12.70 7.73 -10.79
CA LEU B 80 13.26 7.25 -9.53
C LEU B 80 12.27 7.46 -8.39
N MET B 81 11.52 8.56 -8.42
CA MET B 81 10.49 8.78 -7.41
C MET B 81 9.41 7.71 -7.48
N LYS B 82 8.93 7.40 -8.70
CA LYS B 82 7.95 6.33 -8.87
C LYS B 82 8.50 5.00 -8.39
N TRP B 83 9.77 4.73 -8.67
CA TRP B 83 10.42 3.50 -8.24
C TRP B 83 10.47 3.42 -6.71
N LEU B 84 10.80 4.53 -6.05
CA LEU B 84 10.77 4.57 -4.60
C LEU B 84 9.38 4.32 -4.07
N GLY B 85 8.37 4.76 -4.81
CA GLY B 85 6.99 4.67 -4.38
C GLY B 85 6.46 5.89 -3.67
N VAL B 86 7.14 7.03 -3.71
CA VAL B 86 6.61 8.21 -3.05
C VAL B 86 5.31 8.64 -3.72
N GLY B 87 4.40 9.17 -2.92
CA GLY B 87 3.18 9.79 -3.41
C GLY B 87 3.30 11.26 -3.71
N ALA B 88 4.36 11.92 -3.25
CA ALA B 88 4.49 13.37 -3.37
C ALA B 88 5.93 13.77 -3.63
N TYR B 89 6.08 14.93 -4.29
CA TYR B 89 7.38 15.48 -4.66
C TYR B 89 7.39 16.95 -4.31
N ARG B 90 8.17 17.32 -3.30
CA ARG B 90 8.34 18.72 -2.93
C ARG B 90 9.48 19.30 -3.74
N PHE B 91 9.18 20.33 -4.53
CA PHE B 91 10.14 20.97 -5.41
C PHE B 91 9.91 22.47 -5.31
N SER B 92 10.87 23.26 -5.80
CA SER B 92 10.65 24.70 -5.85
C SER B 92 10.70 25.19 -7.29
N ILE B 93 9.95 26.27 -7.52
CA ILE B 93 9.95 27.00 -8.78
C ILE B 93 11.04 28.07 -8.71
N ALA B 94 11.89 28.11 -9.72
CA ALA B 94 12.92 29.15 -9.81
C ALA B 94 12.28 30.44 -10.34
N TRP B 95 12.00 31.37 -9.42
CA TRP B 95 11.50 32.69 -9.79
C TRP B 95 12.28 33.29 -10.96
N PRO B 96 13.62 33.29 -10.98
CA PRO B 96 14.32 33.91 -12.11
C PRO B 96 14.26 33.09 -13.39
N ARG B 97 13.84 31.81 -13.34
CA ARG B 97 13.59 31.08 -14.58
C ARG B 97 12.26 31.50 -15.19
N VAL B 98 11.24 31.78 -14.38
CA VAL B 98 9.92 32.06 -14.94
C VAL B 98 9.65 33.56 -15.11
N ILE B 99 10.26 34.41 -14.29
CA ILE B 99 10.19 35.86 -14.47
C ILE B 99 11.61 36.40 -14.30
N PRO B 100 12.44 36.39 -15.35
CA PRO B 100 13.85 36.79 -15.19
C PRO B 100 14.03 38.20 -14.64
N SER B 101 13.13 39.12 -14.95
CA SER B 101 13.22 40.49 -14.45
C SER B 101 12.57 40.64 -13.08
N GLY B 102 12.14 39.55 -12.46
CA GLY B 102 11.59 39.61 -11.10
C GLY B 102 10.14 40.02 -11.06
N TYR B 103 9.83 41.16 -11.66
CA TYR B 103 8.44 41.52 -11.91
C TYR B 103 8.35 41.92 -13.37
N GLY B 104 7.24 41.51 -14.00
CA GLY B 104 7.03 41.74 -15.42
C GLY B 104 6.76 40.42 -16.14
N ALA B 105 7.31 40.31 -17.35
CA ALA B 105 6.87 39.30 -18.29
C ALA B 105 7.28 37.88 -17.88
N LEU B 106 6.37 36.94 -18.07
CA LEU B 106 6.69 35.54 -17.93
C LEU B 106 7.63 35.08 -19.03
N ASN B 107 8.55 34.19 -18.66
CA ASN B 107 9.40 33.48 -19.62
C ASN B 107 8.70 32.17 -19.98
N LYS B 108 8.13 32.13 -21.19
CA LYS B 108 7.29 31.00 -21.58
C LYS B 108 8.09 29.70 -21.56
N GLU B 109 9.35 29.76 -21.95
CA GLU B 109 10.19 28.56 -21.95
C GLU B 109 10.35 28.01 -20.55
N GLY B 110 10.52 28.89 -19.56
CA GLY B 110 10.62 28.45 -18.18
C GLY B 110 9.31 27.87 -17.66
N MET B 111 8.20 28.55 -17.96
CA MET B 111 6.90 28.01 -17.54
C MET B 111 6.64 26.65 -18.18
N ASP B 112 7.02 26.47 -19.44
CA ASP B 112 6.81 25.18 -20.10
C ASP B 112 7.60 24.06 -19.42
N PHE B 113 8.79 24.37 -18.90
CA PHE B 113 9.54 23.36 -18.15
C PHE B 113 8.74 22.89 -16.93
N TYR B 114 8.21 23.81 -16.14
CA TYR B 114 7.45 23.38 -14.97
C TYR B 114 6.17 22.68 -15.38
N ASP B 115 5.54 23.08 -16.49
CA ASP B 115 4.40 22.32 -17.01
C ASP B 115 4.80 20.88 -17.29
N ARG B 116 5.94 20.67 -17.95
CA ARG B 116 6.38 19.32 -18.29
C ARG B 116 6.72 18.52 -17.03
N LEU B 117 7.35 19.17 -16.06
CA LEU B 117 7.66 18.53 -14.79
C LEU B 117 6.38 18.10 -14.07
N ILE B 118 5.43 19.03 -13.93
CA ILE B 118 4.19 18.76 -13.22
C ILE B 118 3.41 17.64 -13.91
N ASP B 119 3.24 17.76 -15.23
CA ASP B 119 2.46 16.78 -15.95
C ASP B 119 3.14 15.42 -15.90
N GLY B 120 4.48 15.39 -15.92
CA GLY B 120 5.18 14.13 -15.81
C GLY B 120 5.01 13.48 -14.46
N ALA B 121 5.02 14.29 -13.40
CA ALA B 121 4.79 13.75 -12.06
C ALA B 121 3.39 13.15 -11.95
N LEU B 122 2.38 13.89 -12.41
CA LEU B 122 1.00 13.43 -12.33
C LEU B 122 0.78 12.17 -13.16
N GLU B 123 1.43 12.06 -14.32
CA GLU B 123 1.31 10.85 -15.12
C GLU B 123 1.81 9.63 -14.35
N ARG B 124 2.78 9.83 -13.46
CA ARG B 124 3.34 8.76 -12.66
C ARG B 124 2.63 8.58 -11.33
N GLY B 125 1.56 9.33 -11.08
CA GLY B 125 0.84 9.20 -9.82
C GLY B 125 1.44 9.96 -8.67
N ILE B 126 2.32 10.93 -8.96
CA ILE B 126 3.03 11.68 -7.93
C ILE B 126 2.40 13.07 -7.83
N THR B 127 2.10 13.50 -6.60
CA THR B 127 1.55 14.83 -6.36
C THR B 127 2.69 15.84 -6.18
N PRO B 128 2.86 16.81 -7.09
CA PRO B 128 3.88 17.85 -6.87
C PRO B 128 3.41 18.85 -5.84
N TRP B 129 4.33 19.18 -4.93
CA TRP B 129 4.13 20.20 -3.88
C TRP B 129 5.05 21.37 -4.17
N PRO B 130 4.58 22.44 -4.79
CA PRO B 130 5.49 23.54 -5.16
C PRO B 130 5.82 24.45 -3.98
N THR B 131 7.12 24.74 -3.83
CA THR B 131 7.62 25.82 -2.99
C THR B 131 7.93 27.00 -3.90
N LEU B 132 7.37 28.17 -3.58
CA LEU B 132 7.53 29.32 -4.45
C LEU B 132 8.87 30.01 -4.27
N TYR B 133 9.40 30.05 -3.04
CA TYR B 133 10.68 30.71 -2.78
C TYR B 133 11.59 29.81 -1.98
N HIS B 134 12.62 29.28 -2.64
CA HIS B 134 13.67 28.52 -1.98
C HIS B 134 15.02 29.17 -2.30
N TRP B 135 15.11 30.49 -2.07
CA TRP B 135 16.32 31.26 -1.84
C TRP B 135 16.91 31.86 -3.11
N ASP B 136 16.41 31.52 -4.29
CA ASP B 136 17.00 31.98 -5.54
C ASP B 136 16.30 33.24 -6.06
N LEU B 137 16.38 34.31 -5.25
CA LEU B 137 15.83 35.60 -5.65
C LEU B 137 16.44 36.05 -6.96
N PRO B 138 15.65 36.56 -7.90
CA PRO B 138 16.24 37.14 -9.12
C PRO B 138 17.22 38.26 -8.77
N GLN B 139 18.39 38.23 -9.42
CA GLN B 139 19.37 39.30 -9.21
C GLN B 139 18.80 40.65 -9.61
N SER B 140 17.89 40.67 -10.59
CA SER B 140 17.24 41.91 -11.01
C SER B 140 16.53 42.59 -9.85
N LEU B 141 16.02 41.82 -8.89
CA LEU B 141 15.37 42.37 -7.72
C LEU B 141 16.34 42.68 -6.60
N GLN B 142 17.39 41.86 -6.44
CA GLN B 142 18.45 42.21 -5.50
C GLN B 142 19.07 43.56 -5.84
N ASP B 143 19.20 43.86 -7.14
CA ASP B 143 19.74 45.14 -7.56
C ASP B 143 18.88 46.31 -7.12
N LYS B 144 17.63 46.06 -6.77
CA LYS B 144 16.72 47.06 -6.24
C LYS B 144 16.59 46.99 -4.72
N GLY B 145 17.45 46.20 -4.06
CA GLY B 145 17.42 46.05 -2.63
C GLY B 145 17.03 44.67 -2.14
N GLY B 146 16.50 43.82 -3.01
CA GLY B 146 16.08 42.50 -2.59
C GLY B 146 15.12 42.57 -1.42
N TRP B 147 15.27 41.64 -0.48
CA TRP B 147 14.35 41.55 0.64
C TRP B 147 14.48 42.71 1.61
N ASN B 148 15.51 43.53 1.50
CA ASN B 148 15.55 44.75 2.30
C ASN B 148 14.48 45.73 1.88
N ASN B 149 14.05 45.65 0.62
CA ASN B 149 13.08 46.56 0.03
C ASN B 149 11.69 46.01 0.27
N ARG B 150 10.83 46.79 0.95
CA ARG B 150 9.48 46.34 1.23
C ARG B 150 8.76 45.90 -0.03
N ASP B 151 9.05 46.53 -1.18
CA ASP B 151 8.38 46.17 -2.42
C ASP B 151 8.59 44.70 -2.78
N CYS B 152 9.67 44.09 -2.30
CA CYS B 152 9.95 42.70 -2.65
C CYS B 152 8.87 41.76 -2.15
N ALA B 153 8.22 42.10 -1.02
CA ALA B 153 7.10 41.28 -0.56
C ALA B 153 5.98 41.27 -1.59
N TYR B 154 5.73 42.42 -2.22
CA TYR B 154 4.67 42.53 -3.21
C TYR B 154 5.08 41.93 -4.54
N TRP B 155 6.35 42.11 -4.92
CA TRP B 155 6.84 41.43 -6.12
C TRP B 155 6.67 39.92 -5.98
N PHE B 156 6.99 39.40 -4.79
CA PHE B 156 6.85 37.97 -4.54
C PHE B 156 5.39 37.54 -4.61
N ALA B 157 4.49 38.35 -4.08
CA ALA B 157 3.08 37.99 -4.11
C ALA B 157 2.55 37.98 -5.54
N GLU B 158 3.00 38.91 -6.37
CA GLU B 158 2.55 38.93 -7.76
C GLU B 158 3.08 37.72 -8.52
N TYR B 159 4.35 37.37 -8.30
CA TYR B 159 4.92 36.16 -8.86
C TYR B 159 4.13 34.94 -8.42
N SER B 160 3.80 34.85 -7.13
CA SER B 160 3.05 33.72 -6.61
C SER B 160 1.68 33.61 -7.25
N GLN B 161 0.98 34.74 -7.40
CA GLN B 161 -0.32 34.73 -8.06
C GLN B 161 -0.21 34.18 -9.47
N LYS B 162 0.82 34.60 -10.21
CA LYS B 162 0.98 34.12 -11.58
C LYS B 162 1.23 32.63 -11.61
N MET B 163 2.01 32.11 -10.65
CA MET B 163 2.26 30.68 -10.62
C MET B 163 0.99 29.91 -10.31
N ALA B 164 0.19 30.40 -9.35
CA ALA B 164 -1.07 29.73 -9.04
C ALA B 164 -2.02 29.78 -10.22
N GLU B 165 -2.08 30.91 -10.92
CA GLU B 165 -2.94 31.00 -12.10
C GLU B 165 -2.54 29.97 -13.16
N ALA B 166 -1.24 29.74 -13.30
CA ALA B 166 -0.74 28.83 -14.33
C ALA B 166 -0.90 27.36 -13.95
N PHE B 167 -0.69 27.03 -12.67
CA PHE B 167 -0.49 25.65 -12.26
C PHE B 167 -1.51 25.11 -11.27
N SER B 168 -2.36 25.95 -10.67
CA SER B 168 -3.21 25.43 -9.61
C SER B 168 -4.41 24.64 -10.13
N ASP B 169 -4.63 24.56 -11.45
CA ASP B 169 -5.57 23.60 -11.97
C ASP B 169 -5.15 22.19 -11.60
N ARG B 170 -3.84 21.97 -11.47
CA ARG B 170 -3.26 20.69 -11.11
C ARG B 170 -2.72 20.65 -9.69
N LEU B 171 -2.07 21.72 -9.25
CA LEU B 171 -1.35 21.75 -7.97
C LEU B 171 -2.24 22.41 -6.92
N LYS B 172 -2.62 21.63 -5.90
CA LYS B 172 -3.56 22.10 -4.89
C LYS B 172 -2.91 22.45 -3.56
N ASN B 173 -1.67 22.01 -3.30
CA ASN B 173 -0.99 22.22 -2.03
C ASN B 173 0.26 23.05 -2.26
N TRP B 174 0.24 24.29 -1.77
CA TRP B 174 1.29 25.26 -2.03
C TRP B 174 2.07 25.53 -0.74
N ILE B 175 3.37 25.83 -0.92
CA ILE B 175 4.19 26.39 0.13
C ILE B 175 4.77 27.71 -0.39
N THR B 176 4.69 28.76 0.41
CA THR B 176 5.17 30.06 -0.04
C THR B 176 6.69 30.13 0.00
N ILE B 177 7.27 30.25 1.20
CA ILE B 177 8.71 30.41 1.35
C ILE B 177 9.27 29.27 2.19
N ASN B 178 10.57 29.05 2.02
CA ASN B 178 11.32 28.01 2.71
C ASN B 178 12.37 28.66 3.59
N GLU B 179 12.32 28.37 4.91
CA GLU B 179 13.37 28.71 5.86
C GLU B 179 13.78 30.18 5.79
N PRO B 180 12.89 31.10 6.15
CA PRO B 180 13.31 32.50 6.23
C PRO B 180 14.46 32.75 7.19
N PHE B 181 14.67 31.89 8.20
CA PHE B 181 15.87 32.01 9.03
C PHE B 181 17.12 32.13 8.17
N CYS B 182 17.22 31.27 7.16
CA CYS B 182 18.41 31.25 6.32
C CYS B 182 18.46 32.48 5.43
N SER B 183 17.35 32.78 4.74
CA SER B 183 17.34 33.93 3.83
C SER B 183 17.58 35.24 4.58
N ALA B 184 16.99 35.40 5.76
CA ALA B 184 17.15 36.65 6.51
C ALA B 184 18.48 36.69 7.25
N TRP B 185 18.69 35.81 8.22
CA TRP B 185 19.88 35.93 9.06
C TRP B 185 21.14 35.49 8.34
N LEU B 186 21.13 34.30 7.72
CA LEU B 186 22.36 33.84 7.10
C LEU B 186 22.69 34.65 5.84
N GLY B 187 21.67 35.17 5.16
CA GLY B 187 21.88 35.94 3.95
C GLY B 187 22.17 37.43 4.15
N HIS B 188 21.70 38.01 5.26
CA HIS B 188 21.81 39.45 5.45
C HIS B 188 22.46 39.89 6.77
N LEU B 189 22.61 39.00 7.76
CA LEU B 189 23.33 39.33 8.98
C LEU B 189 24.71 38.69 9.03
N TYR B 190 24.78 37.39 8.78
CA TYR B 190 26.07 36.70 8.81
C TYR B 190 26.75 36.65 7.45
N GLY B 191 26.01 36.89 6.37
CA GLY B 191 26.61 36.98 5.06
C GLY B 191 27.20 35.69 4.54
N VAL B 192 26.80 34.54 5.11
CA VAL B 192 27.34 33.27 4.66
C VAL B 192 26.46 32.62 3.61
N MET B 193 25.30 33.20 3.31
CA MET B 193 24.44 32.80 2.21
C MET B 193 24.13 34.05 1.40
N ALA B 194 23.71 33.83 0.16
CA ALA B 194 23.35 34.95 -0.70
C ALA B 194 22.26 35.79 -0.05
N PRO B 195 22.30 37.13 -0.20
CA PRO B 195 23.23 37.89 -1.02
C PRO B 195 24.56 38.27 -0.36
N GLY B 196 24.85 37.75 0.83
CA GLY B 196 26.14 37.98 1.45
C GLY B 196 26.27 39.26 2.23
N ILE B 197 25.18 39.82 2.71
CA ILE B 197 25.19 41.07 3.45
C ILE B 197 25.37 40.77 4.94
N LYS B 198 25.95 41.72 5.67
CA LYS B 198 26.29 41.53 7.08
C LYS B 198 25.84 42.77 7.85
N ASP B 199 24.55 42.83 8.17
CA ASP B 199 24.00 44.00 8.85
C ASP B 199 22.71 43.63 9.56
N LEU B 200 22.65 43.88 10.87
CA LEU B 200 21.49 43.43 11.64
C LEU B 200 20.21 44.08 11.16
N LYS B 201 20.21 45.41 10.97
CA LYS B 201 18.98 46.07 10.52
C LYS B 201 18.51 45.51 9.18
N THR B 202 19.44 45.26 8.26
CA THR B 202 19.04 44.67 6.98
C THR B 202 18.44 43.29 7.18
N GLY B 203 19.03 42.49 8.06
CA GLY B 203 18.46 41.18 8.37
C GLY B 203 17.07 41.28 8.96
N ILE B 204 16.85 42.26 9.84
CA ILE B 204 15.52 42.48 10.41
C ILE B 204 14.54 42.84 9.30
N ASN B 205 14.91 43.81 8.46
CA ASN B 205 14.04 44.21 7.35
C ASN B 205 13.72 43.01 6.46
N ALA B 206 14.76 42.25 6.11
CA ALA B 206 14.55 41.09 5.24
C ALA B 206 13.61 40.08 5.88
N SER B 207 13.78 39.81 7.18
CA SER B 207 12.90 38.85 7.84
C SER B 207 11.44 39.30 7.74
N HIS B 208 11.19 40.59 7.95
CA HIS B 208 9.81 41.08 7.91
C HIS B 208 9.24 41.01 6.50
N HIS B 209 10.05 41.33 5.49
CA HIS B 209 9.52 41.34 4.14
C HIS B 209 9.38 39.93 3.58
N LEU B 210 10.21 38.98 4.03
CA LEU B 210 9.97 37.57 3.70
C LEU B 210 8.63 37.11 4.27
N LEU B 211 8.39 37.42 5.54
CA LEU B 211 7.16 36.98 6.19
C LEU B 211 5.95 37.70 5.61
N LEU B 212 6.08 39.00 5.34
CA LEU B 212 5.00 39.72 4.67
C LEU B 212 4.76 39.16 3.28
N GLY B 213 5.83 38.82 2.55
CA GLY B 213 5.65 38.18 1.27
C GLY B 213 4.89 36.88 1.39
N HIS B 214 5.24 36.07 2.39
CA HIS B 214 4.48 34.84 2.65
C HIS B 214 2.98 35.14 2.80
N GLY B 215 2.65 36.13 3.63
CA GLY B 215 1.25 36.41 3.89
C GLY B 215 0.53 36.95 2.67
N LEU B 216 1.16 37.88 1.95
CA LEU B 216 0.56 38.43 0.74
C LEU B 216 0.37 37.34 -0.30
N ALA B 217 1.37 36.47 -0.45
CA ALA B 217 1.28 35.38 -1.42
C ALA B 217 0.19 34.40 -1.03
N THR B 218 0.06 34.09 0.26
CA THR B 218 -1.03 33.21 0.71
C THR B 218 -2.38 33.77 0.30
N LYS B 219 -2.60 35.06 0.57
CA LYS B 219 -3.87 35.68 0.19
C LYS B 219 -4.07 35.67 -1.33
N ALA B 220 -3.00 35.93 -2.09
CA ALA B 220 -3.12 35.94 -3.55
C ALA B 220 -3.46 34.56 -4.09
N ILE B 221 -2.86 33.51 -3.54
CA ILE B 221 -3.15 32.15 -4.00
C ILE B 221 -4.59 31.80 -3.71
N ARG B 222 -5.08 32.13 -2.52
CA ARG B 222 -6.46 31.79 -2.17
CA ARG B 222 -6.45 31.79 -2.17
C ARG B 222 -7.46 32.56 -3.03
N GLU B 223 -7.07 33.74 -3.51
CA GLU B 223 -7.94 34.49 -4.42
C GLU B 223 -8.05 33.78 -5.77
N VAL B 224 -7.05 32.97 -6.14
CA VAL B 224 -7.15 32.23 -7.40
C VAL B 224 -8.21 31.14 -7.28
N SER B 225 -8.20 30.40 -6.17
CA SER B 225 -9.22 29.39 -5.96
C SER B 225 -9.28 29.02 -4.49
N SER B 226 -10.51 28.91 -3.97
CA SER B 226 -10.73 28.63 -2.56
C SER B 226 -10.46 27.19 -2.17
N GLU B 227 -10.29 26.27 -3.13
CA GLU B 227 -9.93 24.90 -2.77
CA GLU B 227 -9.92 24.90 -2.77
C GLU B 227 -8.43 24.74 -2.51
N LEU B 228 -7.62 25.75 -2.84
CA LEU B 228 -6.18 25.61 -2.73
C LEU B 228 -5.76 25.70 -1.28
N LYS B 229 -4.76 24.91 -0.92
CA LYS B 229 -4.18 24.90 0.40
C LYS B 229 -2.81 25.58 0.36
N VAL B 230 -2.47 26.26 1.45
CA VAL B 230 -1.24 27.03 1.52
C VAL B 230 -0.61 26.85 2.89
N GLY B 231 0.71 26.72 2.91
CA GLY B 231 1.47 26.75 4.15
C GLY B 231 2.80 27.46 3.94
N ILE B 232 3.59 27.46 5.00
CA ILE B 232 4.95 27.99 5.00
C ILE B 232 5.84 26.87 5.52
N THR B 233 7.11 26.88 5.08
CA THR B 233 8.10 25.96 5.61
C THR B 233 9.05 26.72 6.52
N LEU B 234 9.07 26.33 7.79
CA LEU B 234 10.01 26.85 8.78
C LEU B 234 10.92 25.74 9.26
N ASN B 235 12.22 26.02 9.36
CA ASN B 235 13.13 25.14 10.07
C ASN B 235 13.19 25.56 11.52
N PHE B 236 13.11 24.59 12.42
CA PHE B 236 13.27 24.84 13.84
CA PHE B 236 13.25 24.83 13.85
C PHE B 236 14.49 24.09 14.33
N THR B 237 15.30 24.77 15.13
CA THR B 237 16.52 24.23 15.72
C THR B 237 16.35 24.32 17.23
N PRO B 238 15.89 23.25 17.88
CA PRO B 238 15.74 23.29 19.34
C PRO B 238 17.07 23.61 19.99
N ALA B 239 17.01 24.40 21.07
CA ALA B 239 18.21 24.82 21.79
C ALA B 239 18.26 24.18 23.18
N ILE B 240 19.44 23.71 23.54
CA ILE B 240 19.73 23.23 24.89
C ILE B 240 21.04 23.87 25.35
N THR B 241 21.31 23.75 26.64
CA THR B 241 22.60 24.11 27.19
C THR B 241 23.08 22.99 28.10
N LEU B 242 24.41 22.85 28.18
CA LEU B 242 25.03 21.96 29.14
C LEU B 242 25.22 22.59 30.50
N GLY B 243 25.07 23.91 30.60
CA GLY B 243 25.28 24.58 31.87
C GLY B 243 24.01 24.64 32.70
N GLU B 244 24.19 24.98 33.97
CA GLU B 244 23.08 25.11 34.90
C GLU B 244 22.83 26.54 35.34
N SER B 245 23.72 27.48 35.00
CA SER B 245 23.57 28.85 35.45
C SER B 245 22.33 29.49 34.82
N SER B 246 21.82 30.53 35.50
CA SER B 246 20.69 31.26 34.95
C SER B 246 21.05 31.91 33.63
N GLU B 247 22.31 32.35 33.47
CA GLU B 247 22.69 32.98 32.21
C GLU B 247 22.74 31.98 31.06
N ASP B 248 23.12 30.73 31.32
CA ASP B 248 23.07 29.72 30.27
C ASP B 248 21.63 29.36 29.92
N LYS B 249 20.72 29.41 30.89
CA LYS B 249 19.31 29.22 30.58
C LYS B 249 18.78 30.39 29.75
N LEU B 250 19.26 31.61 30.03
CA LEU B 250 18.93 32.74 29.18
C LEU B 250 19.45 32.54 27.77
N ALA B 251 20.66 31.99 27.63
CA ALA B 251 21.20 31.72 26.29
C ALA B 251 20.28 30.81 25.48
N VAL B 252 19.70 29.80 26.12
CA VAL B 252 18.75 28.92 25.43
C VAL B 252 17.55 29.73 24.94
N GLU B 253 17.03 30.61 25.79
CA GLU B 253 15.89 31.42 25.40
C GLU B 253 16.24 32.34 24.23
N LEU B 254 17.43 32.94 24.25
CA LEU B 254 17.84 33.83 23.16
C LEU B 254 18.01 33.07 21.86
N ALA B 255 18.65 31.91 21.91
CA ALA B 255 18.84 31.12 20.69
C ALA B 255 17.52 30.64 20.14
N ASP B 256 16.63 30.17 21.03
CA ASP B 256 15.30 29.77 20.59
C ASP B 256 14.55 30.92 19.97
N GLY B 257 14.68 32.12 20.54
CA GLY B 257 14.01 33.28 19.99
C GLY B 257 14.55 33.70 18.64
N PHE B 258 15.88 33.68 18.50
CA PHE B 258 16.53 34.10 17.25
C PHE B 258 16.22 33.13 16.12
N ASP B 259 16.30 31.83 16.39
CA ASP B 259 16.18 30.82 15.34
C ASP B 259 14.72 30.51 15.02
N ASN B 260 13.88 30.42 16.06
CA ASN B 260 12.58 29.79 15.95
C ASN B 260 11.45 30.77 16.14
N ARG B 261 11.38 31.43 17.30
CA ARG B 261 10.22 32.28 17.60
C ARG B 261 10.19 33.53 16.73
N TRP B 262 11.35 34.01 16.25
CA TRP B 262 11.37 35.19 15.40
C TRP B 262 10.52 35.00 14.16
N PHE B 263 10.42 33.77 13.67
CA PHE B 263 9.65 33.46 12.48
C PHE B 263 8.32 32.77 12.79
N GLY B 264 8.28 31.92 13.82
CA GLY B 264 7.03 31.26 14.18
C GLY B 264 6.03 32.20 14.83
N ASP B 265 6.50 33.11 15.69
CA ASP B 265 5.55 33.99 16.39
C ASP B 265 4.81 34.91 15.43
N PRO B 266 5.44 35.53 14.43
CA PRO B 266 4.63 36.35 13.50
C PRO B 266 3.56 35.54 12.79
N VAL B 267 3.90 34.33 12.37
CA VAL B 267 2.98 33.52 11.56
C VAL B 267 1.80 33.04 12.39
N PHE B 268 2.05 32.59 13.62
CA PHE B 268 1.03 31.95 14.45
C PHE B 268 0.52 32.80 15.60
N LYS B 269 1.23 33.89 15.94
CA LYS B 269 0.85 34.74 17.05
C LYS B 269 0.77 36.22 16.68
N ALA B 270 1.08 36.59 15.43
CA ALA B 270 0.91 37.94 14.92
C ALA B 270 1.81 38.96 15.63
N LYS B 271 2.94 38.51 16.17
CA LYS B 271 3.89 39.40 16.80
C LYS B 271 5.29 38.81 16.73
N TYR B 272 6.28 39.68 16.83
CA TYR B 272 7.66 39.26 16.99
C TYR B 272 7.95 39.05 18.47
N PRO B 273 8.82 38.10 18.82
CA PRO B 273 9.12 37.84 20.24
C PRO B 273 9.75 39.04 20.91
N GLU B 274 9.08 39.57 21.93
CA GLU B 274 9.46 40.86 22.50
C GLU B 274 10.84 40.80 23.15
N ASP B 275 11.24 39.65 23.70
CA ASP B 275 12.56 39.59 24.32
C ASP B 275 13.66 39.76 23.29
N ILE B 276 13.45 39.28 22.07
CA ILE B 276 14.45 39.42 21.02
C ILE B 276 14.42 40.83 20.44
N VAL B 277 13.22 41.39 20.22
CA VAL B 277 13.10 42.78 19.80
C VAL B 277 13.87 43.68 20.75
N LYS B 278 13.65 43.50 22.05
CA LYS B 278 14.32 44.34 23.03
C LYS B 278 15.84 44.13 22.99
N ALA B 279 16.27 42.88 22.84
CA ALA B 279 17.71 42.61 22.82
C ALA B 279 18.38 43.20 21.58
N PHE B 280 17.68 43.19 20.43
CA PHE B 280 18.22 43.83 19.23
C PHE B 280 18.32 45.33 19.39
N GLY B 281 17.34 45.95 20.05
CA GLY B 281 17.32 47.40 20.16
C GLY B 281 16.98 48.11 18.87
N LYS B 282 16.36 47.41 17.92
CA LYS B 282 16.01 47.95 16.62
C LYS B 282 14.51 47.80 16.39
N GLU B 283 13.99 48.60 15.47
CA GLU B 283 12.57 48.55 15.13
C GLU B 283 12.36 47.62 13.94
N VAL B 284 11.36 46.75 14.03
CA VAL B 284 10.92 45.97 12.87
C VAL B 284 10.06 46.91 12.02
N PRO B 285 10.23 46.96 10.69
CA PRO B 285 9.49 47.96 9.88
C PRO B 285 8.06 47.54 9.60
N ILE B 286 7.27 47.48 10.67
CA ILE B 286 5.88 47.00 10.61
C ILE B 286 4.98 48.17 10.21
N HIS B 287 4.23 48.00 9.11
CA HIS B 287 3.22 48.93 8.66
C HIS B 287 1.82 48.42 9.00
N PRO B 288 0.82 49.30 9.00
CA PRO B 288 -0.56 48.85 9.20
C PRO B 288 -0.95 47.71 8.26
N GLY B 289 -1.59 46.70 8.83
CA GLY B 289 -2.03 45.54 8.10
C GLY B 289 -1.02 44.41 8.03
N ASP B 290 0.26 44.69 8.28
CA ASP B 290 1.29 43.68 8.06
C ASP B 290 1.08 42.46 8.95
N MET B 291 0.87 42.67 10.25
CA MET B 291 0.83 41.51 11.13
C MET B 291 -0.41 40.66 10.90
N GLU B 292 -1.53 41.28 10.51
CA GLU B 292 -2.71 40.52 10.12
C GLU B 292 -2.43 39.67 8.88
N ILE B 293 -1.69 40.23 7.93
CA ILE B 293 -1.36 39.49 6.71
C ILE B 293 -0.40 38.34 7.03
N ILE B 294 0.64 38.63 7.81
CA ILE B 294 1.64 37.60 8.11
C ILE B 294 1.01 36.43 8.85
N SER B 295 0.02 36.70 9.71
CA SER B 295 -0.59 35.69 10.55
C SER B 295 -1.84 35.06 9.93
N THR B 296 -2.01 35.21 8.63
CA THR B 296 -3.20 34.68 7.98
C THR B 296 -3.25 33.17 8.18
N PRO B 297 -4.44 32.61 8.38
CA PRO B 297 -4.53 31.17 8.71
C PRO B 297 -3.95 30.31 7.59
N LEU B 298 -3.25 29.25 8.00
CA LEU B 298 -2.61 28.32 7.08
C LEU B 298 -3.23 26.94 7.19
N ASP B 299 -3.20 26.23 6.07
CA ASP B 299 -3.69 24.86 6.07
C ASP B 299 -2.72 23.90 6.75
N TYR B 300 -1.43 24.22 6.75
CA TYR B 300 -0.44 23.36 7.39
C TYR B 300 0.83 24.16 7.62
N LEU B 301 1.65 23.64 8.52
CA LEU B 301 3.03 24.04 8.67
C LEU B 301 3.90 22.99 8.00
N GLY B 302 4.79 23.44 7.12
CA GLY B 302 5.88 22.60 6.66
C GLY B 302 7.04 22.74 7.62
N LEU B 303 7.40 21.65 8.29
CA LEU B 303 8.44 21.70 9.30
C LEU B 303 9.71 21.06 8.75
N ASN B 304 10.81 21.77 8.85
CA ASN B 304 12.13 21.23 8.55
C ASN B 304 12.87 21.02 9.87
N TYR B 305 13.42 19.82 10.06
CA TYR B 305 14.20 19.54 11.24
C TYR B 305 15.39 18.67 10.86
N TYR B 306 16.55 19.02 11.39
CA TYR B 306 17.76 18.23 11.24
C TYR B 306 18.50 17.99 12.55
N PHE B 307 18.58 18.99 13.43
CA PHE B 307 19.43 18.88 14.61
C PHE B 307 19.00 19.88 15.66
N ARG B 308 19.49 19.67 16.88
CA ARG B 308 19.39 20.62 17.96
C ARG B 308 20.72 21.35 18.12
N GLN B 309 20.65 22.57 18.65
CA GLN B 309 21.84 23.36 18.94
C GLN B 309 22.09 23.39 20.43
N THR B 310 23.37 23.40 20.80
CA THR B 310 23.81 23.54 22.17
C THR B 310 24.48 24.90 22.30
N VAL B 311 24.09 25.67 23.31
CA VAL B 311 24.54 27.05 23.45
C VAL B 311 24.97 27.31 24.89
N GLU B 312 25.65 28.44 25.07
CA GLU B 312 26.00 28.97 26.38
C GLU B 312 26.06 30.48 26.29
N TYR B 313 25.94 31.13 27.44
CA TYR B 313 25.96 32.58 27.47
C TYR B 313 27.34 33.11 27.10
N ASP B 314 27.37 34.23 26.39
CA ASP B 314 28.62 34.88 25.99
C ASP B 314 28.34 36.38 25.91
N ALA B 315 28.76 37.10 26.95
CA ALA B 315 28.45 38.53 27.04
C ALA B 315 29.04 39.33 25.87
N THR B 316 30.06 38.81 25.19
CA THR B 316 30.72 39.52 24.11
C THR B 316 30.08 39.26 22.75
N ALA B 317 29.21 38.27 22.63
CA ALA B 317 28.69 37.87 21.34
C ALA B 317 27.64 38.85 20.84
N LYS B 318 27.53 38.93 19.52
CA LYS B 318 26.60 39.84 18.84
C LYS B 318 25.92 39.07 17.72
N PRO B 319 24.65 39.41 17.40
CA PRO B 319 23.85 40.47 18.02
C PRO B 319 23.27 40.12 19.39
N LEU B 320 23.33 38.84 19.77
CA LEU B 320 22.78 38.40 21.04
C LEU B 320 23.87 37.70 21.85
N PRO B 321 23.83 37.81 23.19
CA PRO B 321 24.96 37.34 24.04
C PRO B 321 24.95 35.83 24.31
N TYR B 322 25.04 35.05 23.25
CA TYR B 322 25.23 33.60 23.38
C TYR B 322 26.10 33.10 22.23
N LYS B 323 26.68 31.93 22.43
CA LYS B 323 27.49 31.29 21.40
C LYS B 323 27.08 29.83 21.27
N GLN B 324 27.36 29.29 20.08
CA GLN B 324 27.23 27.86 19.86
C GLN B 324 28.30 27.09 20.62
N VAL B 325 27.91 25.92 21.10
CA VAL B 325 28.80 24.97 21.74
C VAL B 325 28.75 23.68 20.94
N THR B 326 29.90 23.03 20.78
CA THR B 326 29.97 21.70 20.19
C THR B 326 30.00 20.72 21.36
N ALA B 327 28.85 20.18 21.71
CA ALA B 327 28.78 19.29 22.87
C ALA B 327 29.69 18.09 22.66
N PRO B 328 30.36 17.61 23.70
CA PRO B 328 31.26 16.46 23.53
C PRO B 328 30.51 15.15 23.46
N ASN B 329 31.12 14.20 22.74
CA ASN B 329 30.74 12.79 22.79
C ASN B 329 29.31 12.52 22.33
N VAL B 330 28.87 13.20 21.29
CA VAL B 330 27.58 12.90 20.67
C VAL B 330 27.80 12.51 19.22
N GLU B 331 26.91 11.66 18.72
CA GLU B 331 26.93 11.26 17.32
C GLU B 331 26.70 12.49 16.44
N ARG B 332 27.49 12.60 15.37
CA ARG B 332 27.37 13.72 14.45
C ARG B 332 27.43 13.24 13.01
N THR B 333 26.75 13.97 12.13
CA THR B 333 26.79 13.67 10.71
C THR B 333 28.06 14.23 10.08
N GLY B 334 28.17 14.05 8.76
CA GLY B 334 29.27 14.62 8.01
C GLY B 334 29.27 16.14 7.99
N MET B 335 28.14 16.76 8.35
CA MET B 335 28.07 18.20 8.52
C MET B 335 28.59 18.66 9.88
N GLY B 336 28.85 17.74 10.79
CA GLY B 336 29.12 18.08 12.17
C GLY B 336 27.88 18.29 13.01
N TRP B 337 26.71 17.96 12.48
CA TRP B 337 25.44 18.19 13.16
C TRP B 337 25.11 17.04 14.10
N GLU B 338 24.70 17.36 15.33
CA GLU B 338 24.34 16.30 16.27
C GLU B 338 23.16 15.49 15.75
N VAL B 339 23.25 14.17 15.93
CA VAL B 339 22.15 13.26 15.66
C VAL B 339 21.47 12.99 16.98
N HIS B 340 20.22 13.44 17.12
CA HIS B 340 19.48 13.21 18.36
C HIS B 340 17.99 13.16 18.00
N ALA B 341 17.53 11.96 17.63
CA ALA B 341 16.17 11.84 17.11
C ALA B 341 15.11 12.15 18.17
N GLN B 342 15.40 11.92 19.45
CA GLN B 342 14.39 12.22 20.46
C GLN B 342 14.01 13.69 20.43
N SER B 343 14.94 14.58 20.06
CA SER B 343 14.59 16.00 19.96
C SER B 343 13.54 16.26 18.89
N PHE B 344 13.50 15.41 17.87
CA PHE B 344 12.49 15.53 16.82
C PHE B 344 11.10 15.28 17.39
N THR B 345 10.95 14.20 18.16
CA THR B 345 9.68 13.92 18.82
C THR B 345 9.26 15.09 19.68
N GLU B 346 10.17 15.57 20.52
CA GLU B 346 9.82 16.63 21.46
C GLU B 346 9.54 17.93 20.73
N LEU B 347 10.25 18.20 19.64
CA LEU B 347 9.97 19.40 18.85
C LEU B 347 8.57 19.35 18.25
N LEU B 348 8.18 18.19 17.69
CA LEU B 348 6.85 18.07 17.09
C LEU B 348 5.77 18.29 18.13
N GLU B 349 5.94 17.70 19.31
CA GLU B 349 4.98 17.93 20.40
C GLU B 349 4.94 19.39 20.79
N ARG B 350 6.10 20.03 20.91
CA ARG B 350 6.13 21.44 21.34
C ARG B 350 5.46 22.34 20.31
N VAL B 351 5.75 22.13 19.03
CA VAL B 351 5.14 22.95 17.98
C VAL B 351 3.63 22.80 18.00
N SER B 352 3.15 21.58 18.18
CA SER B 352 1.71 21.36 18.22
C SER B 352 1.07 22.10 19.39
N LYS B 353 1.74 22.15 20.54
CA LYS B 353 1.19 22.87 21.70
C LYS B 353 1.34 24.37 21.55
N GLU B 354 2.50 24.82 21.05
CA GLU B 354 2.86 26.24 21.08
C GLU B 354 2.19 27.01 19.96
N TYR B 355 2.14 26.42 18.76
CA TYR B 355 1.63 27.07 17.57
C TYR B 355 0.37 26.45 16.99
N LYS B 356 0.07 25.20 17.34
CA LYS B 356 -1.18 24.54 16.97
C LYS B 356 -1.52 24.65 15.49
N PRO B 357 -0.58 24.34 14.60
CA PRO B 357 -0.93 24.27 13.17
C PRO B 357 -1.96 23.18 12.94
N LYS B 358 -2.85 23.43 11.97
CA LYS B 358 -3.92 22.49 11.70
C LYS B 358 -3.38 21.11 11.40
N GLU B 359 -2.31 21.04 10.60
CA GLU B 359 -1.56 19.80 10.44
C GLU B 359 -0.13 20.19 10.11
N ILE B 360 0.75 19.20 10.19
CA ILE B 360 2.18 19.37 9.98
C ILE B 360 2.62 18.39 8.90
N PHE B 361 3.39 18.88 7.95
CA PHE B 361 4.11 18.03 7.01
C PHE B 361 5.59 18.23 7.30
N ILE B 362 6.33 17.14 7.42
CA ILE B 362 7.80 17.26 7.52
C ILE B 362 8.27 17.54 6.09
N THR B 363 8.53 18.80 5.76
CA THR B 363 8.95 19.12 4.40
C THR B 363 10.44 18.85 4.18
N GLU B 364 11.24 18.73 5.25
CA GLU B 364 12.63 18.29 5.14
C GLU B 364 13.09 17.62 6.42
N ASN B 365 13.79 16.51 6.24
CA ASN B 365 14.57 15.85 7.27
C ASN B 365 15.50 14.90 6.52
N GLY B 366 16.73 14.75 7.00
CA GLY B 366 17.71 13.92 6.30
C GLY B 366 19.10 14.16 6.88
N SER B 367 20.09 13.59 6.21
CA SER B 367 21.45 13.66 6.75
C SER B 367 22.48 13.47 5.64
N ALA B 368 23.65 14.05 5.87
CA ALA B 368 24.76 14.02 4.93
C ALA B 368 25.93 13.31 5.56
N TRP B 369 26.55 12.44 4.76
CA TRP B 369 27.68 11.62 5.17
C TRP B 369 28.60 11.49 3.97
N ASP B 370 29.86 11.18 4.23
CA ASP B 370 30.77 10.88 3.12
C ASP B 370 30.39 9.52 2.54
N ASP B 371 30.03 9.52 1.27
CA ASP B 371 29.63 8.32 0.56
C ASP B 371 30.80 7.83 -0.30
N GLU B 372 30.87 6.52 -0.46
CA GLU B 372 31.87 5.90 -1.32
C GLU B 372 31.15 4.98 -2.30
N VAL B 373 31.49 5.10 -3.58
CA VAL B 373 31.02 4.18 -4.60
C VAL B 373 31.97 2.99 -4.63
N VAL B 374 31.45 1.79 -4.39
CA VAL B 374 32.22 0.56 -4.42
C VAL B 374 31.48 -0.42 -5.31
N ASP B 375 32.14 -0.90 -6.36
CA ASP B 375 31.52 -1.83 -7.30
C ASP B 375 30.22 -1.25 -7.86
N GLY B 376 30.21 0.06 -8.09
CA GLY B 376 29.06 0.72 -8.69
C GLY B 376 27.87 0.91 -7.77
N LYS B 377 28.05 0.75 -6.47
CA LYS B 377 26.97 0.81 -5.50
C LYS B 377 27.41 1.72 -4.37
N VAL B 378 26.43 2.20 -3.58
CA VAL B 378 26.70 3.09 -2.46
C VAL B 378 25.97 2.54 -1.24
N ASP B 379 26.74 2.02 -0.28
CA ASP B 379 26.18 1.50 0.96
C ASP B 379 26.42 2.54 2.05
N ASP B 380 25.34 3.13 2.57
CA ASP B 380 25.39 4.29 3.45
C ASP B 380 24.66 4.01 4.76
N PRO B 381 25.19 3.08 5.57
CA PRO B 381 24.47 2.68 6.80
C PRO B 381 24.20 3.81 7.78
N ASN B 382 25.06 4.83 7.81
CA ASN B 382 24.81 5.92 8.76
C ASN B 382 23.61 6.75 8.33
N ARG B 383 23.40 6.91 7.03
CA ARG B 383 22.21 7.62 6.55
C ARG B 383 20.96 6.78 6.75
N VAL B 384 21.06 5.47 6.53
CA VAL B 384 19.95 4.56 6.85
C VAL B 384 19.56 4.69 8.31
N SER B 385 20.55 4.66 9.20
CA SER B 385 20.27 4.69 10.63
C SER B 385 19.60 6.00 11.05
N TYR B 386 20.13 7.12 10.55
CA TYR B 386 19.50 8.42 10.83
C TYR B 386 18.05 8.41 10.38
N LEU B 387 17.81 7.92 9.16
CA LEU B 387 16.47 7.92 8.61
C LEU B 387 15.54 7.05 9.43
N GLU B 388 15.95 5.83 9.75
CA GLU B 388 15.13 4.93 10.56
C GLU B 388 14.75 5.58 11.88
N ARG B 389 15.74 6.15 12.57
CA ARG B 389 15.49 6.67 13.91
C ARG B 389 14.63 7.94 13.87
N HIS B 390 14.77 8.76 12.83
CA HIS B 390 13.96 9.96 12.78
C HIS B 390 12.53 9.66 12.32
N LEU B 391 12.35 8.66 11.47
CA LEU B 391 11.00 8.22 11.18
C LEU B 391 10.33 7.65 12.43
N ASP B 392 11.05 6.81 13.18
CA ASP B 392 10.54 6.31 14.45
C ASP B 392 10.12 7.46 15.36
N ALA B 393 10.99 8.48 15.47
CA ALA B 393 10.72 9.60 16.37
C ALA B 393 9.51 10.40 15.91
N MET B 394 9.34 10.57 14.60
CA MET B 394 8.19 11.27 14.08
CA MET B 394 8.19 11.27 14.08
C MET B 394 6.90 10.50 14.38
N PHE B 395 6.90 9.19 14.15
CA PHE B 395 5.70 8.41 14.42
C PHE B 395 5.40 8.35 15.91
N ALA B 396 6.43 8.43 16.76
CA ALA B 396 6.19 8.52 18.20
C ALA B 396 5.35 9.75 18.53
N ALA B 397 5.64 10.87 17.87
CA ALA B 397 4.84 12.08 18.08
C ALA B 397 3.44 11.91 17.51
N LYS B 398 3.33 11.30 16.33
CA LYS B 398 2.01 11.08 15.75
C LYS B 398 1.16 10.20 16.65
N ASN B 399 1.77 9.18 17.26
CA ASN B 399 1.02 8.31 18.16
C ASN B 399 0.63 9.00 19.47
N LYS B 400 1.23 10.15 19.78
CA LYS B 400 0.81 10.98 20.89
C LYS B 400 -0.25 12.01 20.48
N GLY B 401 -0.66 12.02 19.22
CA GLY B 401 -1.71 12.92 18.76
C GLY B 401 -1.24 14.10 17.93
N VAL B 402 0.04 14.22 17.66
CA VAL B 402 0.49 15.34 16.81
C VAL B 402 0.04 15.08 15.39
N PRO B 403 -0.60 16.05 14.71
CA PRO B 403 -1.17 15.79 13.36
C PRO B 403 -0.14 15.89 12.26
N ILE B 404 0.78 14.94 12.23
CA ILE B 404 1.80 14.86 11.19
C ILE B 404 1.18 14.07 10.04
N SER B 405 0.97 14.73 8.91
CA SER B 405 0.26 14.13 7.78
C SER B 405 1.18 13.61 6.68
N GLY B 406 2.49 13.85 6.77
CA GLY B 406 3.40 13.32 5.76
C GLY B 406 4.82 13.66 6.10
N TYR B 407 5.73 13.00 5.37
CA TYR B 407 7.16 13.13 5.55
C TYR B 407 7.82 13.18 4.18
N PHE B 408 8.63 14.22 3.96
CA PHE B 408 9.40 14.40 2.73
C PHE B 408 10.89 14.30 3.07
N ALA B 409 11.57 13.31 2.49
CA ALA B 409 12.99 13.14 2.72
C ALA B 409 13.79 14.19 1.95
N TRP B 410 14.66 14.92 2.64
CA TRP B 410 15.70 15.73 1.99
C TRP B 410 16.94 14.86 1.90
N SER B 411 17.36 14.45 0.69
CA SER B 411 16.80 14.81 -0.61
C SER B 411 16.74 13.56 -1.48
N LEU B 412 15.96 13.64 -2.56
CA LEU B 412 15.96 12.55 -3.54
C LEU B 412 17.37 12.25 -4.01
N ILE B 413 18.11 13.30 -4.40
CA ILE B 413 19.42 13.18 -5.01
C ILE B 413 20.40 14.11 -4.31
N ASP B 414 21.66 13.70 -4.29
CA ASP B 414 22.75 14.61 -3.93
C ASP B 414 22.65 15.87 -4.77
N ASN B 415 23.04 17.00 -4.20
CA ASN B 415 22.85 18.26 -4.92
C ASN B 415 23.78 19.33 -4.36
N PHE B 416 23.61 20.55 -4.85
CA PHE B 416 24.44 21.69 -4.46
C PHE B 416 24.04 22.14 -3.05
N GLU B 417 24.88 21.82 -2.05
CA GLU B 417 24.55 22.14 -0.66
C GLU B 417 25.09 23.54 -0.30
N TRP B 418 24.60 24.52 -1.07
CA TRP B 418 24.78 25.94 -0.76
C TRP B 418 26.27 26.23 -0.54
N ALA B 419 26.66 26.88 0.54
CA ALA B 419 28.05 27.28 0.70
C ALA B 419 28.98 26.10 0.86
N TYR B 420 28.45 24.91 1.14
CA TYR B 420 29.27 23.70 1.18
C TYR B 420 29.53 23.11 -0.20
N GLY B 421 28.79 23.56 -1.23
CA GLY B 421 28.97 23.00 -2.55
C GLY B 421 28.54 21.55 -2.62
N TYR B 422 29.12 20.84 -3.59
CA TYR B 422 28.72 19.47 -3.87
C TYR B 422 29.35 18.45 -2.93
N ALA B 423 30.30 18.86 -2.11
CA ALA B 423 30.98 17.92 -1.22
C ALA B 423 30.05 17.32 -0.18
N LYS B 424 28.94 17.98 0.14
CA LYS B 424 28.02 17.49 1.15
C LYS B 424 26.80 16.88 0.48
N ARG B 425 26.63 15.58 0.66
CA ARG B 425 25.65 14.76 -0.07
C ARG B 425 24.50 14.37 0.85
N PHE B 426 23.30 14.86 0.54
CA PHE B 426 22.09 14.54 1.30
C PHE B 426 21.17 13.55 0.60
N GLY B 427 21.53 13.09 -0.61
CA GLY B 427 20.63 12.24 -1.35
C GLY B 427 20.47 10.86 -0.73
N ILE B 428 19.29 10.27 -0.92
CA ILE B 428 19.17 8.81 -0.85
C ILE B 428 19.54 8.17 -2.19
N ILE B 429 19.75 8.99 -3.21
CA ILE B 429 20.28 8.56 -4.50
C ILE B 429 21.55 9.36 -4.77
N TYR B 430 22.64 8.65 -5.03
CA TYR B 430 23.94 9.26 -5.29
C TYR B 430 23.97 9.84 -6.70
N VAL B 431 24.63 10.99 -6.86
CA VAL B 431 24.87 11.56 -8.18
C VAL B 431 26.36 11.62 -8.43
N ASP B 432 26.82 10.92 -9.46
CA ASP B 432 28.18 11.06 -9.97
C ASP B 432 28.19 12.28 -10.88
N TYR B 433 28.77 13.39 -10.42
CA TYR B 433 28.65 14.63 -11.18
C TYR B 433 29.47 14.61 -12.46
N GLN B 434 30.45 13.72 -12.58
CA GLN B 434 31.20 13.63 -13.83
C GLN B 434 30.33 13.09 -14.95
N THR B 435 29.42 12.16 -14.63
CA THR B 435 28.60 11.49 -15.62
C THR B 435 27.12 11.80 -15.48
N GLN B 436 26.72 12.43 -14.38
CA GLN B 436 25.33 12.64 -13.97
C GLN B 436 24.59 11.34 -13.70
N LYS B 437 25.31 10.22 -13.56
CA LYS B 437 24.66 8.97 -13.22
C LYS B 437 24.02 9.04 -11.84
N ARG B 438 22.80 8.50 -11.73
CA ARG B 438 22.11 8.33 -10.46
C ARG B 438 22.29 6.89 -9.98
N ILE B 439 22.70 6.73 -8.73
CA ILE B 439 22.91 5.41 -8.14
C ILE B 439 22.13 5.34 -6.83
N PRO B 440 21.06 4.58 -6.73
CA PRO B 440 20.36 4.48 -5.45
C PRO B 440 21.26 3.95 -4.36
N LYS B 441 21.23 4.61 -3.20
CA LYS B 441 22.01 4.20 -2.03
C LYS B 441 21.20 3.21 -1.21
N SER B 442 21.85 2.57 -0.24
CA SER B 442 21.13 1.69 0.67
C SER B 442 19.95 2.41 1.30
N SER B 443 20.10 3.71 1.60
CA SER B 443 19.01 4.46 2.20
C SER B 443 17.81 4.56 1.28
N ALA B 444 18.01 4.55 -0.03
CA ALA B 444 16.90 4.53 -0.97
C ALA B 444 16.11 3.24 -0.84
N TYR B 445 16.81 2.10 -0.78
CA TYR B 445 16.09 0.83 -0.64
C TYR B 445 15.37 0.76 0.70
N TYR B 446 15.98 1.31 1.75
CA TYR B 446 15.32 1.34 3.05
C TYR B 446 14.05 2.19 3.00
N TYR B 447 14.14 3.39 2.40
CA TYR B 447 12.98 4.27 2.31
C TYR B 447 11.87 3.64 1.48
N GLN B 448 12.25 3.03 0.35
CA GLN B 448 11.29 2.30 -0.47
C GLN B 448 10.54 1.24 0.35
N LYS B 449 11.27 0.48 1.16
CA LYS B 449 10.62 -0.53 1.99
C LYS B 449 9.68 0.10 3.00
N ARG B 450 10.12 1.18 3.66
CA ARG B 450 9.28 1.82 4.66
C ARG B 450 8.00 2.37 4.05
N ILE B 451 8.08 2.94 2.85
CA ILE B 451 6.89 3.47 2.21
C ILE B 451 5.88 2.37 1.96
N LYS B 452 6.36 1.21 1.52
CA LYS B 452 5.47 0.12 1.17
C LYS B 452 4.88 -0.56 2.40
N GLU B 453 5.70 -0.77 3.42
CA GLU B 453 5.37 -1.74 4.47
C GLU B 453 4.81 -1.10 5.73
N SER B 454 4.67 0.21 5.76
CA SER B 454 4.04 0.89 6.87
C SER B 454 2.52 0.90 6.73
N HIS C 15 -13.33 2.18 16.19
CA HIS C 15 -13.57 0.79 16.69
C HIS C 15 -12.31 -0.06 16.58
N MET C 16 -11.18 0.60 16.34
CA MET C 16 -9.86 -0.01 16.40
C MET C 16 -9.48 -0.81 15.15
N LYS C 17 -8.82 -0.15 14.20
CA LYS C 17 -8.15 -0.86 13.12
C LYS C 17 -7.21 -1.89 13.74
N LYS C 18 -7.29 -3.14 13.28
CA LYS C 18 -6.42 -4.18 13.80
C LYS C 18 -5.68 -4.91 12.67
N TRP C 19 -4.62 -5.62 13.08
CA TRP C 19 -3.82 -6.36 12.12
C TRP C 19 -4.67 -7.38 11.39
N GLY C 20 -4.47 -7.45 10.07
CA GLY C 20 -5.18 -8.39 9.24
C GLY C 20 -6.43 -7.83 8.58
N ASP C 21 -6.98 -6.73 9.09
CA ASP C 21 -8.15 -6.12 8.47
C ASP C 21 -7.79 -5.65 7.07
N MET C 22 -8.74 -5.79 6.14
CA MET C 22 -8.52 -5.42 4.76
C MET C 22 -9.55 -4.40 4.30
N PHE C 23 -9.21 -3.69 3.23
CA PHE C 23 -10.14 -2.75 2.61
C PHE C 23 -9.88 -2.73 1.12
N THR C 24 -10.97 -2.81 0.34
CA THR C 24 -10.92 -2.91 -1.11
C THR C 24 -11.31 -1.59 -1.74
N TRP C 25 -10.46 -1.09 -2.64
CA TRP C 25 -10.76 0.11 -3.42
C TRP C 25 -11.08 -0.28 -4.85
N GLY C 26 -12.19 0.23 -5.37
CA GLY C 26 -12.61 -0.11 -6.71
C GLY C 26 -13.20 1.07 -7.46
N VAL C 27 -13.54 0.79 -8.72
CA VAL C 27 -14.36 1.66 -9.55
C VAL C 27 -15.46 0.80 -10.14
N SER C 28 -16.56 1.45 -10.53
CA SER C 28 -17.75 0.77 -11.02
C SER C 28 -18.20 1.31 -12.37
N THR C 29 -18.71 0.40 -13.21
CA THR C 29 -19.37 0.73 -14.47
C THR C 29 -20.54 -0.23 -14.63
N SER C 30 -21.26 -0.08 -15.75
CA SER C 30 -22.20 -1.11 -16.16
C SER C 30 -22.15 -1.26 -17.68
N SER C 31 -22.65 -2.41 -18.15
CA SER C 31 -22.45 -2.83 -19.53
C SER C 31 -23.11 -1.88 -20.53
N TYR C 32 -24.42 -1.65 -20.40
CA TYR C 32 -25.08 -0.80 -21.39
C TYR C 32 -24.54 0.63 -21.32
N GLN C 33 -24.07 1.05 -20.17
CA GLN C 33 -23.65 2.43 -20.03
C GLN C 33 -22.31 2.71 -20.69
N ILE C 34 -21.45 1.71 -20.88
CA ILE C 34 -20.12 1.98 -21.43
C ILE C 34 -19.78 1.19 -22.70
N GLU C 35 -20.38 0.02 -22.91
CA GLU C 35 -19.81 -0.92 -23.88
C GLU C 35 -19.92 -0.44 -25.32
N GLY C 36 -21.08 0.07 -25.72
CA GLY C 36 -21.30 0.25 -27.15
C GLY C 36 -21.37 -1.10 -27.84
N ALA C 37 -20.97 -1.12 -29.11
CA ALA C 37 -21.05 -2.34 -29.93
C ALA C 37 -22.40 -3.00 -29.74
N ALA C 38 -23.46 -2.19 -29.76
CA ALA C 38 -24.77 -2.70 -29.35
C ALA C 38 -25.31 -3.71 -30.34
N ASN C 39 -24.97 -3.55 -31.62
CA ASN C 39 -25.40 -4.47 -32.68
CA ASN C 39 -25.41 -4.47 -32.67
C ASN C 39 -24.19 -5.12 -33.32
N GLN C 40 -23.17 -5.39 -32.52
CA GLN C 40 -21.96 -6.06 -32.96
C GLN C 40 -21.67 -7.25 -32.07
N GLY C 41 -20.81 -8.15 -32.56
CA GLY C 41 -20.37 -9.26 -31.76
C GLY C 41 -21.48 -10.20 -31.36
N GLY C 42 -22.56 -10.26 -32.14
CA GLY C 42 -23.67 -11.16 -31.87
C GLY C 42 -24.65 -10.70 -30.82
N ARG C 43 -24.46 -9.50 -30.25
CA ARG C 43 -25.32 -9.02 -29.17
C ARG C 43 -26.76 -8.86 -29.66
N GLY C 44 -27.72 -9.27 -28.83
CA GLY C 44 -29.11 -9.03 -29.09
C GLY C 44 -29.57 -7.78 -28.37
N PRO C 45 -30.72 -7.23 -28.78
CA PRO C 45 -31.18 -5.98 -28.18
C PRO C 45 -31.63 -6.17 -26.74
N SER C 46 -31.42 -5.12 -25.94
CA SER C 46 -31.97 -5.03 -24.59
C SER C 46 -33.16 -4.08 -24.59
N ILE C 47 -33.87 -4.07 -23.46
CA ILE C 47 -34.99 -3.15 -23.31
C ILE C 47 -34.53 -1.69 -23.39
N TRP C 48 -33.25 -1.41 -23.11
CA TRP C 48 -32.77 -0.04 -23.23
C TRP C 48 -32.46 0.35 -24.67
N ASP C 49 -32.07 -0.61 -25.51
CA ASP C 49 -31.98 -0.35 -26.94
C ASP C 49 -33.33 0.09 -27.48
N THR C 50 -34.39 -0.61 -27.08
CA THR C 50 -35.74 -0.29 -27.53
C THR C 50 -36.21 1.03 -26.94
N PHE C 51 -36.06 1.19 -25.63
CA PHE C 51 -36.55 2.39 -24.94
C PHE C 51 -35.87 3.64 -25.51
N SER C 52 -34.57 3.54 -25.79
CA SER C 52 -33.79 4.67 -26.32
C SER C 52 -34.20 5.06 -27.73
N LYS C 53 -34.92 4.22 -28.45
CA LYS C 53 -35.39 4.56 -29.78
C LYS C 53 -36.70 5.34 -29.76
N ILE C 54 -37.34 5.50 -28.60
CA ILE C 54 -38.61 6.19 -28.49
C ILE C 54 -38.32 7.67 -28.25
N PRO C 55 -38.72 8.58 -29.14
CA PRO C 55 -38.53 10.01 -28.86
C PRO C 55 -39.14 10.40 -27.53
N GLY C 56 -38.39 11.17 -26.75
CA GLY C 56 -38.83 11.64 -25.45
C GLY C 56 -38.43 10.77 -24.28
N ALA C 57 -37.94 9.55 -24.53
CA ALA C 57 -37.57 8.65 -23.44
C ALA C 57 -36.24 9.05 -22.83
N VAL C 58 -35.31 9.54 -23.64
CA VAL C 58 -33.95 9.87 -23.19
C VAL C 58 -33.61 11.28 -23.66
N ALA C 59 -32.98 12.03 -22.77
CA ALA C 59 -32.56 13.39 -23.09
C ALA C 59 -31.69 13.40 -24.35
N ASN C 60 -31.97 14.37 -25.23
CA ASN C 60 -31.21 14.61 -26.45
C ASN C 60 -31.29 13.45 -27.44
N GLY C 61 -32.20 12.50 -27.22
CA GLY C 61 -32.28 11.34 -28.09
C GLY C 61 -31.07 10.43 -28.01
N ASP C 62 -30.34 10.48 -26.90
CA ASP C 62 -29.15 9.67 -26.75
C ASP C 62 -29.50 8.19 -26.61
N ASN C 63 -28.54 7.34 -26.98
CA ASN C 63 -28.71 5.91 -26.80
C ASN C 63 -27.34 5.29 -26.54
N GLY C 64 -27.35 4.00 -26.24
CA GLY C 64 -26.13 3.28 -25.94
C GLY C 64 -25.51 2.52 -27.11
N ASP C 65 -25.82 2.93 -28.34
CA ASP C 65 -25.27 2.22 -29.50
C ASP C 65 -23.75 2.20 -29.47
N VAL C 66 -23.12 3.32 -29.12
CA VAL C 66 -21.68 3.46 -29.08
C VAL C 66 -21.16 3.70 -27.67
N ALA C 67 -21.82 4.57 -26.92
CA ALA C 67 -21.46 4.86 -25.51
C ALA C 67 -19.97 5.20 -25.47
N CYS C 68 -19.18 4.56 -24.61
CA CYS C 68 -17.74 4.79 -24.50
C CYS C 68 -16.94 3.83 -25.35
N ASP C 69 -17.61 3.02 -26.19
CA ASP C 69 -16.96 2.04 -27.06
C ASP C 69 -16.00 1.16 -26.26
N HIS C 70 -16.37 0.87 -25.01
CA HIS C 70 -15.52 0.04 -24.15
C HIS C 70 -15.40 -1.38 -24.66
N TYR C 71 -16.39 -1.86 -25.42
CA TYR C 71 -16.26 -3.17 -26.03
C TYR C 71 -14.98 -3.28 -26.86
N HIS C 72 -14.59 -2.19 -27.53
CA HIS C 72 -13.37 -2.18 -28.32
C HIS C 72 -12.19 -1.57 -27.59
N ARG C 73 -12.43 -0.73 -26.58
CA ARG C 73 -11.38 0.03 -25.91
C ARG C 73 -11.10 -0.48 -24.50
N TYR C 74 -11.50 -1.71 -24.18
CA TYR C 74 -11.39 -2.18 -22.80
C TYR C 74 -9.94 -2.23 -22.33
N ASN C 75 -8.97 -2.51 -23.22
CA ASN C 75 -7.59 -2.56 -22.78
C ASN C 75 -7.11 -1.20 -22.27
N GLU C 76 -7.49 -0.13 -22.97
CA GLU C 76 -7.17 1.21 -22.50
C GLU C 76 -7.81 1.48 -21.14
N ASP C 77 -9.08 1.08 -20.97
CA ASP C 77 -9.76 1.33 -19.71
C ASP C 77 -9.17 0.51 -18.58
N LEU C 78 -8.79 -0.74 -18.84
CA LEU C 78 -8.09 -1.54 -17.84
C LEU C 78 -6.75 -0.91 -17.47
N ASP C 79 -6.06 -0.35 -18.46
CA ASP C 79 -4.81 0.34 -18.15
C ASP C 79 -5.05 1.53 -17.23
N LEU C 80 -6.16 2.26 -17.45
CA LEU C 80 -6.47 3.39 -16.57
C LEU C 80 -6.78 2.92 -15.15
N MET C 81 -7.43 1.77 -15.02
CA MET C 81 -7.70 1.21 -13.69
C MET C 81 -6.40 0.85 -12.97
N LYS C 82 -5.48 0.19 -13.69
CA LYS C 82 -4.19 -0.13 -13.10
C LYS C 82 -3.45 1.14 -12.70
N TRP C 83 -3.53 2.18 -13.53
CA TRP C 83 -2.88 3.45 -13.23
C TRP C 83 -3.47 4.08 -11.98
N LEU C 84 -4.80 4.03 -11.82
CA LEU C 84 -5.44 4.53 -10.60
C LEU C 84 -4.99 3.76 -9.37
N GLY C 85 -4.69 2.48 -9.52
CA GLY C 85 -4.30 1.64 -8.41
C GLY C 85 -5.44 0.88 -7.74
N VAL C 86 -6.62 0.82 -8.36
CA VAL C 86 -7.72 0.10 -7.74
C VAL C 86 -7.36 -1.37 -7.62
N GLY C 87 -7.84 -2.00 -6.56
CA GLY C 87 -7.73 -3.42 -6.43
C GLY C 87 -8.88 -4.19 -7.05
N ALA C 88 -9.97 -3.52 -7.38
CA ALA C 88 -11.19 -4.18 -7.84
C ALA C 88 -11.89 -3.35 -8.90
N TYR C 89 -12.64 -4.04 -9.75
CA TYR C 89 -13.40 -3.43 -10.84
C TYR C 89 -14.80 -4.03 -10.81
N ARG C 90 -15.78 -3.22 -10.44
CA ARG C 90 -17.18 -3.64 -10.48
C ARG C 90 -17.74 -3.34 -11.87
N PHE C 91 -18.20 -4.39 -12.55
CA PHE C 91 -18.70 -4.29 -13.91
C PHE C 91 -19.93 -5.17 -14.01
N SER C 92 -20.72 -5.00 -15.06
CA SER C 92 -21.83 -5.88 -15.27
C SER C 92 -21.67 -6.63 -16.59
N ILE C 93 -22.21 -7.83 -16.59
CA ILE C 93 -22.30 -8.67 -17.77
C ILE C 93 -23.61 -8.31 -18.46
N ALA C 94 -23.55 -8.02 -19.76
CA ALA C 94 -24.75 -7.74 -20.56
C ALA C 94 -25.40 -9.07 -20.92
N TRP C 95 -26.45 -9.43 -20.20
CA TRP C 95 -27.24 -10.62 -20.51
C TRP C 95 -27.52 -10.77 -22.00
N PRO C 96 -27.96 -9.74 -22.73
CA PRO C 96 -28.23 -9.92 -24.16
C PRO C 96 -26.98 -10.03 -25.02
N ARG C 97 -25.80 -9.70 -24.51
CA ARG C 97 -24.59 -9.99 -25.26
C ARG C 97 -24.20 -11.46 -25.16
N VAL C 98 -24.43 -12.11 -24.01
CA VAL C 98 -23.97 -13.48 -23.82
C VAL C 98 -25.07 -14.50 -24.14
N ILE C 99 -26.33 -14.13 -23.93
CA ILE C 99 -27.46 -14.99 -24.30
C ILE C 99 -28.46 -14.08 -25.00
N PRO C 100 -28.30 -13.84 -26.30
CA PRO C 100 -29.11 -12.81 -26.97
C PRO C 100 -30.61 -13.06 -26.89
N SER C 101 -31.04 -14.30 -26.88
CA SER C 101 -32.45 -14.63 -26.75
C SER C 101 -32.90 -14.80 -25.30
N GLY C 102 -32.05 -14.43 -24.34
CA GLY C 102 -32.44 -14.49 -22.93
C GLY C 102 -32.26 -15.84 -22.28
N TYR C 103 -32.78 -16.87 -22.90
CA TYR C 103 -32.48 -18.25 -22.54
C TYR C 103 -32.14 -19.00 -23.82
N GLY C 104 -31.30 -20.02 -23.70
CA GLY C 104 -30.94 -20.76 -24.88
C GLY C 104 -29.46 -20.58 -25.18
N ALA C 105 -29.17 -20.32 -26.44
CA ALA C 105 -27.80 -20.41 -26.93
C ALA C 105 -26.91 -19.34 -26.33
N LEU C 106 -25.73 -19.75 -25.89
CA LEU C 106 -24.68 -18.81 -25.55
C LEU C 106 -24.10 -18.21 -26.82
N ASN C 107 -23.78 -16.93 -26.77
CA ASN C 107 -23.12 -16.24 -27.87
C ASN C 107 -21.61 -16.26 -27.59
N LYS C 108 -20.87 -17.08 -28.36
CA LYS C 108 -19.46 -17.29 -28.06
C LYS C 108 -18.65 -16.00 -28.12
N GLU C 109 -18.97 -15.13 -29.07
CA GLU C 109 -18.23 -13.88 -29.20
C GLU C 109 -18.42 -13.01 -27.96
N GLY C 110 -19.64 -13.01 -27.41
CA GLY C 110 -19.89 -12.26 -26.18
C GLY C 110 -19.16 -12.84 -24.99
N MET C 111 -19.23 -14.16 -24.83
CA MET C 111 -18.51 -14.81 -23.74
C MET C 111 -17.02 -14.58 -23.85
N ASP C 112 -16.49 -14.58 -25.08
CA ASP C 112 -15.07 -14.35 -25.29
CA ASP C 112 -15.07 -14.35 -25.29
C ASP C 112 -14.67 -12.94 -24.85
N PHE C 113 -15.54 -11.95 -25.09
CA PHE C 113 -15.25 -10.60 -24.65
C PHE C 113 -15.07 -10.54 -23.14
N TYR C 114 -16.00 -11.13 -22.39
CA TYR C 114 -15.87 -11.08 -20.94
C TYR C 114 -14.67 -11.90 -20.46
N ASP C 115 -14.36 -13.01 -21.13
CA ASP C 115 -13.13 -13.74 -20.83
C ASP C 115 -11.91 -12.83 -20.97
N ARG C 116 -11.84 -12.07 -22.07
CA ARG C 116 -10.69 -11.19 -22.32
C ARG C 116 -10.65 -10.06 -21.29
N LEU C 117 -11.80 -9.52 -20.94
CA LEU C 117 -11.89 -8.46 -19.93
C LEU C 117 -11.39 -8.97 -18.58
N ILE C 118 -11.93 -10.12 -18.14
CA ILE C 118 -11.56 -10.70 -16.87
C ILE C 118 -10.07 -11.02 -16.85
N ASP C 119 -9.59 -11.68 -17.90
CA ASP C 119 -8.19 -12.09 -17.91
C ASP C 119 -7.28 -10.87 -17.95
N GLY C 120 -7.70 -9.81 -18.65
CA GLY C 120 -6.91 -8.59 -18.69
C GLY C 120 -6.87 -7.90 -17.34
N ALA C 121 -7.99 -7.89 -16.62
CA ALA C 121 -7.99 -7.33 -15.27
C ALA C 121 -7.06 -8.11 -14.36
N LEU C 122 -7.17 -9.44 -14.36
CA LEU C 122 -6.34 -10.24 -13.47
C LEU C 122 -4.86 -10.10 -13.80
N GLU C 123 -4.53 -9.99 -15.09
CA GLU C 123 -3.13 -9.79 -15.47
C GLU C 123 -2.58 -8.51 -14.86
N ARG C 124 -3.44 -7.52 -14.67
CA ARG C 124 -3.08 -6.23 -14.10
C ARG C 124 -3.23 -6.18 -12.59
N GLY C 125 -3.59 -7.30 -11.95
CA GLY C 125 -3.74 -7.35 -10.51
C GLY C 125 -5.06 -6.86 -9.99
N ILE C 126 -6.07 -6.73 -10.86
CA ILE C 126 -7.37 -6.19 -10.52
C ILE C 126 -8.37 -7.33 -10.38
N THR C 127 -9.14 -7.33 -9.30
CA THR C 127 -10.19 -8.32 -9.08
C THR C 127 -11.50 -7.86 -9.71
N PRO C 128 -12.01 -8.55 -10.74
CA PRO C 128 -13.32 -8.18 -11.29
C PRO C 128 -14.43 -8.66 -10.38
N TRP C 129 -15.39 -7.76 -10.18
CA TRP C 129 -16.60 -7.99 -9.39
C TRP C 129 -17.80 -7.97 -10.33
N PRO C 130 -18.29 -9.11 -10.79
CA PRO C 130 -19.38 -9.12 -11.78
C PRO C 130 -20.74 -8.87 -11.15
N THR C 131 -21.50 -7.96 -11.75
CA THR C 131 -22.92 -7.80 -11.50
C THR C 131 -23.67 -8.47 -12.64
N LEU C 132 -24.57 -9.38 -12.31
CA LEU C 132 -25.26 -10.13 -13.36
C LEU C 132 -26.39 -9.34 -14.03
N TYR C 133 -27.10 -8.50 -13.29
CA TYR C 133 -28.20 -7.75 -13.89
C TYR C 133 -28.09 -6.27 -13.52
N HIS C 134 -27.70 -5.46 -14.50
CA HIS C 134 -27.68 -4.02 -14.33
C HIS C 134 -28.58 -3.39 -15.41
N TRP C 135 -29.80 -3.91 -15.52
CA TRP C 135 -30.98 -3.26 -16.10
C TRP C 135 -31.17 -3.56 -17.59
N ASP C 136 -30.21 -4.22 -18.24
CA ASP C 136 -30.29 -4.43 -19.70
C ASP C 136 -30.91 -5.79 -20.01
N LEU C 137 -32.17 -5.94 -19.58
CA LEU C 137 -32.92 -7.16 -19.86
C LEU C 137 -32.98 -7.41 -21.37
N PRO C 138 -32.74 -8.63 -21.84
CA PRO C 138 -32.93 -8.91 -23.27
C PRO C 138 -34.35 -8.58 -23.72
N GLN C 139 -34.47 -7.88 -24.84
CA GLN C 139 -35.79 -7.56 -25.37
C GLN C 139 -36.60 -8.82 -25.66
N SER C 140 -35.92 -9.91 -26.04
CA SER C 140 -36.61 -11.17 -26.28
C SER C 140 -37.39 -11.62 -25.06
N LEU C 141 -36.90 -11.31 -23.86
CA LEU C 141 -37.62 -11.69 -22.65
C LEU C 141 -38.68 -10.67 -22.27
N GLN C 142 -38.44 -9.38 -22.55
CA GLN C 142 -39.50 -8.39 -22.38
C GLN C 142 -40.70 -8.72 -23.26
N ASP C 143 -40.45 -9.22 -24.47
CA ASP C 143 -41.54 -9.60 -25.37
C ASP C 143 -42.39 -10.70 -24.77
N LYS C 144 -41.87 -11.43 -23.78
CA LYS C 144 -42.60 -12.48 -23.09
C LYS C 144 -43.12 -12.01 -21.73
N GLY C 145 -43.08 -10.70 -21.46
CA GLY C 145 -43.56 -10.15 -20.22
C GLY C 145 -42.48 -9.58 -19.32
N GLY C 146 -41.22 -9.87 -19.61
CA GLY C 146 -40.14 -9.35 -18.79
C GLY C 146 -40.34 -9.70 -17.33
N TRP C 147 -40.00 -8.76 -16.45
CA TRP C 147 -40.07 -9.03 -15.02
C TRP C 147 -41.49 -9.18 -14.52
N ASN C 148 -42.49 -8.83 -15.30
CA ASN C 148 -43.86 -9.12 -14.91
C ASN C 148 -44.14 -10.61 -14.93
N ASN C 149 -43.38 -11.36 -15.72
CA ASN C 149 -43.55 -12.80 -15.89
C ASN C 149 -42.70 -13.51 -14.84
N ARG C 150 -43.33 -14.34 -14.00
CA ARG C 150 -42.61 -15.07 -12.97
C ARG C 150 -41.45 -15.86 -13.57
N ASP C 151 -41.62 -16.39 -14.78
CA ASP C 151 -40.55 -17.18 -15.40
C ASP C 151 -39.25 -16.39 -15.52
N CYS C 152 -39.33 -15.05 -15.57
CA CYS C 152 -38.13 -14.25 -15.73
C CYS C 152 -37.17 -14.43 -14.57
N ALA C 153 -37.70 -14.69 -13.37
CA ALA C 153 -36.83 -15.00 -12.24
C ALA C 153 -36.00 -16.25 -12.51
N TYR C 154 -36.63 -17.27 -13.13
CA TYR C 154 -35.93 -18.52 -13.44
C TYR C 154 -35.01 -18.38 -14.65
N TRP C 155 -35.43 -17.62 -15.66
CA TRP C 155 -34.52 -17.31 -16.76
C TRP C 155 -33.26 -16.62 -16.25
N PHE C 156 -33.43 -15.68 -15.32
CA PHE C 156 -32.29 -14.98 -14.76
C PHE C 156 -31.38 -15.93 -13.99
N ALA C 157 -31.97 -16.85 -13.22
CA ALA C 157 -31.15 -17.78 -12.45
C ALA C 157 -30.38 -18.73 -13.36
N GLU C 158 -30.98 -19.16 -14.47
CA GLU C 158 -30.28 -20.02 -15.40
C GLU C 158 -29.13 -19.30 -16.08
N TYR C 159 -29.37 -18.05 -16.49
CA TYR C 159 -28.30 -17.20 -17.02
C TYR C 159 -27.18 -17.05 -16.00
N SER C 160 -27.54 -16.80 -14.75
CA SER C 160 -26.54 -16.62 -13.70
C SER C 160 -25.71 -17.88 -13.50
N GLN C 161 -26.37 -19.04 -13.51
CA GLN C 161 -25.64 -20.30 -13.37
C GLN C 161 -24.64 -20.47 -14.50
N LYS C 162 -25.04 -20.18 -15.74
CA LYS C 162 -24.13 -20.31 -16.87
C LYS C 162 -22.95 -19.35 -16.74
N MET C 163 -23.17 -18.13 -16.24
CA MET C 163 -22.05 -17.22 -16.07
C MET C 163 -21.09 -17.72 -15.00
N ALA C 164 -21.62 -18.25 -13.89
CA ALA C 164 -20.74 -18.80 -12.86
C ALA C 164 -19.99 -20.01 -13.40
N GLU C 165 -20.66 -20.86 -14.18
CA GLU C 165 -19.97 -22.02 -14.75
C GLU C 165 -18.81 -21.58 -15.65
N ALA C 166 -18.98 -20.47 -16.37
CA ALA C 166 -17.95 -20.02 -17.29
C ALA C 166 -16.81 -19.29 -16.58
N PHE C 167 -17.12 -18.48 -15.57
CA PHE C 167 -16.19 -17.48 -15.07
C PHE C 167 -15.78 -17.65 -13.61
N SER C 168 -16.47 -18.49 -12.83
CA SER C 168 -16.19 -18.53 -11.40
C SER C 168 -14.90 -19.29 -11.07
N ASP C 169 -14.25 -19.90 -12.06
CA ASP C 169 -12.89 -20.38 -11.80
C ASP C 169 -11.99 -19.22 -11.43
N ARG C 170 -12.27 -18.02 -11.95
CA ARG C 170 -11.53 -16.80 -11.66
C ARG C 170 -12.29 -15.84 -10.75
N LEU C 171 -13.60 -15.68 -10.96
CA LEU C 171 -14.39 -14.67 -10.26
C LEU C 171 -15.08 -15.30 -9.05
N LYS C 172 -14.71 -14.85 -7.86
CA LYS C 172 -15.20 -15.46 -6.63
C LYS C 172 -16.26 -14.62 -5.92
N ASN C 173 -16.40 -13.34 -6.25
CA ASN C 173 -17.34 -12.45 -5.57
C ASN C 173 -18.38 -11.95 -6.57
N TRP C 174 -19.61 -12.40 -6.39
CA TRP C 174 -20.69 -12.15 -7.34
C TRP C 174 -21.73 -11.22 -6.73
N ILE C 175 -22.36 -10.42 -7.61
CA ILE C 175 -23.56 -9.65 -7.27
C ILE C 175 -24.63 -10.05 -8.27
N THR C 176 -25.82 -10.33 -7.76
CA THR C 176 -26.93 -10.75 -8.63
C THR C 176 -27.52 -9.57 -9.39
N ILE C 177 -28.30 -8.73 -8.71
CA ILE C 177 -28.99 -7.62 -9.36
C ILE C 177 -28.57 -6.31 -8.72
N ASN C 178 -28.73 -5.25 -9.49
CA ASN C 178 -28.40 -3.89 -9.10
C ASN C 178 -29.66 -3.05 -9.02
N GLU C 179 -29.94 -2.49 -7.84
CA GLU C 179 -30.99 -1.48 -7.67
C GLU C 179 -32.35 -1.92 -8.21
N PRO C 180 -32.97 -2.95 -7.62
CA PRO C 180 -34.34 -3.29 -8.03
C PRO C 180 -35.34 -2.14 -7.85
N PHE C 181 -35.07 -1.18 -6.96
CA PHE C 181 -35.91 0.01 -6.90
C PHE C 181 -36.09 0.61 -8.30
N CYS C 182 -34.99 0.73 -9.04
CA CYS C 182 -35.06 1.37 -10.35
C CYS C 182 -35.74 0.46 -11.36
N SER C 183 -35.33 -0.81 -11.43
CA SER C 183 -35.93 -1.72 -12.40
C SER C 183 -37.42 -1.90 -12.16
N ALA C 184 -37.83 -2.02 -10.89
CA ALA C 184 -39.24 -2.23 -10.57
C ALA C 184 -40.04 -0.93 -10.66
N TRP C 185 -39.74 0.02 -9.77
CA TRP C 185 -40.59 1.21 -9.69
C TRP C 185 -40.35 2.18 -10.85
N LEU C 186 -39.10 2.51 -11.14
CA LEU C 186 -38.88 3.48 -12.21
C LEU C 186 -39.18 2.86 -13.57
N GLY C 187 -39.00 1.56 -13.71
CA GLY C 187 -39.22 0.89 -14.98
C GLY C 187 -40.64 0.44 -15.25
N HIS C 188 -41.42 0.19 -14.20
CA HIS C 188 -42.76 -0.36 -14.36
C HIS C 188 -43.88 0.42 -13.68
N LEU C 189 -43.58 1.34 -12.76
CA LEU C 189 -44.61 2.19 -12.16
C LEU C 189 -44.57 3.61 -12.70
N TYR C 190 -43.40 4.24 -12.71
CA TYR C 190 -43.27 5.60 -13.22
C TYR C 190 -42.91 5.65 -14.69
N GLY C 191 -42.41 4.55 -15.26
CA GLY C 191 -42.16 4.48 -16.69
C GLY C 191 -41.07 5.40 -17.19
N VAL C 192 -40.20 5.88 -16.31
CA VAL C 192 -39.11 6.77 -16.72
C VAL C 192 -37.84 6.02 -17.04
N MET C 193 -37.80 4.72 -16.77
CA MET C 193 -36.72 3.84 -17.22
CA MET C 193 -36.72 3.84 -17.22
C MET C 193 -37.33 2.68 -17.98
N ALA C 194 -36.50 2.01 -18.76
CA ALA C 194 -36.99 0.86 -19.53
C ALA C 194 -37.58 -0.18 -18.57
N PRO C 195 -38.67 -0.85 -18.96
CA PRO C 195 -39.36 -0.84 -20.26
C PRO C 195 -40.42 0.25 -20.44
N GLY C 196 -40.51 1.20 -19.51
CA GLY C 196 -41.41 2.33 -19.69
C GLY C 196 -42.85 2.08 -19.32
N ILE C 197 -43.10 1.11 -18.45
CA ILE C 197 -44.46 0.73 -18.06
C ILE C 197 -44.87 1.57 -16.86
N LYS C 198 -46.18 1.82 -16.74
CA LYS C 198 -46.72 2.71 -15.70
C LYS C 198 -47.94 2.03 -15.07
N ASP C 199 -47.69 1.12 -14.13
CA ASP C 199 -48.77 0.38 -13.51
C ASP C 199 -48.29 -0.18 -12.18
N LEU C 200 -49.01 0.14 -11.09
CA LEU C 200 -48.56 -0.26 -9.76
C LEU C 200 -48.48 -1.78 -9.62
N LYS C 201 -49.53 -2.49 -10.05
CA LYS C 201 -49.50 -3.94 -9.92
C LYS C 201 -48.33 -4.55 -10.68
N THR C 202 -48.04 -4.04 -11.88
CA THR C 202 -46.89 -4.54 -12.63
C THR C 202 -45.59 -4.24 -11.90
N GLY C 203 -45.49 -3.05 -11.30
CA GLY C 203 -44.31 -2.74 -10.51
C GLY C 203 -44.14 -3.67 -9.34
N ILE C 204 -45.24 -4.02 -8.67
CA ILE C 204 -45.19 -4.98 -7.56
C ILE C 204 -44.72 -6.35 -8.05
N ASN C 205 -45.34 -6.84 -9.13
CA ASN C 205 -44.92 -8.12 -9.70
C ASN C 205 -43.44 -8.10 -10.06
N ALA C 206 -43.00 -7.03 -10.73
CA ALA C 206 -41.60 -6.94 -11.14
C ALA C 206 -40.68 -6.96 -9.92
N SER C 207 -41.04 -6.22 -8.88
CA SER C 207 -40.20 -6.21 -7.68
C SER C 207 -40.07 -7.62 -7.11
N HIS C 208 -41.17 -8.38 -7.09
CA HIS C 208 -41.09 -9.72 -6.52
C HIS C 208 -40.23 -10.64 -7.39
N HIS C 209 -40.35 -10.53 -8.70
CA HIS C 209 -39.61 -11.45 -9.56
C HIS C 209 -38.15 -11.07 -9.68
N LEU C 210 -37.83 -9.78 -9.54
CA LEU C 210 -36.44 -9.37 -9.39
C LEU C 210 -35.82 -9.98 -8.14
N LEU C 211 -36.52 -9.87 -7.01
CA LEU C 211 -35.99 -10.38 -5.75
C LEU C 211 -35.95 -11.91 -5.76
N LEU C 212 -36.99 -12.55 -6.32
CA LEU C 212 -36.98 -13.99 -6.47
C LEU C 212 -35.83 -14.42 -7.38
N GLY C 213 -35.61 -13.68 -8.47
CA GLY C 213 -34.49 -13.97 -9.35
C GLY C 213 -33.16 -13.88 -8.61
N HIS C 214 -33.00 -12.84 -7.80
CA HIS C 214 -31.82 -12.74 -6.96
C HIS C 214 -31.63 -14.01 -6.13
N GLY C 215 -32.69 -14.46 -5.46
CA GLY C 215 -32.56 -15.60 -4.57
C GLY C 215 -32.28 -16.89 -5.31
N LEU C 216 -32.98 -17.12 -6.42
CA LEU C 216 -32.73 -18.31 -7.23
C LEU C 216 -31.32 -18.30 -7.81
N ALA C 217 -30.86 -17.13 -8.25
CA ALA C 217 -29.51 -17.02 -8.81
C ALA C 217 -28.46 -17.27 -7.73
N THR C 218 -28.66 -16.73 -6.53
CA THR C 218 -27.73 -16.98 -5.45
C THR C 218 -27.59 -18.47 -5.19
N LYS C 219 -28.71 -19.17 -5.09
CA LYS C 219 -28.65 -20.61 -4.86
C LYS C 219 -27.96 -21.32 -6.02
N ALA C 220 -28.24 -20.89 -7.26
CA ALA C 220 -27.63 -21.51 -8.43
C ALA C 220 -26.13 -21.30 -8.45
N ILE C 221 -25.67 -20.09 -8.10
CA ILE C 221 -24.24 -19.81 -8.06
C ILE C 221 -23.54 -20.67 -7.01
N ARG C 222 -24.15 -20.79 -5.83
CA ARG C 222 -23.53 -21.58 -4.77
CA ARG C 222 -23.54 -21.58 -4.77
C ARG C 222 -23.46 -23.04 -5.14
N GLU C 223 -24.38 -23.52 -5.98
CA GLU C 223 -24.32 -24.91 -6.44
C GLU C 223 -23.14 -25.14 -7.38
N VAL C 224 -22.67 -24.10 -8.07
CA VAL C 224 -21.51 -24.24 -8.93
C VAL C 224 -20.26 -24.51 -8.08
N SER C 225 -20.09 -23.74 -7.01
CA SER C 225 -18.95 -23.98 -6.12
C SER C 225 -19.23 -23.32 -4.77
N SER C 226 -18.92 -24.04 -3.70
CA SER C 226 -19.20 -23.59 -2.35
C SER C 226 -18.27 -22.47 -1.88
N GLU C 227 -17.18 -22.18 -2.58
CA GLU C 227 -16.31 -21.08 -2.17
CA GLU C 227 -16.32 -21.08 -2.17
C GLU C 227 -16.80 -19.73 -2.67
N LEU C 228 -17.77 -19.71 -3.59
CA LEU C 228 -18.18 -18.46 -4.19
C LEU C 228 -18.98 -17.63 -3.20
N LYS C 229 -18.79 -16.33 -3.26
CA LYS C 229 -19.53 -15.38 -2.44
C LYS C 229 -20.55 -14.66 -3.31
N VAL C 230 -21.69 -14.33 -2.71
CA VAL C 230 -22.79 -13.70 -3.43
C VAL C 230 -23.43 -12.63 -2.56
N GLY C 231 -23.77 -11.51 -3.20
CA GLY C 231 -24.57 -10.48 -2.57
C GLY C 231 -25.53 -9.88 -3.58
N ILE C 232 -26.27 -8.87 -3.10
CA ILE C 232 -27.17 -8.06 -3.91
C ILE C 232 -26.75 -6.62 -3.73
N THR C 233 -26.99 -5.79 -4.74
CA THR C 233 -26.77 -4.34 -4.62
C THR C 233 -28.12 -3.64 -4.50
N LEU C 234 -28.33 -2.97 -3.37
CA LEU C 234 -29.49 -2.14 -3.14
C LEU C 234 -29.05 -0.69 -2.98
N ASN C 235 -29.77 0.22 -3.64
CA ASN C 235 -29.64 1.63 -3.34
C ASN C 235 -30.63 2.00 -2.25
N PHE C 236 -30.16 2.80 -1.30
CA PHE C 236 -31.01 3.30 -0.23
CA PHE C 236 -30.99 3.30 -0.21
C PHE C 236 -31.02 4.82 -0.28
N THR C 237 -32.20 5.39 -0.15
CA THR C 237 -32.41 6.83 -0.18
C THR C 237 -33.03 7.22 1.15
N PRO C 238 -32.25 7.63 2.14
CA PRO C 238 -32.84 8.03 3.41
C PRO C 238 -33.82 9.16 3.22
N ALA C 239 -34.90 9.13 3.99
CA ALA C 239 -35.96 10.11 3.88
C ALA C 239 -36.00 11.01 5.13
N ILE C 240 -36.16 12.32 4.91
CA ILE C 240 -36.43 13.27 5.97
C ILE C 240 -37.62 14.14 5.56
N THR C 241 -38.13 14.90 6.53
CA THR C 241 -39.12 15.93 6.26
C THR C 241 -38.71 17.20 6.98
N LEU C 242 -39.07 18.34 6.39
CA LEU C 242 -38.90 19.64 7.02
C LEU C 242 -40.05 19.99 7.94
N GLY C 243 -41.16 19.25 7.87
CA GLY C 243 -42.31 19.56 8.68
C GLY C 243 -42.27 18.87 10.04
N GLU C 244 -43.15 19.33 10.92
CA GLU C 244 -43.25 18.77 12.26
C GLU C 244 -44.54 18.00 12.48
N SER C 245 -45.50 18.08 11.55
CA SER C 245 -46.78 17.44 11.73
C SER C 245 -46.63 15.92 11.76
N SER C 246 -47.61 15.27 12.40
CA SER C 246 -47.65 13.82 12.42
C SER C 246 -47.76 13.24 11.01
N GLU C 247 -48.48 13.93 10.11
CA GLU C 247 -48.62 13.43 8.75
C GLU C 247 -47.31 13.51 7.98
N ASP C 248 -46.49 14.52 8.24
CA ASP C 248 -45.19 14.58 7.58
C ASP C 248 -44.25 13.49 8.10
N LYS C 249 -44.36 13.13 9.38
CA LYS C 249 -43.59 12.01 9.89
C LYS C 249 -44.04 10.69 9.24
N LEU C 250 -45.34 10.56 9.01
CA LEU C 250 -45.84 9.41 8.26
C LEU C 250 -45.28 9.41 6.84
N ALA C 251 -45.19 10.59 6.21
CA ALA C 251 -44.62 10.66 4.87
C ALA C 251 -43.21 10.08 4.83
N VAL C 252 -42.40 10.38 5.85
CA VAL C 252 -41.05 9.82 5.93
C VAL C 252 -41.10 8.30 5.99
N GLU C 253 -42.00 7.76 6.81
CA GLU C 253 -42.12 6.31 6.94
C GLU C 253 -42.53 5.68 5.63
N LEU C 254 -43.46 6.30 4.91
CA LEU C 254 -43.92 5.77 3.63
C LEU C 254 -42.81 5.81 2.58
N ALA C 255 -42.09 6.92 2.49
CA ALA C 255 -41.02 7.03 1.51
C ALA C 255 -39.91 6.03 1.81
N ASP C 256 -39.56 5.89 3.09
CA ASP C 256 -38.57 4.89 3.48
C ASP C 256 -39.05 3.49 3.14
N GLY C 257 -40.34 3.23 3.32
CA GLY C 257 -40.86 1.91 2.97
C GLY C 257 -40.84 1.67 1.48
N PHE C 258 -41.23 2.68 0.70
CA PHE C 258 -41.30 2.53 -0.76
C PHE C 258 -39.91 2.35 -1.36
N ASP C 259 -38.95 3.16 -0.94
CA ASP C 259 -37.62 3.16 -1.55
C ASP C 259 -36.75 2.04 -0.99
N ASN C 260 -36.80 1.80 0.31
CA ASN C 260 -35.77 1.05 1.00
C ASN C 260 -36.28 -0.27 1.55
N ARG C 261 -37.27 -0.23 2.44
CA ARG C 261 -37.71 -1.44 3.13
C ARG C 261 -38.43 -2.40 2.19
N TRP C 262 -39.04 -1.90 1.10
CA TRP C 262 -39.72 -2.78 0.16
C TRP C 262 -38.76 -3.82 -0.40
N PHE C 263 -37.48 -3.49 -0.54
CA PHE C 263 -36.47 -4.38 -1.10
C PHE C 263 -35.57 -4.97 -0.02
N GLY C 264 -35.21 -4.20 0.99
CA GLY C 264 -34.37 -4.72 2.06
C GLY C 264 -35.09 -5.72 2.96
N ASP C 265 -36.36 -5.48 3.28
CA ASP C 265 -37.06 -6.37 4.20
C ASP C 265 -37.21 -7.79 3.62
N PRO C 266 -37.56 -7.94 2.34
CA PRO C 266 -37.62 -9.31 1.80
C PRO C 266 -36.28 -10.02 1.88
N VAL C 267 -35.19 -9.32 1.56
CA VAL C 267 -33.87 -9.95 1.51
C VAL C 267 -33.38 -10.31 2.90
N PHE C 268 -33.55 -9.41 3.87
CA PHE C 268 -32.96 -9.61 5.18
C PHE C 268 -33.94 -10.02 6.25
N LYS C 269 -35.25 -9.88 6.02
CA LYS C 269 -36.25 -10.24 6.99
C LYS C 269 -37.30 -11.20 6.45
N ALA C 270 -37.21 -11.57 5.16
CA ALA C 270 -38.08 -12.58 4.57
C ALA C 270 -39.55 -12.14 4.58
N LYS C 271 -39.80 -10.83 4.53
CA LYS C 271 -41.16 -10.33 4.45
C LYS C 271 -41.16 -8.98 3.76
N TYR C 272 -42.29 -8.66 3.13
CA TYR C 272 -42.47 -7.31 2.63
C TYR C 272 -42.98 -6.40 3.76
N PRO C 273 -42.61 -5.12 3.75
CA PRO C 273 -43.06 -4.23 4.83
C PRO C 273 -44.57 -4.10 4.86
N GLU C 274 -45.16 -4.49 5.99
CA GLU C 274 -46.61 -4.64 6.07
C GLU C 274 -47.33 -3.31 5.89
N ASP C 275 -46.73 -2.21 6.35
CA ASP C 275 -47.39 -0.91 6.20
C ASP C 275 -47.49 -0.50 4.74
N ILE C 276 -46.50 -0.85 3.91
CA ILE C 276 -46.57 -0.51 2.50
C ILE C 276 -47.49 -1.46 1.76
N VAL C 277 -47.44 -2.76 2.08
CA VAL C 277 -48.39 -3.71 1.50
C VAL C 277 -49.82 -3.21 1.72
N LYS C 278 -50.14 -2.81 2.95
CA LYS C 278 -51.49 -2.35 3.25
C LYS C 278 -51.81 -1.08 2.47
N ALA C 279 -50.87 -0.13 2.40
CA ALA C 279 -51.13 1.13 1.72
C ALA C 279 -51.33 0.92 0.23
N PHE C 280 -50.58 -0.01 -0.38
CA PHE C 280 -50.81 -0.35 -1.79
C PHE C 280 -52.18 -0.99 -1.98
N GLY C 281 -52.57 -1.86 -1.06
CA GLY C 281 -53.82 -2.56 -1.22
C GLY C 281 -53.84 -3.59 -2.32
N LYS C 282 -52.67 -4.08 -2.73
CA LYS C 282 -52.55 -5.04 -3.82
C LYS C 282 -51.86 -6.29 -3.29
N GLU C 283 -52.03 -7.40 -3.98
CA GLU C 283 -51.40 -8.65 -3.55
C GLU C 283 -50.06 -8.83 -4.26
N VAL C 284 -49.04 -9.17 -3.49
CA VAL C 284 -47.75 -9.58 -4.05
C VAL C 284 -47.88 -11.03 -4.50
N PRO C 285 -47.41 -11.39 -5.70
CA PRO C 285 -47.63 -12.76 -6.22
C PRO C 285 -46.67 -13.78 -5.61
N ILE C 286 -46.79 -13.97 -4.31
CA ILE C 286 -45.87 -14.82 -3.57
C ILE C 286 -46.36 -16.26 -3.67
N HIS C 287 -45.50 -17.15 -4.20
CA HIS C 287 -45.81 -18.57 -4.13
C HIS C 287 -45.18 -19.16 -2.88
N PRO C 288 -45.74 -20.24 -2.34
CA PRO C 288 -45.09 -20.90 -1.20
C PRO C 288 -43.63 -21.20 -1.52
N GLY C 289 -42.76 -20.87 -0.57
CA GLY C 289 -41.33 -21.04 -0.72
C GLY C 289 -40.58 -19.81 -1.19
N ASP C 290 -41.29 -18.82 -1.76
CA ASP C 290 -40.61 -17.68 -2.37
C ASP C 290 -39.81 -16.89 -1.33
N MET C 291 -40.39 -16.63 -0.16
CA MET C 291 -39.71 -15.73 0.76
C MET C 291 -38.45 -16.38 1.35
N GLU C 292 -38.45 -17.70 1.53
CA GLU C 292 -37.23 -18.40 1.93
C GLU C 292 -36.16 -18.25 0.87
N ILE C 293 -36.55 -18.29 -0.40
CA ILE C 293 -35.58 -18.14 -1.49
C ILE C 293 -35.04 -16.71 -1.52
N ILE C 294 -35.93 -15.71 -1.42
CA ILE C 294 -35.51 -14.32 -1.52
C ILE C 294 -34.55 -13.97 -0.40
N SER C 295 -34.76 -14.55 0.79
CA SER C 295 -33.99 -14.20 1.96
C SER C 295 -32.81 -15.14 2.19
N THR C 296 -32.37 -15.86 1.17
CA THR C 296 -31.27 -16.79 1.35
C THR C 296 -30.03 -16.01 1.84
N PRO C 297 -29.24 -16.59 2.75
CA PRO C 297 -28.13 -15.82 3.36
C PRO C 297 -27.14 -15.32 2.33
N LEU C 298 -26.65 -14.11 2.54
CA LEU C 298 -25.72 -13.46 1.63
C LEU C 298 -24.38 -13.23 2.32
N ASP C 299 -23.33 -13.24 1.52
CA ASP C 299 -21.99 -12.93 2.04
C ASP C 299 -21.81 -11.44 2.30
N TYR C 300 -22.51 -10.58 1.57
CA TYR C 300 -22.38 -9.14 1.77
C TYR C 300 -23.56 -8.45 1.15
N LEU C 301 -23.77 -7.22 1.59
CA LEU C 301 -24.66 -6.29 0.92
C LEU C 301 -23.80 -5.31 0.12
N GLY C 302 -24.14 -5.15 -1.16
CA GLY C 302 -23.64 -4.06 -1.96
C GLY C 302 -24.55 -2.87 -1.77
N LEU C 303 -24.02 -1.78 -1.22
CA LEU C 303 -24.84 -0.62 -0.92
C LEU C 303 -24.49 0.50 -1.89
N ASN C 304 -25.51 1.08 -2.51
CA ASN C 304 -25.38 2.27 -3.32
C ASN C 304 -25.99 3.43 -2.56
N TYR C 305 -25.25 4.53 -2.45
CA TYR C 305 -25.78 5.73 -1.83
C TYR C 305 -25.31 6.96 -2.59
N TYR C 306 -26.25 7.89 -2.83
CA TYR C 306 -25.94 9.17 -3.45
C TYR C 306 -26.53 10.36 -2.69
N PHE C 307 -27.77 10.25 -2.21
CA PHE C 307 -28.46 11.41 -1.65
C PHE C 307 -29.59 10.96 -0.74
N ARG C 308 -30.07 11.90 0.07
CA ARG C 308 -31.29 11.74 0.85
C ARG C 308 -32.43 12.48 0.16
N GLN C 309 -33.64 12.03 0.42
CA GLN C 309 -34.84 12.66 -0.10
C GLN C 309 -35.57 13.40 1.01
N THR C 310 -36.16 14.53 0.65
CA THR C 310 -37.00 15.31 1.56
C THR C 310 -38.43 15.21 1.06
N VAL C 311 -39.35 14.87 1.96
CA VAL C 311 -40.72 14.57 1.59
C VAL C 311 -41.68 15.32 2.51
N GLU C 312 -42.95 15.35 2.10
CA GLU C 312 -44.03 15.87 2.93
C GLU C 312 -45.29 15.12 2.54
N TYR C 313 -46.27 15.13 3.44
CA TYR C 313 -47.51 14.43 3.19
C TYR C 313 -48.29 15.11 2.06
N ASP C 314 -48.95 14.29 1.25
CA ASP C 314 -49.78 14.79 0.15
C ASP C 314 -50.90 13.78 -0.07
N ALA C 315 -52.10 14.09 0.44
CA ALA C 315 -53.21 13.16 0.34
C ALA C 315 -53.59 12.86 -1.10
N THR C 316 -53.22 13.70 -2.06
CA THR C 316 -53.59 13.48 -3.45
C THR C 316 -52.59 12.61 -4.19
N ALA C 317 -51.43 12.34 -3.61
CA ALA C 317 -50.36 11.65 -4.32
C ALA C 317 -50.63 10.15 -4.42
N LYS C 318 -50.08 9.55 -5.47
CA LYS C 318 -50.22 8.13 -5.76
C LYS C 318 -48.86 7.56 -6.14
N PRO C 319 -48.61 6.28 -5.83
CA PRO C 319 -49.48 5.31 -5.17
C PRO C 319 -49.57 5.53 -3.66
N LEU C 320 -48.67 6.34 -3.11
CA LEU C 320 -48.64 6.61 -1.69
C LEU C 320 -48.76 8.11 -1.43
N PRO C 321 -49.38 8.51 -0.31
CA PRO C 321 -49.75 9.93 -0.08
C PRO C 321 -48.59 10.77 0.43
N TYR C 322 -47.52 10.85 -0.35
CA TYR C 322 -46.44 11.78 -0.06
C TYR C 322 -45.86 12.27 -1.38
N LYS C 323 -45.16 13.39 -1.30
CA LYS C 323 -44.50 13.98 -2.45
C LYS C 323 -43.08 14.38 -2.07
N GLN C 324 -42.22 14.42 -3.09
CA GLN C 324 -40.89 14.97 -2.94
C GLN C 324 -40.95 16.48 -2.77
N VAL C 325 -40.05 16.99 -1.94
CA VAL C 325 -39.86 18.42 -1.72
C VAL C 325 -38.43 18.74 -2.13
N THR C 326 -38.23 19.89 -2.75
CA THR C 326 -36.88 20.40 -3.02
C THR C 326 -36.55 21.34 -1.87
N ALA C 327 -35.81 20.82 -0.88
CA ALA C 327 -35.51 21.61 0.30
C ALA C 327 -34.73 22.86 -0.12
N PRO C 328 -35.00 24.02 0.50
CA PRO C 328 -34.29 25.24 0.12
C PRO C 328 -32.89 25.31 0.72
N ASN C 329 -32.02 25.99 -0.01
CA ASN C 329 -30.72 26.42 0.52
C ASN C 329 -29.82 25.25 0.92
N VAL C 330 -29.79 24.21 0.09
CA VAL C 330 -28.84 23.11 0.33
C VAL C 330 -27.97 22.93 -0.92
N GLU C 331 -26.74 22.44 -0.68
CA GLU C 331 -25.83 22.13 -1.76
C GLU C 331 -26.40 21.02 -2.63
N ARG C 332 -26.30 21.17 -3.94
CA ARG C 332 -26.81 20.19 -4.88
C ARG C 332 -25.82 19.95 -5.99
N THR C 333 -25.82 18.72 -6.52
CA THR C 333 -24.98 18.35 -7.64
C THR C 333 -25.63 18.83 -8.95
N GLY C 334 -24.96 18.54 -10.07
CA GLY C 334 -25.52 18.82 -11.37
C GLY C 334 -26.79 18.04 -11.67
N MET C 335 -27.08 16.99 -10.91
CA MET C 335 -28.34 16.26 -11.02
C MET C 335 -29.46 16.95 -10.25
N GLY C 336 -29.16 17.98 -9.47
CA GLY C 336 -30.12 18.53 -8.54
C GLY C 336 -30.22 17.76 -7.24
N TRP C 337 -29.33 16.80 -7.01
CA TRP C 337 -29.38 15.94 -5.83
C TRP C 337 -28.69 16.62 -4.65
N GLU C 338 -29.33 16.60 -3.48
CA GLU C 338 -28.72 17.20 -2.31
C GLU C 338 -27.42 16.48 -1.95
N VAL C 339 -26.41 17.27 -1.56
CA VAL C 339 -25.16 16.76 -1.03
C VAL C 339 -25.26 16.81 0.50
N HIS C 340 -25.24 15.63 1.14
CA HIS C 340 -25.31 15.61 2.61
C HIS C 340 -24.62 14.35 3.10
N ALA C 341 -23.30 14.44 3.29
CA ALA C 341 -22.49 13.26 3.56
C ALA C 341 -22.82 12.64 4.93
N GLN C 342 -23.27 13.45 5.88
CA GLN C 342 -23.60 12.90 7.20
C GLN C 342 -24.68 11.82 7.08
N SER C 343 -25.58 11.96 6.11
CA SER C 343 -26.62 10.96 5.91
C SER C 343 -26.03 9.60 5.54
N PHE C 344 -24.88 9.61 4.87
CA PHE C 344 -24.21 8.37 4.50
C PHE C 344 -23.75 7.61 5.74
N THR C 345 -23.13 8.31 6.69
CA THR C 345 -22.72 7.68 7.93
C THR C 345 -23.91 7.07 8.64
N GLU C 346 -24.98 7.85 8.79
CA GLU C 346 -26.13 7.39 9.55
C GLU C 346 -26.84 6.23 8.86
N LEU C 347 -26.88 6.27 7.52
CA LEU C 347 -27.46 5.16 6.76
C LEU C 347 -26.69 3.88 6.99
N LEU C 348 -25.36 3.94 6.94
CA LEU C 348 -24.54 2.75 7.13
C LEU C 348 -24.78 2.16 8.52
N GLU C 349 -24.82 3.02 9.54
CA GLU C 349 -25.10 2.54 10.90
C GLU C 349 -26.49 1.92 10.97
N ARG C 350 -27.47 2.55 10.33
CA ARG C 350 -28.84 2.03 10.37
C ARG C 350 -28.95 0.68 9.66
N VAL C 351 -28.34 0.56 8.49
CA VAL C 351 -28.40 -0.70 7.75
C VAL C 351 -27.75 -1.82 8.54
N SER C 352 -26.60 -1.54 9.15
CA SER C 352 -25.91 -2.56 9.94
C SER C 352 -26.75 -3.00 11.13
N LYS C 353 -27.43 -2.06 11.79
CA LYS C 353 -28.21 -2.39 12.97
C LYS C 353 -29.48 -3.15 12.60
N GLU C 354 -30.17 -2.71 11.57
CA GLU C 354 -31.49 -3.25 11.27
C GLU C 354 -31.41 -4.52 10.42
N TYR C 355 -30.46 -4.59 9.48
CA TYR C 355 -30.37 -5.73 8.56
C TYR C 355 -29.18 -6.63 8.82
N LYS C 356 -28.16 -6.15 9.53
CA LYS C 356 -27.03 -6.97 9.97
C LYS C 356 -26.38 -7.79 8.84
N PRO C 357 -26.07 -7.17 7.71
CA PRO C 357 -25.28 -7.89 6.71
C PRO C 357 -23.90 -8.25 7.26
N LYS C 358 -23.40 -9.41 6.82
CA LYS C 358 -22.12 -9.88 7.31
C LYS C 358 -21.02 -8.85 7.06
N GLU C 359 -21.02 -8.26 5.87
CA GLU C 359 -20.20 -7.10 5.58
C GLU C 359 -20.90 -6.29 4.51
N ILE C 360 -20.42 -5.07 4.32
CA ILE C 360 -20.98 -4.12 3.36
C ILE C 360 -19.87 -3.68 2.44
N PHE C 361 -20.14 -3.68 1.14
CA PHE C 361 -19.30 -3.02 0.15
C PHE C 361 -20.10 -1.85 -0.41
N ILE C 362 -19.49 -0.67 -0.48
CA ILE C 362 -20.12 0.44 -1.17
C ILE C 362 -19.92 0.18 -2.66
N THR C 363 -20.94 -0.37 -3.34
CA THR C 363 -20.78 -0.70 -4.74
C THR C 363 -20.97 0.51 -5.65
N GLU C 364 -21.59 1.59 -5.15
CA GLU C 364 -21.66 2.86 -5.87
C GLU C 364 -21.80 4.03 -4.93
N ASN C 365 -21.03 5.08 -5.22
CA ASN C 365 -21.17 6.41 -4.65
C ASN C 365 -20.39 7.32 -5.58
N GLY C 366 -20.87 8.55 -5.77
CA GLY C 366 -20.23 9.47 -6.68
C GLY C 366 -21.15 10.64 -6.96
N SER C 367 -20.74 11.47 -7.93
CA SER C 367 -21.50 12.69 -8.20
C SER C 367 -21.24 13.18 -9.61
N ALA C 368 -22.22 13.90 -10.15
CA ALA C 368 -22.18 14.47 -11.49
C ALA C 368 -22.22 15.98 -11.42
N TRP C 369 -21.35 16.60 -12.21
CA TRP C 369 -21.20 18.05 -12.29
C TRP C 369 -20.92 18.40 -13.73
N ASP C 370 -21.19 19.65 -14.09
CA ASP C 370 -20.81 20.11 -15.41
C ASP C 370 -19.29 20.25 -15.46
N ASP C 371 -18.67 19.48 -16.33
CA ASP C 371 -17.22 19.49 -16.52
C ASP C 371 -16.86 20.32 -17.73
N GLU C 372 -15.68 20.94 -17.67
CA GLU C 372 -15.15 21.70 -18.81
C GLU C 372 -13.73 21.22 -19.08
N VAL C 373 -13.43 20.97 -20.36
CA VAL C 373 -12.07 20.67 -20.78
C VAL C 373 -11.36 21.97 -21.09
N VAL C 374 -10.27 22.23 -20.36
CA VAL C 374 -9.45 23.42 -20.57
C VAL C 374 -8.02 22.95 -20.71
N ASP C 375 -7.39 23.30 -21.85
CA ASP C 375 -6.00 22.90 -22.12
C ASP C 375 -5.82 21.39 -22.01
N GLY C 376 -6.81 20.63 -22.49
CA GLY C 376 -6.71 19.18 -22.49
C GLY C 376 -6.86 18.53 -21.15
N LYS C 377 -7.35 19.26 -20.15
CA LYS C 377 -7.45 18.77 -18.77
C LYS C 377 -8.83 19.09 -18.24
N VAL C 378 -9.22 18.40 -17.17
CA VAL C 378 -10.53 18.60 -16.55
C VAL C 378 -10.31 18.74 -15.05
N ASP C 379 -10.54 19.96 -14.55
CA ASP C 379 -10.41 20.27 -13.12
C ASP C 379 -11.82 20.32 -12.53
N ASP C 380 -12.15 19.37 -11.66
CA ASP C 380 -13.51 19.16 -11.18
C ASP C 380 -13.56 19.21 -9.65
N PRO C 381 -13.28 20.38 -9.07
CA PRO C 381 -13.19 20.47 -7.60
C PRO C 381 -14.46 20.09 -6.87
N ASN C 382 -15.64 20.29 -7.47
CA ASN C 382 -16.87 19.91 -6.78
C ASN C 382 -17.01 18.40 -6.67
N ARG C 383 -16.52 17.66 -7.67
CA ARG C 383 -16.55 16.20 -7.59
C ARG C 383 -15.53 15.71 -6.59
N VAL C 384 -14.36 16.35 -6.55
CA VAL C 384 -13.35 16.03 -5.52
C VAL C 384 -13.94 16.23 -4.14
N SER C 385 -14.59 17.37 -3.91
CA SER C 385 -15.13 17.68 -2.59
C SER C 385 -16.18 16.66 -2.16
N TYR C 386 -17.10 16.33 -3.06
CA TYR C 386 -18.11 15.31 -2.76
C TYR C 386 -17.43 13.99 -2.38
N LEU C 387 -16.43 13.59 -3.17
CA LEU C 387 -15.74 12.32 -2.93
C LEU C 387 -15.04 12.32 -1.57
N GLU C 388 -14.27 13.36 -1.28
CA GLU C 388 -13.59 13.48 0.00
C GLU C 388 -14.57 13.36 1.17
N ARG C 389 -15.67 14.12 1.10
CA ARG C 389 -16.58 14.14 2.23
C ARG C 389 -17.32 12.83 2.40
N HIS C 390 -17.64 12.12 1.30
CA HIS C 390 -18.35 10.87 1.44
C HIS C 390 -17.42 9.73 1.86
N LEU C 391 -16.15 9.77 1.46
CA LEU C 391 -15.19 8.82 2.01
C LEU C 391 -15.01 9.06 3.50
N ASP C 392 -14.87 10.32 3.92
CA ASP C 392 -14.80 10.62 5.35
C ASP C 392 -16.02 10.07 6.08
N ALA C 393 -17.22 10.27 5.51
CA ALA C 393 -18.44 9.82 6.17
C ALA C 393 -18.50 8.31 6.25
N MET C 394 -18.05 7.62 5.20
CA MET C 394 -18.01 6.16 5.23
CA MET C 394 -18.01 6.16 5.23
C MET C 394 -17.06 5.65 6.30
N PHE C 395 -15.87 6.25 6.39
CA PHE C 395 -14.92 5.79 7.39
C PHE C 395 -15.38 6.12 8.80
N ALA C 396 -16.16 7.20 8.96
CA ALA C 396 -16.75 7.47 10.28
C ALA C 396 -17.62 6.31 10.73
N ALA C 397 -18.40 5.73 9.80
CA ALA C 397 -19.20 4.57 10.15
C ALA C 397 -18.33 3.35 10.43
N LYS C 398 -17.28 3.15 9.63
CA LYS C 398 -16.40 2.00 9.88
C LYS C 398 -15.74 2.11 11.26
N ASN C 399 -15.34 3.33 11.65
CA ASN C 399 -14.74 3.52 12.96
C ASN C 399 -15.73 3.36 14.11
N LYS C 400 -17.02 3.36 13.81
CA LYS C 400 -18.04 3.01 14.81
C LYS C 400 -18.37 1.53 14.81
N GLY C 401 -17.71 0.73 13.96
CA GLY C 401 -17.89 -0.71 13.95
C GLY C 401 -18.68 -1.26 12.79
N VAL C 402 -19.15 -0.43 11.87
CA VAL C 402 -19.89 -0.96 10.72
C VAL C 402 -18.92 -1.70 9.82
N PRO C 403 -19.22 -2.95 9.41
CA PRO C 403 -18.22 -3.73 8.63
C PRO C 403 -18.20 -3.37 7.14
N ILE C 404 -17.73 -2.16 6.84
CA ILE C 404 -17.56 -1.72 5.46
C ILE C 404 -16.21 -2.22 4.97
N SER C 405 -16.22 -3.12 4.00
CA SER C 405 -15.01 -3.79 3.53
C SER C 405 -14.46 -3.22 2.23
N GLY C 406 -15.15 -2.29 1.59
CA GLY C 406 -14.61 -1.70 0.39
C GLY C 406 -15.52 -0.61 -0.13
N TYR C 407 -14.97 0.15 -1.08
CA TYR C 407 -15.64 1.29 -1.70
C TYR C 407 -15.33 1.29 -3.19
N PHE C 408 -16.39 1.35 -4.00
CA PHE C 408 -16.28 1.40 -5.45
C PHE C 408 -16.83 2.75 -5.92
N ALA C 409 -16.00 3.55 -6.58
CA ALA C 409 -16.44 4.84 -7.08
C ALA C 409 -17.28 4.65 -8.34
N TRP C 410 -18.46 5.24 -8.36
CA TRP C 410 -19.23 5.42 -9.59
C TRP C 410 -18.88 6.79 -10.14
N SER C 411 -18.20 6.87 -11.30
CA SER C 411 -17.80 5.79 -12.17
C SER C 411 -16.36 5.98 -12.65
N LEU C 412 -15.76 4.93 -13.16
CA LEU C 412 -14.44 5.05 -13.77
C LEU C 412 -14.44 6.12 -14.85
N ILE C 413 -15.42 6.08 -15.76
CA ILE C 413 -15.49 6.96 -16.91
C ILE C 413 -16.90 7.53 -17.00
N ASP C 414 -17.00 8.74 -17.54
CA ASP C 414 -18.29 9.29 -17.96
C ASP C 414 -18.98 8.28 -18.86
N ASN C 415 -20.30 8.25 -18.82
CA ASN C 415 -21.02 7.21 -19.56
C ASN C 415 -22.47 7.62 -19.78
N PHE C 416 -23.26 6.70 -20.34
CA PHE C 416 -24.67 6.91 -20.65
C PHE C 416 -25.48 6.89 -19.36
N GLU C 417 -25.91 8.07 -18.89
CA GLU C 417 -26.64 8.17 -17.62
C GLU C 417 -28.15 8.03 -17.88
N TRP C 418 -28.51 6.88 -18.45
CA TRP C 418 -29.88 6.41 -18.57
C TRP C 418 -30.74 7.50 -19.21
N ALA C 419 -31.86 7.90 -18.62
CA ALA C 419 -32.76 8.84 -19.29
C ALA C 419 -32.15 10.24 -19.40
N TYR C 420 -31.07 10.53 -18.66
CA TYR C 420 -30.34 11.78 -18.81
C TYR C 420 -29.37 11.76 -19.99
N GLY C 421 -29.07 10.60 -20.55
CA GLY C 421 -28.12 10.53 -21.64
C GLY C 421 -26.71 10.88 -21.19
N TYR C 422 -25.90 11.31 -22.15
CA TYR C 422 -24.49 11.58 -21.91
C TYR C 422 -24.24 12.92 -21.25
N ALA C 423 -25.27 13.78 -21.15
CA ALA C 423 -25.07 15.11 -20.58
C ALA C 423 -24.65 15.07 -19.11
N LYS C 424 -24.95 14.00 -18.39
CA LYS C 424 -24.63 13.91 -16.98
C LYS C 424 -23.42 13.00 -16.80
N ARG C 425 -22.32 13.59 -16.32
CA ARG C 425 -21.00 12.95 -16.29
C ARG C 425 -20.66 12.59 -14.85
N PHE C 426 -20.55 11.28 -14.56
CA PHE C 426 -20.18 10.77 -13.25
C PHE C 426 -18.73 10.29 -13.18
N GLY C 427 -17.98 10.34 -14.28
CA GLY C 427 -16.66 9.77 -14.27
C GLY C 427 -15.68 10.53 -13.40
N ILE C 428 -14.70 9.81 -12.86
CA ILE C 428 -13.46 10.45 -12.45
C ILE C 428 -12.50 10.57 -13.62
N ILE C 429 -12.85 9.97 -14.76
CA ILE C 429 -12.14 10.13 -16.02
C ILE C 429 -13.15 10.62 -17.06
N TYR C 430 -12.82 11.73 -17.72
CA TYR C 430 -13.67 12.35 -18.72
C TYR C 430 -13.59 11.57 -20.03
N VAL C 431 -14.72 11.47 -20.73
CA VAL C 431 -14.74 10.88 -22.07
C VAL C 431 -15.21 11.94 -23.06
N ASP C 432 -14.35 12.26 -24.02
CA ASP C 432 -14.74 13.07 -25.16
C ASP C 432 -15.39 12.14 -26.17
N TYR C 433 -16.71 12.25 -26.32
CA TYR C 433 -17.43 11.27 -27.14
C TYR C 433 -17.18 11.46 -28.63
N GLN C 434 -16.68 12.62 -29.06
CA GLN C 434 -16.36 12.78 -30.48
C GLN C 434 -15.15 11.95 -30.89
N THR C 435 -14.18 11.79 -29.99
CA THR C 435 -12.92 11.10 -30.25
C THR C 435 -12.73 9.85 -29.43
N GLN C 436 -13.55 9.63 -28.41
CA GLN C 436 -13.42 8.59 -27.38
C GLN C 436 -12.16 8.76 -26.53
N LYS C 437 -11.52 9.93 -26.57
CA LYS C 437 -10.38 10.18 -25.70
C LYS C 437 -10.79 10.14 -24.23
N ARG C 438 -9.96 9.50 -23.41
CA ARG C 438 -10.11 9.50 -21.95
C ARG C 438 -9.17 10.53 -21.36
N ILE C 439 -9.69 11.39 -20.48
CA ILE C 439 -8.90 12.42 -19.81
C ILE C 439 -9.11 12.29 -18.29
N PRO C 440 -8.14 11.83 -17.52
CA PRO C 440 -8.35 11.80 -16.06
C PRO C 440 -8.62 13.18 -15.52
N LYS C 441 -9.63 13.29 -14.66
CA LYS C 441 -10.00 14.54 -14.01
C LYS C 441 -9.22 14.68 -12.71
N SER C 442 -9.28 15.88 -12.13
CA SER C 442 -8.68 16.07 -10.81
C SER C 442 -9.16 15.01 -9.82
N SER C 443 -10.43 14.61 -9.92
CA SER C 443 -10.94 13.60 -9.00
C SER C 443 -10.23 12.25 -9.17
N ALA C 444 -9.76 11.92 -10.39
CA ALA C 444 -8.99 10.69 -10.57
C ALA C 444 -7.68 10.75 -9.80
N TYR C 445 -6.98 11.89 -9.87
CA TYR C 445 -5.73 12.04 -9.13
C TYR C 445 -5.99 12.01 -7.63
N TYR C 446 -7.09 12.62 -7.19
CA TYR C 446 -7.41 12.56 -5.76
C TYR C 446 -7.68 11.13 -5.32
N TYR C 447 -8.50 10.40 -6.10
CA TYR C 447 -8.83 9.04 -5.72
C TYR C 447 -7.58 8.14 -5.74
N GLN C 448 -6.73 8.32 -6.75
CA GLN C 448 -5.46 7.61 -6.79
C GLN C 448 -4.67 7.82 -5.51
N LYS C 449 -4.60 9.07 -5.04
CA LYS C 449 -3.90 9.36 -3.79
C LYS C 449 -4.56 8.68 -2.61
N ARG C 450 -5.89 8.72 -2.53
CA ARG C 450 -6.57 8.11 -1.39
C ARG C 450 -6.33 6.61 -1.35
N ILE C 451 -6.33 5.95 -2.51
CA ILE C 451 -6.10 4.51 -2.56
C ILE C 451 -4.72 4.18 -2.01
N LYS C 452 -3.72 4.98 -2.36
CA LYS C 452 -2.36 4.67 -1.94
C LYS C 452 -2.11 5.02 -0.49
N GLU C 453 -2.63 6.15 -0.02
CA GLU C 453 -2.16 6.74 1.22
C GLU C 453 -3.06 6.48 2.41
N SER C 454 -4.14 5.72 2.23
CA SER C 454 -4.98 5.33 3.34
C SER C 454 -4.44 4.06 4.02
#